data_3V21
#
_entry.id   3V21
#
_cell.length_a   106.880
_cell.length_b   115.311
_cell.length_c   130.243
_cell.angle_alpha   90.000
_cell.angle_beta   112.500
_cell.angle_gamma   90.000
#
_symmetry.space_group_name_H-M   'P 1 21 1'
#
loop_
_entity.id
_entity.type
_entity.pdbx_description
1 polymer 'Endonuclease Bse634IR'
2 polymer "DNA (5'-D(*TP*TP*CP*GP*AP*CP*CP*GP*GP*TP*CP*GP*A)-3')"
3 water water
#
loop_
_entity_poly.entity_id
_entity_poly.type
_entity_poly.pdbx_seq_one_letter_code
_entity_poly.pdbx_strand_id
1 'polypeptide(L)'
;MTTNLTNSNCVEEYKENGKTKIRIKPFNALIELYHHQTPTGSIKENLDKLENYVKDVVKAKGLAIPTSGAFSNTRGTWFE
VMIAIQSWNYRVKRELNDYLIIKMPNVKTFDFRKIFDNETREKLHQLEKSLLTHKQQVRLITSNPDLLIIRQKDLIKSEY
NLPINKLTHENIDVALTLFKDIEGKCKWDSLVAGVGLKTSLRPDRRLQLVHEGNILKSLFAHLKMAYWNPKAEFKYYGAS
SEPVSKADDDALQTAATHTIVNVNSTPERAVDDIFSLTSFEDIDKMLDQIIKK
;
A,B,C,D,E,F,G,H
2 'polydeoxyribonucleotide' (DT)(DT)(DC)(DG)(DA)(DC)(DC)(DG)(DG)(DT)(DC)(DG)(DA) I,J,K,L,M,N,O,P,R,S,V,X,Y,Z
#
# COMPACT_ATOMS: atom_id res chain seq x y z
N ASN A 4 17.73 74.56 -17.66
CA ASN A 4 18.63 73.40 -17.92
C ASN A 4 17.95 72.07 -17.57
N LEU A 5 16.83 72.12 -16.84
CA LEU A 5 16.14 70.88 -16.51
C LEU A 5 15.76 70.13 -17.78
N THR A 6 15.45 70.86 -18.85
CA THR A 6 15.10 70.22 -20.10
C THR A 6 16.27 69.43 -20.65
N ASN A 7 17.41 69.51 -19.96
CA ASN A 7 18.62 68.79 -20.38
C ASN A 7 18.90 67.56 -19.53
N SER A 8 18.11 67.39 -18.48
CA SER A 8 18.29 66.26 -17.59
C SER A 8 18.09 64.94 -18.29
N ASN A 9 18.59 63.88 -17.67
CA ASN A 9 18.44 62.56 -18.23
C ASN A 9 17.75 61.65 -17.24
N CYS A 10 17.29 62.20 -16.13
CA CYS A 10 16.64 61.37 -15.16
C CYS A 10 15.41 60.72 -15.76
N VAL A 11 14.94 61.26 -16.90
CA VAL A 11 13.79 60.70 -17.62
C VAL A 11 14.20 60.49 -19.06
N GLU A 12 13.77 59.37 -19.63
CA GLU A 12 14.10 59.00 -21.00
C GLU A 12 12.83 58.62 -21.74
N GLU A 13 12.66 59.12 -22.95
CA GLU A 13 11.49 58.82 -23.76
C GLU A 13 11.78 57.69 -24.75
N TYR A 14 10.78 56.90 -25.07
CA TYR A 14 10.97 55.80 -26.01
C TYR A 14 9.62 55.32 -26.51
N LYS A 15 9.61 54.67 -27.67
CA LYS A 15 8.37 54.13 -28.22
C LYS A 15 8.37 52.62 -28.02
N GLU A 16 7.17 52.08 -27.82
CA GLU A 16 6.99 50.65 -27.59
C GLU A 16 5.68 50.17 -28.20
N ASN A 17 5.76 49.65 -29.43
CA ASN A 17 4.57 49.18 -30.16
C ASN A 17 3.88 50.40 -30.74
N GLY A 18 4.69 51.37 -31.19
CA GLY A 18 4.15 52.60 -31.76
C GLY A 18 3.70 53.58 -30.69
N LYS A 19 3.78 53.14 -29.42
CA LYS A 19 3.36 53.94 -28.28
C LYS A 19 4.53 54.65 -27.62
N THR A 20 4.40 55.95 -27.41
CA THR A 20 5.45 56.74 -26.79
C THR A 20 5.29 56.67 -25.27
N LYS A 21 6.39 56.32 -24.61
CA LYS A 21 6.39 56.20 -23.16
C LYS A 21 7.60 56.89 -22.58
N ILE A 22 7.46 57.36 -21.36
CA ILE A 22 8.58 58.00 -20.69
C ILE A 22 9.08 57.06 -19.59
N ARG A 23 10.39 56.92 -19.47
CA ARG A 23 11.00 56.05 -18.49
C ARG A 23 11.90 56.82 -17.55
N ILE A 24 11.77 56.58 -16.25
CA ILE A 24 12.64 57.26 -15.30
C ILE A 24 13.95 56.49 -15.26
N LYS A 25 15.06 57.22 -15.16
CA LYS A 25 16.37 56.61 -15.10
C LYS A 25 16.85 57.00 -13.71
N PRO A 26 16.50 56.20 -12.70
CA PRO A 26 16.89 56.48 -11.33
C PRO A 26 18.34 56.85 -11.06
N PHE A 27 19.28 56.24 -11.78
CA PHE A 27 20.70 56.53 -11.57
C PHE A 27 21.11 57.92 -12.04
N ASN A 28 20.54 58.36 -13.16
CA ASN A 28 20.82 59.68 -13.69
C ASN A 28 20.35 60.75 -12.73
N ALA A 29 19.22 60.51 -12.09
CA ALA A 29 18.71 61.46 -11.13
C ALA A 29 19.70 61.52 -9.97
N LEU A 30 20.26 60.36 -9.61
CA LEU A 30 21.21 60.30 -8.51
C LEU A 30 22.48 61.06 -8.88
N ILE A 31 23.11 60.62 -9.96
CA ILE A 31 24.33 61.24 -10.45
C ILE A 31 24.12 62.74 -10.59
N GLU A 32 23.03 63.13 -11.26
CA GLU A 32 22.72 64.53 -11.49
C GLU A 32 22.53 65.40 -10.25
N LEU A 33 22.27 64.80 -9.10
CA LEU A 33 22.09 65.60 -7.89
C LEU A 33 23.22 65.42 -6.88
N TYR A 34 23.91 64.29 -6.93
CA TYR A 34 24.94 64.03 -5.94
C TYR A 34 26.37 63.79 -6.45
N HIS A 35 26.69 64.35 -7.62
CA HIS A 35 28.03 64.17 -8.17
C HIS A 35 29.12 65.02 -7.47
N HIS A 36 28.71 66.00 -6.65
CA HIS A 36 29.65 66.85 -5.93
C HIS A 36 29.96 66.40 -4.50
N GLN A 37 28.95 65.84 -3.84
CA GLN A 37 29.09 65.34 -2.48
C GLN A 37 28.04 64.22 -2.39
N THR A 38 28.28 63.20 -1.57
CA THR A 38 27.31 62.12 -1.42
C THR A 38 26.25 62.53 -0.41
N PRO A 39 24.97 62.19 -0.68
CA PRO A 39 23.85 62.53 0.20
C PRO A 39 24.04 62.15 1.66
N THR A 40 23.40 62.94 2.53
CA THR A 40 23.43 62.72 3.97
C THR A 40 22.25 63.46 4.57
N GLY A 41 21.97 63.17 5.82
CA GLY A 41 20.86 63.77 6.53
C GLY A 41 19.68 62.81 6.58
N SER A 42 18.47 63.35 6.41
CA SER A 42 17.26 62.55 6.42
C SER A 42 17.15 61.81 5.10
N ILE A 43 17.07 60.49 5.18
CA ILE A 43 16.96 59.67 4.00
C ILE A 43 15.66 59.99 3.26
N LYS A 44 14.58 60.15 4.02
CA LYS A 44 13.31 60.43 3.39
C LYS A 44 13.36 61.70 2.57
N GLU A 45 13.95 62.75 3.14
CA GLU A 45 14.04 63.99 2.40
C GLU A 45 14.78 63.76 1.08
N ASN A 46 15.88 63.00 1.12
CA ASN A 46 16.65 62.72 -0.09
C ASN A 46 15.82 61.99 -1.13
N LEU A 47 14.86 61.19 -0.68
CA LEU A 47 14.00 60.43 -1.57
C LEU A 47 12.95 61.33 -2.20
N ASP A 48 12.45 62.29 -1.44
CA ASP A 48 11.47 63.22 -1.96
C ASP A 48 12.21 64.22 -2.83
N LYS A 49 13.40 64.60 -2.40
CA LYS A 49 14.24 65.53 -3.16
C LYS A 49 14.45 64.94 -4.54
N LEU A 50 14.83 63.66 -4.59
CA LEU A 50 15.06 62.97 -5.85
C LEU A 50 13.77 62.83 -6.64
N GLU A 51 12.67 62.64 -5.94
CA GLU A 51 11.40 62.46 -6.61
C GLU A 51 10.87 63.75 -7.21
N ASN A 52 10.92 64.83 -6.44
CA ASN A 52 10.46 66.11 -6.91
C ASN A 52 11.36 66.55 -8.05
N TYR A 53 12.65 66.21 -7.95
CA TYR A 53 13.59 66.57 -8.99
C TYR A 53 13.12 65.93 -10.29
N VAL A 54 12.81 64.65 -10.24
CA VAL A 54 12.36 63.96 -11.43
C VAL A 54 11.07 64.60 -11.95
N LYS A 55 10.22 65.03 -11.02
CA LYS A 55 8.95 65.66 -11.36
C LYS A 55 9.13 67.04 -12.00
N ASP A 56 10.12 67.78 -11.52
CA ASP A 56 10.37 69.09 -12.07
C ASP A 56 11.04 68.91 -13.42
N VAL A 57 11.96 67.95 -13.52
CA VAL A 57 12.63 67.73 -14.80
C VAL A 57 11.60 67.36 -15.86
N VAL A 58 10.69 66.47 -15.52
CA VAL A 58 9.68 66.03 -16.46
C VAL A 58 8.72 67.16 -16.79
N LYS A 59 8.41 67.96 -15.76
CA LYS A 59 7.50 69.10 -15.92
C LYS A 59 8.12 70.08 -16.91
N ALA A 60 9.43 70.28 -16.77
CA ALA A 60 10.19 71.18 -17.62
C ALA A 60 10.34 70.63 -19.02
N LYS A 61 10.46 69.31 -19.14
CA LYS A 61 10.61 68.69 -20.46
C LYS A 61 9.26 68.63 -21.18
N GLY A 62 8.21 69.03 -20.48
CA GLY A 62 6.88 69.02 -21.06
C GLY A 62 6.31 67.61 -21.17
N LEU A 63 6.87 66.68 -20.39
CA LEU A 63 6.44 65.29 -20.37
C LEU A 63 5.46 65.06 -19.21
N ALA A 64 4.77 63.93 -19.20
CA ALA A 64 3.81 63.67 -18.14
C ALA A 64 4.42 62.97 -16.91
N ILE A 65 4.03 63.46 -15.73
CA ILE A 65 4.51 62.91 -14.46
C ILE A 65 4.38 61.39 -14.38
N PRO A 66 5.49 60.69 -14.11
CA PRO A 66 5.52 59.23 -14.02
C PRO A 66 4.48 58.66 -13.04
N THR A 67 4.01 57.47 -13.34
CA THR A 67 3.01 56.80 -12.50
C THR A 67 3.63 56.42 -11.17
N SER A 68 2.79 56.15 -10.17
CA SER A 68 3.30 55.72 -8.87
C SER A 68 4.15 54.49 -9.07
N GLY A 69 3.72 53.60 -9.95
CA GLY A 69 4.47 52.40 -10.22
C GLY A 69 5.91 52.70 -10.54
N ALA A 70 6.13 53.75 -11.33
CA ALA A 70 7.47 54.14 -11.69
C ALA A 70 8.21 54.65 -10.46
N PHE A 71 7.58 55.54 -9.71
CA PHE A 71 8.20 56.09 -8.50
C PHE A 71 8.44 55.07 -7.39
N SER A 72 7.56 54.08 -7.28
CA SER A 72 7.72 53.02 -6.27
C SER A 72 8.98 52.26 -6.62
N ASN A 73 9.08 51.89 -7.90
CA ASN A 73 10.24 51.18 -8.40
C ASN A 73 11.51 51.99 -8.16
N THR A 74 11.52 53.20 -8.71
CA THR A 74 12.63 54.11 -8.60
C THR A 74 13.05 54.35 -7.16
N ARG A 75 12.11 54.77 -6.31
CA ARG A 75 12.43 55.04 -4.91
C ARG A 75 13.12 53.82 -4.31
N GLY A 76 12.70 52.64 -4.77
CA GLY A 76 13.29 51.41 -4.28
C GLY A 76 14.76 51.40 -4.59
N THR A 77 15.10 51.67 -5.84
CA THR A 77 16.49 51.70 -6.27
C THR A 77 17.27 52.78 -5.51
N TRP A 78 16.76 54.00 -5.50
CA TRP A 78 17.45 55.07 -4.80
C TRP A 78 17.83 54.66 -3.39
N PHE A 79 16.86 54.17 -2.64
CA PHE A 79 17.08 53.72 -1.26
C PHE A 79 18.21 52.72 -1.20
N GLU A 80 18.19 51.74 -2.08
CA GLU A 80 19.20 50.70 -2.12
C GLU A 80 20.59 51.22 -2.39
N VAL A 81 20.72 52.07 -3.40
CA VAL A 81 22.03 52.63 -3.75
C VAL A 81 22.57 53.50 -2.63
N MET A 82 21.74 54.37 -2.07
CA MET A 82 22.21 55.22 -0.99
C MET A 82 22.75 54.36 0.12
N ILE A 83 22.06 53.28 0.41
CA ILE A 83 22.50 52.37 1.47
C ILE A 83 23.74 51.62 1.04
N ALA A 84 23.80 51.25 -0.24
CA ALA A 84 24.95 50.53 -0.74
C ALA A 84 26.22 51.39 -0.62
N ILE A 85 26.13 52.64 -1.04
CA ILE A 85 27.26 53.56 -0.97
C ILE A 85 27.65 53.82 0.49
N GLN A 86 26.67 54.18 1.29
CA GLN A 86 26.89 54.44 2.71
C GLN A 86 27.59 53.24 3.38
N SER A 87 27.24 52.04 2.94
CA SER A 87 27.83 50.82 3.49
C SER A 87 29.25 50.70 3.00
N TRP A 88 29.48 51.06 1.74
CA TRP A 88 30.82 51.00 1.17
C TRP A 88 31.77 51.83 2.04
N ASN A 89 31.36 53.08 2.32
CA ASN A 89 32.15 53.99 3.12
C ASN A 89 32.19 53.58 4.58
N TYR A 90 31.09 53.03 5.06
CA TYR A 90 31.03 52.58 6.46
C TYR A 90 32.21 51.70 6.87
N ARG A 91 32.48 50.66 6.09
CA ARG A 91 33.58 49.76 6.42
C ARG A 91 34.92 50.44 6.24
N VAL A 92 34.96 51.50 5.45
CA VAL A 92 36.22 52.21 5.24
C VAL A 92 36.57 52.99 6.50
N LYS A 93 35.67 53.85 6.94
CA LYS A 93 35.91 54.68 8.12
C LYS A 93 35.89 53.88 9.42
N ARG A 94 35.31 52.68 9.37
CA ARG A 94 35.22 51.82 10.53
C ARG A 94 36.42 50.85 10.46
N GLU A 95 37.15 50.90 9.35
CA GLU A 95 38.33 50.05 9.15
C GLU A 95 38.11 48.56 9.32
N LEU A 96 37.05 48.03 8.72
CA LEU A 96 36.76 46.59 8.81
C LEU A 96 37.36 45.93 7.58
N ASN A 97 38.67 45.71 7.64
CA ASN A 97 39.41 45.13 6.52
C ASN A 97 39.22 43.66 6.17
N ASP A 98 38.17 43.04 6.70
CA ASP A 98 37.89 41.63 6.42
C ASP A 98 36.38 41.47 6.23
N TYR A 99 35.70 42.59 6.02
CA TYR A 99 34.26 42.62 5.82
C TYR A 99 33.85 43.26 4.51
N LEU A 100 32.77 42.75 3.93
CA LEU A 100 32.21 43.29 2.70
C LEU A 100 30.71 43.39 2.87
N ILE A 101 30.15 44.53 2.47
CA ILE A 101 28.71 44.78 2.54
C ILE A 101 28.35 45.00 1.08
N ILE A 102 27.75 43.99 0.50
CA ILE A 102 27.41 43.98 -0.92
C ILE A 102 25.93 44.17 -1.28
N LYS A 103 25.68 45.08 -2.22
CA LYS A 103 24.33 45.33 -2.70
C LYS A 103 24.17 44.29 -3.80
N MET A 104 23.24 43.36 -3.60
CA MET A 104 23.00 42.27 -4.54
C MET A 104 22.04 42.58 -5.68
N PRO A 105 22.22 41.91 -6.83
CA PRO A 105 21.38 42.07 -8.01
C PRO A 105 20.24 41.03 -7.86
N ASN A 106 19.31 40.97 -8.81
CA ASN A 106 18.24 40.00 -8.69
C ASN A 106 18.81 38.58 -8.81
N VAL A 107 18.05 37.61 -8.31
CA VAL A 107 18.46 36.21 -8.30
C VAL A 107 18.77 35.62 -9.68
N LYS A 108 18.24 36.21 -10.74
CA LYS A 108 18.52 35.70 -12.09
C LYS A 108 19.85 36.27 -12.56
N THR A 109 20.00 37.58 -12.45
CA THR A 109 21.25 38.19 -12.84
C THR A 109 22.38 37.44 -12.17
N PHE A 110 22.29 37.22 -10.87
CA PHE A 110 23.33 36.53 -10.12
C PHE A 110 22.75 35.85 -8.88
N ASP A 111 22.41 34.57 -8.99
CA ASP A 111 21.87 33.85 -7.86
C ASP A 111 22.88 33.93 -6.74
N PHE A 112 22.49 34.48 -5.60
CA PHE A 112 23.43 34.64 -4.49
C PHE A 112 24.18 33.36 -4.11
N ARG A 113 23.65 32.21 -4.48
CA ARG A 113 24.33 30.95 -4.14
C ARG A 113 25.67 30.87 -4.83
N LYS A 114 25.84 31.71 -5.86
CA LYS A 114 27.07 31.73 -6.64
C LYS A 114 28.27 32.28 -5.89
N ILE A 115 28.02 33.00 -4.81
CA ILE A 115 29.12 33.57 -4.03
C ILE A 115 29.95 32.48 -3.36
N PHE A 116 29.40 31.28 -3.25
CA PHE A 116 30.09 30.20 -2.56
C PHE A 116 31.13 29.43 -3.33
N ASP A 117 32.14 28.95 -2.60
CA ASP A 117 33.23 28.17 -3.17
C ASP A 117 32.58 26.91 -3.73
N ASN A 118 33.32 26.12 -4.50
CA ASN A 118 32.69 24.96 -5.07
C ASN A 118 32.28 23.88 -4.08
N GLU A 119 33.02 23.67 -3.00
CA GLU A 119 32.60 22.66 -2.05
C GLU A 119 31.23 22.98 -1.47
N THR A 120 31.03 24.24 -1.09
CA THR A 120 29.76 24.68 -0.53
C THR A 120 28.65 24.56 -1.59
N ARG A 121 28.98 24.91 -2.84
CA ARG A 121 28.01 24.84 -3.96
C ARG A 121 27.54 23.42 -4.19
N GLU A 122 28.42 22.47 -3.90
CA GLU A 122 28.14 21.04 -4.07
C GLU A 122 27.13 20.59 -3.02
N LYS A 123 27.33 20.99 -1.76
CA LYS A 123 26.40 20.63 -0.71
C LYS A 123 24.98 21.14 -1.06
N LEU A 124 24.90 22.39 -1.51
CA LEU A 124 23.61 22.98 -1.86
C LEU A 124 22.97 22.23 -2.99
N HIS A 125 23.79 21.77 -3.93
CA HIS A 125 23.26 21.02 -5.06
C HIS A 125 22.69 19.70 -4.54
N GLN A 126 23.43 19.08 -3.65
CA GLN A 126 23.04 17.82 -2.99
C GLN A 126 21.59 17.98 -2.55
N LEU A 127 21.39 18.97 -1.67
CA LEU A 127 20.08 19.29 -1.12
C LEU A 127 19.01 19.57 -2.16
N GLU A 128 19.36 20.36 -3.17
CA GLU A 128 18.43 20.70 -4.26
C GLU A 128 17.93 19.47 -5.01
N LYS A 129 18.86 18.80 -5.68
CA LYS A 129 18.53 17.59 -6.41
C LYS A 129 17.70 16.69 -5.52
N SER A 130 18.01 16.68 -4.22
CA SER A 130 17.29 15.81 -3.31
C SER A 130 15.83 16.23 -3.18
N LEU A 131 15.60 17.50 -2.89
CA LEU A 131 14.25 18.02 -2.73
C LEU A 131 13.41 17.86 -3.99
N LEU A 132 14.04 17.84 -5.16
CA LEU A 132 13.32 17.68 -6.43
C LEU A 132 13.04 16.21 -6.73
N THR A 133 13.74 15.34 -6.03
CA THR A 133 13.61 13.90 -6.20
C THR A 133 12.48 13.35 -5.33
N HIS A 134 11.28 13.86 -5.56
CA HIS A 134 10.08 13.42 -4.83
C HIS A 134 8.82 13.56 -5.69
N LYS A 135 7.74 12.93 -5.23
CA LYS A 135 6.43 12.98 -5.89
C LYS A 135 6.05 14.43 -6.00
N GLN A 136 6.00 15.08 -4.84
CA GLN A 136 5.70 16.50 -4.73
C GLN A 136 7.08 17.15 -4.74
N GLN A 137 7.51 17.66 -5.90
CA GLN A 137 8.81 18.31 -6.00
C GLN A 137 8.83 19.56 -5.13
N VAL A 138 9.92 19.72 -4.39
CA VAL A 138 10.07 20.84 -3.50
C VAL A 138 11.33 21.64 -3.81
N ARG A 139 11.28 22.95 -3.57
CA ARG A 139 12.42 23.83 -3.81
C ARG A 139 12.63 24.74 -2.61
N LEU A 140 13.66 25.57 -2.67
CA LEU A 140 13.97 26.55 -1.62
C LEU A 140 14.27 27.85 -2.34
N ILE A 141 13.22 28.54 -2.76
CA ILE A 141 13.39 29.78 -3.49
C ILE A 141 13.04 31.05 -2.74
N THR A 142 13.88 32.06 -2.94
CA THR A 142 13.72 33.37 -2.36
C THR A 142 14.54 34.34 -3.20
N SER A 143 14.07 35.58 -3.26
CA SER A 143 14.75 36.62 -4.00
C SER A 143 16.09 36.88 -3.32
N ASN A 144 17.10 37.29 -4.06
CA ASN A 144 18.39 37.58 -3.46
C ASN A 144 18.20 38.58 -2.32
N PRO A 145 18.98 38.45 -1.22
CA PRO A 145 18.79 39.45 -0.15
C PRO A 145 19.32 40.77 -0.69
N ASP A 146 18.69 41.89 -0.35
CA ASP A 146 19.14 43.17 -0.86
C ASP A 146 20.61 43.43 -0.56
N LEU A 147 21.02 43.11 0.66
CA LEU A 147 22.39 43.35 1.09
C LEU A 147 22.99 42.11 1.72
N LEU A 148 24.23 41.81 1.37
CA LEU A 148 24.91 40.67 1.95
C LEU A 148 26.13 41.18 2.68
N ILE A 149 26.38 40.61 3.85
CA ILE A 149 27.54 40.99 4.62
C ILE A 149 28.44 39.76 4.77
N ILE A 150 29.59 39.83 4.12
CA ILE A 150 30.56 38.74 4.14
C ILE A 150 31.78 39.08 4.99
N ARG A 151 32.33 38.07 5.68
CA ARG A 151 33.51 38.27 6.48
C ARG A 151 34.56 37.24 6.09
N GLN A 152 35.41 37.63 5.15
CA GLN A 152 36.48 36.77 4.66
C GLN A 152 37.61 37.68 4.17
N LYS A 153 38.69 37.75 4.97
CA LYS A 153 39.84 38.59 4.68
C LYS A 153 40.40 38.56 3.26
N ASP A 154 40.64 37.36 2.74
CA ASP A 154 41.20 37.22 1.39
C ASP A 154 40.33 37.71 0.22
N LEU A 155 39.20 38.33 0.52
CA LEU A 155 38.32 38.82 -0.53
C LEU A 155 38.41 40.33 -0.69
N ILE A 156 39.02 40.99 0.29
CA ILE A 156 39.15 42.44 0.25
C ILE A 156 40.32 42.89 -0.64
N LYS A 157 39.98 43.70 -1.64
CA LYS A 157 40.94 44.26 -2.58
C LYS A 157 41.17 45.69 -2.15
N SER A 158 42.42 46.15 -2.20
CA SER A 158 42.77 47.51 -1.79
C SER A 158 41.87 48.62 -2.37
N GLU A 159 41.37 48.39 -3.57
CA GLU A 159 40.51 49.36 -4.24
C GLU A 159 39.20 49.59 -3.47
N TYR A 160 38.77 48.61 -2.68
CA TYR A 160 37.53 48.72 -1.88
C TYR A 160 37.71 49.74 -0.77
N ASN A 161 38.95 50.11 -0.49
CA ASN A 161 39.22 51.06 0.57
C ASN A 161 39.16 52.50 0.15
N LEU A 162 38.86 52.73 -1.13
CA LEU A 162 38.75 54.09 -1.65
C LEU A 162 37.29 54.53 -1.52
N PRO A 163 37.00 55.38 -0.52
CA PRO A 163 35.64 55.86 -0.29
C PRO A 163 35.01 56.55 -1.50
N ILE A 164 33.69 56.43 -1.61
CA ILE A 164 32.95 57.04 -2.70
C ILE A 164 32.40 58.34 -2.17
N ASN A 165 33.00 59.45 -2.62
CA ASN A 165 32.59 60.77 -2.16
C ASN A 165 31.72 61.58 -3.11
N LYS A 166 31.18 60.93 -4.12
CA LYS A 166 30.31 61.59 -5.07
C LYS A 166 29.67 60.49 -5.90
N LEU A 167 28.45 60.70 -6.34
CA LEU A 167 27.80 59.69 -7.13
C LEU A 167 28.06 59.90 -8.60
N THR A 168 28.75 58.95 -9.20
CA THR A 168 29.08 59.00 -10.62
C THR A 168 28.84 57.63 -11.23
N HIS A 169 28.59 57.62 -12.55
CA HIS A 169 28.35 56.37 -13.27
C HIS A 169 29.36 55.35 -12.80
N GLU A 170 30.60 55.79 -12.78
CA GLU A 170 31.72 54.97 -12.37
C GLU A 170 31.60 54.49 -10.94
N ASN A 171 31.39 55.43 -10.01
CA ASN A 171 31.27 55.07 -8.60
C ASN A 171 30.09 54.15 -8.26
N ILE A 172 28.93 54.44 -8.85
CA ILE A 172 27.75 53.63 -8.64
C ILE A 172 28.02 52.23 -9.17
N ASP A 173 28.61 52.15 -10.36
CA ASP A 173 28.93 50.87 -10.99
C ASP A 173 29.87 50.00 -10.19
N VAL A 174 30.86 50.60 -9.56
CA VAL A 174 31.78 49.79 -8.79
C VAL A 174 31.05 49.22 -7.59
N ALA A 175 30.14 50.01 -7.01
CA ALA A 175 29.40 49.54 -5.84
C ALA A 175 28.45 48.42 -6.24
N LEU A 176 27.73 48.62 -7.34
CA LEU A 176 26.76 47.65 -7.83
C LEU A 176 27.31 46.42 -8.55
N THR A 177 28.62 46.36 -8.75
CA THR A 177 29.23 45.21 -9.41
C THR A 177 30.23 44.55 -8.48
N LEU A 178 30.29 45.05 -7.25
CA LEU A 178 31.18 44.52 -6.24
C LEU A 178 30.91 43.02 -6.08
N PHE A 179 29.66 42.64 -6.23
CA PHE A 179 29.24 41.24 -6.10
C PHE A 179 29.99 40.30 -7.05
N LYS A 180 30.30 40.79 -8.25
CA LYS A 180 31.00 39.97 -9.22
C LYS A 180 32.35 39.48 -8.70
N ASP A 181 33.07 40.36 -8.00
CA ASP A 181 34.39 40.00 -7.48
C ASP A 181 34.43 38.77 -6.60
N ILE A 182 33.42 38.60 -5.76
CA ILE A 182 33.41 37.47 -4.84
C ILE A 182 32.83 36.16 -5.34
N GLU A 183 32.32 36.17 -6.57
CA GLU A 183 31.71 34.96 -7.12
C GLU A 183 32.54 33.69 -6.97
N GLY A 184 31.93 32.67 -6.36
CA GLY A 184 32.59 31.39 -6.18
C GLY A 184 33.77 31.38 -5.24
N LYS A 185 33.90 32.41 -4.40
CA LYS A 185 35.05 32.49 -3.48
C LYS A 185 34.76 32.43 -2.00
N CYS A 186 33.50 32.62 -1.62
CA CYS A 186 33.14 32.62 -0.20
C CYS A 186 32.96 31.26 0.44
N LYS A 187 33.50 31.10 1.64
CA LYS A 187 33.35 29.87 2.39
C LYS A 187 31.97 30.03 3.00
N TRP A 188 31.20 28.95 3.05
CA TRP A 188 29.85 29.02 3.58
C TRP A 188 29.67 29.87 4.84
N ASP A 189 30.55 29.70 5.82
CA ASP A 189 30.39 30.45 7.05
C ASP A 189 30.97 31.85 6.99
N SER A 190 31.35 32.30 5.80
CA SER A 190 31.89 33.66 5.65
C SER A 190 30.71 34.60 5.53
N LEU A 191 29.56 34.03 5.19
CA LEU A 191 28.35 34.79 5.06
C LEU A 191 27.86 34.96 6.49
N VAL A 192 27.73 36.19 6.95
CA VAL A 192 27.29 36.40 8.32
C VAL A 192 25.89 37.02 8.49
N ALA A 193 25.44 37.79 7.50
CA ALA A 193 24.13 38.40 7.59
C ALA A 193 23.61 38.95 6.27
N GLY A 194 22.28 39.09 6.19
CA GLY A 194 21.63 39.62 5.02
C GLY A 194 20.73 40.74 5.50
N VAL A 195 20.39 41.67 4.62
CA VAL A 195 19.52 42.77 5.00
C VAL A 195 18.54 43.11 3.90
N GLY A 196 17.27 43.16 4.28
CA GLY A 196 16.24 43.48 3.31
C GLY A 196 15.95 44.96 3.49
N LEU A 197 16.00 45.70 2.39
CA LEU A 197 15.75 47.13 2.45
C LEU A 197 14.41 47.45 1.83
N LYS A 198 13.66 48.31 2.52
CA LYS A 198 12.32 48.74 2.07
C LYS A 198 12.07 50.19 2.49
N THR A 199 11.77 51.05 1.52
CA THR A 199 11.52 52.43 1.86
C THR A 199 10.34 52.50 2.82
N SER A 200 9.39 51.58 2.67
CA SER A 200 8.23 51.54 3.53
C SER A 200 7.74 50.11 3.72
N LEU A 201 6.94 49.90 4.76
CA LEU A 201 6.41 48.59 5.01
C LEU A 201 4.91 48.59 4.83
N ARG A 202 4.34 47.40 4.75
CA ARG A 202 2.90 47.19 4.63
C ARG A 202 2.65 45.87 5.31
N PRO A 203 1.44 45.67 5.86
CA PRO A 203 1.12 44.42 6.53
C PRO A 203 1.43 43.19 5.69
N ASP A 204 1.33 43.33 4.37
CA ASP A 204 1.62 42.19 3.52
C ASP A 204 3.08 42.14 3.08
N ARG A 205 3.60 43.25 2.58
CA ARG A 205 4.99 43.27 2.12
C ARG A 205 6.01 42.93 3.21
N ARG A 206 5.77 43.37 4.45
CA ARG A 206 6.72 43.09 5.50
C ARG A 206 6.92 41.59 5.71
N LEU A 207 5.94 40.80 5.31
CA LEU A 207 6.03 39.37 5.49
C LEU A 207 7.01 38.76 4.50
N GLN A 208 7.36 39.52 3.48
CA GLN A 208 8.30 39.04 2.49
C GLN A 208 9.68 38.96 3.17
N LEU A 209 9.90 39.83 4.14
CA LEU A 209 11.15 39.83 4.88
C LEU A 209 11.26 38.52 5.67
N VAL A 210 10.16 38.13 6.31
CA VAL A 210 10.12 36.90 7.11
C VAL A 210 10.39 35.70 6.22
N HIS A 211 9.79 35.71 5.04
CA HIS A 211 10.01 34.62 4.12
C HIS A 211 11.47 34.58 3.76
N GLU A 212 12.02 35.74 3.40
CA GLU A 212 13.40 35.87 2.98
C GLU A 212 14.38 35.36 4.05
N GLY A 213 14.17 35.78 5.30
CA GLY A 213 15.03 35.33 6.38
C GLY A 213 14.85 33.86 6.65
N ASN A 214 13.60 33.39 6.53
CA ASN A 214 13.31 31.99 6.76
C ASN A 214 14.00 31.08 5.75
N ILE A 215 13.83 31.32 4.47
CA ILE A 215 14.46 30.47 3.46
C ILE A 215 16.00 30.59 3.52
N LEU A 216 16.51 31.78 3.75
CA LEU A 216 17.96 31.95 3.83
C LEU A 216 18.48 31.18 5.03
N LYS A 217 17.85 31.34 6.18
CA LYS A 217 18.29 30.63 7.38
C LYS A 217 18.08 29.12 7.27
N SER A 218 17.16 28.71 6.42
CA SER A 218 16.89 27.29 6.22
C SER A 218 18.07 26.71 5.45
N LEU A 219 18.50 27.44 4.41
CA LEU A 219 19.65 27.01 3.61
C LEU A 219 20.88 26.94 4.50
N PHE A 220 21.16 28.02 5.23
CA PHE A 220 22.32 28.09 6.11
C PHE A 220 22.28 26.97 7.12
N ALA A 221 21.08 26.66 7.61
CA ALA A 221 20.92 25.61 8.59
C ALA A 221 21.40 24.29 7.99
N HIS A 222 21.15 24.11 6.71
CA HIS A 222 21.58 22.89 6.08
C HIS A 222 23.07 22.82 5.87
N LEU A 223 23.72 23.98 5.72
CA LEU A 223 25.16 23.99 5.54
C LEU A 223 25.78 23.66 6.88
N LYS A 224 25.20 24.20 7.95
CA LYS A 224 25.71 23.93 9.28
C LYS A 224 25.68 22.44 9.55
N MET A 225 24.64 21.76 9.10
CA MET A 225 24.58 20.32 9.33
C MET A 225 25.52 19.60 8.38
N ALA A 226 25.62 20.08 7.15
CA ALA A 226 26.53 19.48 6.19
C ALA A 226 27.95 19.46 6.76
N TYR A 227 28.37 20.59 7.32
CA TYR A 227 29.71 20.74 7.91
C TYR A 227 29.63 20.54 9.41
N TRP A 228 28.52 19.98 9.88
CA TRP A 228 28.29 19.73 11.30
C TRP A 228 29.00 20.74 12.17
N ASN A 229 28.67 22.01 11.98
CA ASN A 229 29.27 23.11 12.74
C ASN A 229 28.17 23.94 13.42
N PRO A 230 27.87 23.65 14.70
CA PRO A 230 26.83 24.38 15.44
C PRO A 230 27.11 25.83 15.80
N LYS A 231 28.35 26.28 15.64
CA LYS A 231 28.66 27.66 16.01
C LYS A 231 28.50 28.69 14.89
N ALA A 232 28.52 28.26 13.63
CA ALA A 232 28.32 29.21 12.54
C ALA A 232 26.92 29.79 12.71
N GLU A 233 26.77 31.08 12.44
CA GLU A 233 25.47 31.73 12.58
C GLU A 233 25.22 32.74 11.48
N PHE A 234 24.00 32.78 10.97
CA PHE A 234 23.60 33.72 9.94
C PHE A 234 22.40 34.49 10.48
N LYS A 235 22.44 35.81 10.36
CA LYS A 235 21.35 36.62 10.82
C LYS A 235 20.80 37.42 9.67
N TYR A 236 19.50 37.65 9.71
CA TYR A 236 18.85 38.41 8.66
C TYR A 236 18.17 39.61 9.32
N TYR A 237 18.30 40.77 8.68
CA TYR A 237 17.74 42.00 9.22
C TYR A 237 16.92 42.75 8.19
N GLY A 238 16.01 43.60 8.68
CA GLY A 238 15.20 44.40 7.81
C GLY A 238 15.45 45.87 8.11
N ALA A 239 15.38 46.71 7.09
CA ALA A 239 15.61 48.13 7.29
C ALA A 239 14.56 48.95 6.54
N SER A 240 13.91 49.86 7.27
CA SER A 240 12.89 50.73 6.70
C SER A 240 13.30 52.19 6.82
N SER A 241 12.95 53.01 5.83
CA SER A 241 13.30 54.42 5.86
C SER A 241 12.25 55.18 6.66
N GLU A 242 11.21 54.47 7.09
CA GLU A 242 10.12 55.07 7.85
C GLU A 242 9.94 54.43 9.23
N PRO A 243 9.11 55.04 10.08
CA PRO A 243 8.87 54.50 11.41
C PRO A 243 8.28 53.09 11.35
N VAL A 244 8.73 52.24 12.28
CA VAL A 244 8.26 50.87 12.34
C VAL A 244 7.25 50.74 13.48
N SER A 245 6.00 50.44 13.14
CA SER A 245 4.95 50.31 14.14
C SER A 245 5.11 49.06 14.98
N LYS A 246 4.28 48.97 16.01
CA LYS A 246 4.32 47.83 16.90
C LYS A 246 3.89 46.63 16.08
N ALA A 247 2.90 46.83 15.22
CA ALA A 247 2.40 45.76 14.39
C ALA A 247 3.52 45.24 13.50
N ASP A 248 4.28 46.16 12.90
CA ASP A 248 5.40 45.80 12.04
C ASP A 248 6.38 44.95 12.87
N ASP A 249 6.67 45.43 14.07
CA ASP A 249 7.57 44.75 14.99
C ASP A 249 7.18 43.32 15.32
N ASP A 250 5.95 43.14 15.76
CA ASP A 250 5.47 41.82 16.11
C ASP A 250 5.54 40.90 14.91
N ALA A 251 5.07 41.37 13.76
CA ALA A 251 5.09 40.56 12.55
C ALA A 251 6.51 40.08 12.27
N LEU A 252 7.48 40.98 12.41
CA LEU A 252 8.87 40.66 12.16
C LEU A 252 9.58 39.86 13.27
N GLN A 253 8.80 39.40 14.23
CA GLN A 253 9.31 38.58 15.33
C GLN A 253 8.94 37.13 15.01
N THR A 254 8.30 36.93 13.85
CA THR A 254 7.87 35.61 13.44
C THR A 254 9.03 34.62 13.47
N ALA A 255 8.80 33.47 14.10
CA ALA A 255 9.85 32.47 14.27
C ALA A 255 10.22 31.80 12.95
N ALA A 256 11.41 31.21 12.91
CA ALA A 256 11.85 30.45 11.75
C ALA A 256 11.18 29.12 12.07
N THR A 257 10.03 28.89 11.45
CA THR A 257 9.34 27.60 11.50
C THR A 257 10.12 26.30 11.62
N HIS A 258 11.28 26.23 11.00
CA HIS A 258 12.22 25.14 11.20
C HIS A 258 12.99 25.15 12.52
N THR A 259 12.84 26.23 13.29
CA THR A 259 13.52 26.33 14.56
C THR A 259 12.59 26.16 15.76
N ILE A 260 11.31 25.88 15.50
CA ILE A 260 10.37 25.71 16.61
C ILE A 260 9.63 24.37 16.52
N VAL A 261 10.16 23.45 15.73
CA VAL A 261 9.54 22.15 15.55
C VAL A 261 9.48 21.38 16.86
N ASN A 262 10.58 21.48 17.60
CA ASN A 262 10.75 20.75 18.83
C ASN A 262 10.60 21.59 20.11
N VAL A 263 10.01 20.99 21.15
CA VAL A 263 9.78 21.69 22.41
C VAL A 263 11.07 22.12 23.05
N ASN A 264 12.13 21.40 22.74
CA ASN A 264 13.42 21.75 23.30
C ASN A 264 14.15 22.61 22.30
N SER A 265 13.74 22.52 21.05
CA SER A 265 14.32 23.34 19.99
C SER A 265 14.18 24.80 20.47
N THR A 266 15.21 25.63 20.24
CA THR A 266 15.18 27.04 20.67
C THR A 266 14.63 27.97 19.56
N PRO A 267 13.60 28.78 19.89
CA PRO A 267 13.07 29.65 18.84
C PRO A 267 14.12 30.59 18.29
N GLU A 268 13.94 30.95 17.03
CA GLU A 268 14.84 31.86 16.36
C GLU A 268 13.94 32.63 15.40
N ARG A 269 14.16 33.93 15.31
CA ARG A 269 13.35 34.75 14.42
C ARG A 269 13.83 34.71 12.99
N ALA A 270 12.89 34.78 12.06
CA ALA A 270 13.24 34.78 10.65
C ALA A 270 14.05 36.06 10.45
N VAL A 271 13.52 37.16 10.98
CA VAL A 271 14.17 38.47 10.91
C VAL A 271 14.63 38.81 12.33
N ASP A 272 15.94 38.79 12.53
CA ASP A 272 16.51 39.06 13.84
C ASP A 272 16.18 40.42 14.40
N ASP A 273 16.17 41.43 13.55
CA ASP A 273 15.84 42.79 14.00
C ASP A 273 15.38 43.68 12.83
N ILE A 274 14.56 44.67 13.15
CA ILE A 274 14.06 45.62 12.15
C ILE A 274 14.56 47.02 12.54
N PHE A 275 15.15 47.71 11.57
CA PHE A 275 15.71 49.03 11.81
C PHE A 275 14.94 50.12 11.10
N SER A 276 14.72 51.22 11.79
CA SER A 276 14.06 52.38 11.19
C SER A 276 15.19 53.37 10.96
N LEU A 277 15.53 53.58 9.69
CA LEU A 277 16.62 54.47 9.33
C LEU A 277 16.10 55.83 8.91
N THR A 278 16.21 56.81 9.80
CA THR A 278 15.74 58.15 9.50
C THR A 278 16.82 58.99 8.83
N SER A 279 18.07 58.79 9.24
CA SER A 279 19.19 59.53 8.68
C SER A 279 20.29 58.58 8.22
N PHE A 280 21.26 59.10 7.46
CA PHE A 280 22.36 58.28 6.98
C PHE A 280 23.23 57.84 8.14
N GLU A 281 23.18 58.59 9.22
CA GLU A 281 23.98 58.20 10.36
C GLU A 281 23.43 56.88 10.88
N ASP A 282 22.10 56.73 10.87
CA ASP A 282 21.46 55.51 11.33
C ASP A 282 21.91 54.28 10.57
N ILE A 283 22.22 54.46 9.29
CA ILE A 283 22.70 53.36 8.49
C ILE A 283 23.98 52.86 9.15
N ASP A 284 24.82 53.79 9.58
CA ASP A 284 26.07 53.41 10.24
C ASP A 284 25.80 52.68 11.56
N LYS A 285 24.84 53.20 12.32
CA LYS A 285 24.48 52.60 13.60
C LYS A 285 23.93 51.19 13.40
N MET A 286 23.10 51.02 12.39
CA MET A 286 22.54 49.72 12.10
C MET A 286 23.69 48.76 11.81
N LEU A 287 24.55 49.13 10.88
CA LEU A 287 25.69 48.31 10.50
C LEU A 287 26.55 47.99 11.69
N ASP A 288 26.65 48.94 12.63
CA ASP A 288 27.43 48.70 13.84
C ASP A 288 26.83 47.54 14.61
N GLN A 289 25.51 47.57 14.80
CA GLN A 289 24.80 46.53 15.54
C GLN A 289 24.78 45.18 14.82
N ILE A 290 24.74 45.22 13.49
CA ILE A 290 24.74 44.01 12.69
C ILE A 290 26.11 43.33 12.71
N ILE A 291 27.14 44.11 12.38
CA ILE A 291 28.50 43.60 12.33
C ILE A 291 29.16 43.28 13.67
N LYS A 292 28.85 44.01 14.73
CA LYS A 292 29.47 43.68 16.01
C LYS A 292 28.50 43.63 17.17
N ASN B 4 -29.15 57.56 -14.49
CA ASN B 4 -28.18 56.69 -15.19
C ASN B 4 -26.93 56.49 -14.34
N LEU B 5 -25.77 56.54 -14.98
CA LEU B 5 -24.50 56.34 -14.29
C LEU B 5 -24.26 57.39 -13.19
N THR B 6 -24.73 58.61 -13.41
CA THR B 6 -24.54 59.67 -12.42
C THR B 6 -25.26 59.32 -11.14
N ASN B 7 -25.98 58.21 -11.15
CA ASN B 7 -26.70 57.77 -9.96
C ASN B 7 -26.02 56.62 -9.26
N SER B 8 -24.98 56.09 -9.87
CA SER B 8 -24.25 54.97 -9.29
C SER B 8 -23.67 55.32 -7.94
N ASN B 9 -23.30 54.28 -7.19
CA ASN B 9 -22.70 54.48 -5.88
C ASN B 9 -21.37 53.77 -5.82
N CYS B 10 -20.91 53.24 -6.94
CA CYS B 10 -19.63 52.55 -6.92
C CYS B 10 -18.52 53.52 -6.52
N VAL B 11 -18.82 54.83 -6.61
CA VAL B 11 -17.86 55.86 -6.20
C VAL B 11 -18.55 56.79 -5.22
N GLU B 12 -17.83 57.17 -4.17
CA GLU B 12 -18.35 58.04 -3.14
C GLU B 12 -17.39 59.19 -2.89
N GLU B 13 -17.92 60.40 -2.82
CA GLU B 13 -17.10 61.59 -2.60
C GLU B 13 -17.09 61.95 -1.11
N TYR B 14 -15.99 62.53 -0.65
CA TYR B 14 -15.90 62.93 0.75
C TYR B 14 -14.75 63.92 0.93
N LYS B 15 -14.80 64.68 2.02
CA LYS B 15 -13.76 65.65 2.34
C LYS B 15 -12.88 65.12 3.47
N GLU B 16 -11.59 65.42 3.39
CA GLU B 16 -10.65 64.95 4.41
C GLU B 16 -9.58 66.01 4.63
N ASN B 17 -9.77 66.84 5.65
CA ASN B 17 -8.83 67.91 5.98
C ASN B 17 -9.10 69.07 5.01
N GLY B 18 -10.38 69.27 4.68
CA GLY B 18 -10.76 70.32 3.75
C GLY B 18 -10.52 69.93 2.31
N LYS B 19 -9.96 68.74 2.09
CA LYS B 19 -9.65 68.25 0.75
C LYS B 19 -10.72 67.29 0.26
N THR B 20 -11.21 67.51 -0.95
CA THR B 20 -12.23 66.64 -1.50
C THR B 20 -11.58 65.43 -2.16
N LYS B 21 -12.06 64.24 -1.83
CA LYS B 21 -11.53 63.00 -2.39
C LYS B 21 -12.65 62.09 -2.82
N ILE B 22 -12.36 61.27 -3.82
CA ILE B 22 -13.35 60.33 -4.30
C ILE B 22 -12.89 58.94 -3.87
N ARG B 23 -13.84 58.15 -3.38
CA ARG B 23 -13.55 56.79 -2.91
C ARG B 23 -14.35 55.77 -3.67
N ILE B 24 -13.70 54.70 -4.09
CA ILE B 24 -14.42 53.64 -4.79
C ILE B 24 -15.06 52.75 -3.72
N LYS B 25 -16.27 52.29 -4.01
CA LYS B 25 -17.00 51.41 -3.11
C LYS B 25 -17.12 50.14 -3.94
N PRO B 26 -16.12 49.27 -3.85
CA PRO B 26 -16.10 48.03 -4.62
C PRO B 26 -17.37 47.17 -4.55
N PHE B 27 -18.02 47.12 -3.39
CA PHE B 27 -19.23 46.31 -3.25
C PHE B 27 -20.41 46.84 -4.05
N ASN B 28 -20.56 48.16 -4.06
CA ASN B 28 -21.65 48.79 -4.80
C ASN B 28 -21.47 48.50 -6.30
N ALA B 29 -20.24 48.48 -6.78
CA ALA B 29 -19.99 48.19 -8.19
C ALA B 29 -20.42 46.75 -8.46
N LEU B 30 -20.18 45.88 -7.48
CA LEU B 30 -20.54 44.46 -7.58
C LEU B 30 -22.05 44.36 -7.61
N ILE B 31 -22.69 44.80 -6.54
CA ILE B 31 -24.15 44.78 -6.43
C ILE B 31 -24.80 45.38 -7.65
N GLU B 32 -24.35 46.57 -8.04
CA GLU B 32 -24.90 47.27 -9.19
C GLU B 32 -24.71 46.62 -10.55
N LEU B 33 -23.66 45.83 -10.70
CA LEU B 33 -23.40 45.19 -11.97
C LEU B 33 -23.91 43.74 -12.00
N TYR B 34 -24.27 43.20 -10.84
CA TYR B 34 -24.72 41.81 -10.76
C TYR B 34 -25.91 41.51 -9.84
N HIS B 35 -26.93 42.35 -9.84
CA HIS B 35 -28.10 42.08 -8.99
C HIS B 35 -29.13 41.34 -9.85
N HIS B 36 -28.77 41.16 -11.11
CA HIS B 36 -29.60 40.45 -12.08
C HIS B 36 -29.20 38.97 -12.08
N GLN B 37 -27.89 38.72 -12.08
CA GLN B 37 -27.38 37.36 -12.05
C GLN B 37 -25.92 37.43 -11.59
N THR B 38 -25.42 36.38 -10.94
CA THR B 38 -24.03 36.41 -10.50
C THR B 38 -23.10 36.25 -11.69
N PRO B 39 -21.92 36.88 -11.64
CA PRO B 39 -20.91 36.82 -12.71
C PRO B 39 -20.59 35.43 -13.21
N THR B 40 -20.10 35.35 -14.46
CA THR B 40 -19.73 34.08 -15.08
C THR B 40 -18.77 34.27 -16.26
N GLY B 41 -18.14 33.18 -16.68
CA GLY B 41 -17.21 33.23 -17.80
C GLY B 41 -15.77 33.60 -17.46
N SER B 42 -15.20 34.49 -18.26
CA SER B 42 -13.83 34.98 -18.07
C SER B 42 -13.78 35.89 -16.85
N ILE B 43 -12.98 35.49 -15.86
CA ILE B 43 -12.85 36.25 -14.63
C ILE B 43 -12.34 37.67 -14.90
N LYS B 44 -11.35 37.80 -15.79
CA LYS B 44 -10.80 39.11 -16.13
C LYS B 44 -11.82 39.97 -16.84
N GLU B 45 -12.26 39.53 -18.01
CA GLU B 45 -13.25 40.28 -18.77
C GLU B 45 -14.30 40.82 -17.78
N ASN B 46 -14.49 40.09 -16.67
CA ASN B 46 -15.45 40.49 -15.66
C ASN B 46 -14.85 41.56 -14.76
N LEU B 47 -13.62 41.35 -14.33
CA LEU B 47 -12.95 42.33 -13.48
C LEU B 47 -12.78 43.61 -14.27
N ASP B 48 -12.46 43.47 -15.56
CA ASP B 48 -12.31 44.64 -16.40
C ASP B 48 -13.67 45.31 -16.46
N LYS B 49 -14.69 44.53 -16.81
CA LYS B 49 -16.05 45.05 -16.90
C LYS B 49 -16.44 45.82 -15.66
N LEU B 50 -15.98 45.35 -14.50
CA LEU B 50 -16.30 46.00 -13.24
C LEU B 50 -15.55 47.31 -13.07
N GLU B 51 -14.35 47.36 -13.63
CA GLU B 51 -13.50 48.54 -13.52
C GLU B 51 -13.93 49.62 -14.49
N ASN B 52 -14.11 49.24 -15.76
CA ASN B 52 -14.55 50.19 -16.77
C ASN B 52 -15.80 50.87 -16.23
N TYR B 53 -16.66 50.07 -15.62
CA TYR B 53 -17.90 50.56 -15.05
C TYR B 53 -17.63 51.63 -13.99
N VAL B 54 -16.58 51.40 -13.19
CA VAL B 54 -16.23 52.37 -12.16
C VAL B 54 -15.69 53.65 -12.80
N LYS B 55 -15.06 53.53 -13.96
CA LYS B 55 -14.51 54.70 -14.64
C LYS B 55 -15.60 55.46 -15.38
N ASP B 56 -16.49 54.75 -16.06
CA ASP B 56 -17.58 55.41 -16.78
C ASP B 56 -18.43 56.21 -15.82
N VAL B 57 -18.76 55.62 -14.69
CA VAL B 57 -19.53 56.31 -13.67
C VAL B 57 -18.77 57.54 -13.19
N VAL B 58 -17.45 57.45 -13.20
CA VAL B 58 -16.62 58.56 -12.76
C VAL B 58 -16.61 59.71 -13.74
N LYS B 59 -16.60 59.40 -15.03
CA LYS B 59 -16.60 60.44 -16.05
C LYS B 59 -17.96 61.10 -16.13
N ALA B 60 -19.01 60.31 -15.92
CA ALA B 60 -20.37 60.79 -15.94
C ALA B 60 -20.59 61.73 -14.76
N LYS B 61 -20.17 61.27 -13.57
CA LYS B 61 -20.29 62.03 -12.33
C LYS B 61 -19.40 63.27 -12.39
N GLY B 62 -18.50 63.29 -13.38
CA GLY B 62 -17.58 64.38 -13.55
C GLY B 62 -16.37 64.27 -12.63
N LEU B 63 -16.40 63.28 -11.74
CA LEU B 63 -15.34 63.06 -10.77
C LEU B 63 -13.98 62.62 -11.32
N ALA B 64 -12.99 62.69 -10.45
CA ALA B 64 -11.61 62.33 -10.79
C ALA B 64 -11.51 60.83 -11.04
N ILE B 65 -10.74 60.44 -12.06
CA ILE B 65 -10.53 59.02 -12.39
C ILE B 65 -9.58 58.37 -11.37
N PRO B 66 -10.12 57.55 -10.43
CA PRO B 66 -9.36 56.87 -9.38
C PRO B 66 -7.97 56.35 -9.75
N THR B 67 -7.05 56.49 -8.80
CA THR B 67 -5.67 56.06 -8.96
C THR B 67 -5.58 54.55 -9.17
N SER B 68 -4.43 54.08 -9.67
CA SER B 68 -4.22 52.64 -9.90
C SER B 68 -4.10 51.89 -8.59
N GLY B 69 -3.86 52.63 -7.51
CA GLY B 69 -3.73 52.06 -6.18
C GLY B 69 -5.11 51.80 -5.63
N ALA B 70 -6.08 52.58 -6.08
CA ALA B 70 -7.46 52.41 -5.65
C ALA B 70 -8.09 51.24 -6.42
N PHE B 71 -7.61 51.00 -7.63
CA PHE B 71 -8.12 49.91 -8.43
C PHE B 71 -7.42 48.59 -8.09
N SER B 72 -6.30 48.69 -7.38
CA SER B 72 -5.58 47.50 -6.96
C SER B 72 -6.38 46.93 -5.79
N ASN B 73 -6.55 47.75 -4.76
CA ASN B 73 -7.28 47.41 -3.55
C ASN B 73 -8.63 46.84 -3.94
N THR B 74 -9.38 47.63 -4.68
CA THR B 74 -10.70 47.27 -5.15
C THR B 74 -10.74 45.97 -5.94
N ARG B 75 -9.88 45.83 -6.94
CA ARG B 75 -9.83 44.60 -7.76
C ARG B 75 -9.60 43.36 -6.92
N GLY B 76 -8.86 43.50 -5.82
CA GLY B 76 -8.62 42.37 -4.98
C GLY B 76 -9.91 42.01 -4.28
N THR B 77 -10.67 43.04 -3.87
CA THR B 77 -11.94 42.85 -3.19
C THR B 77 -12.92 42.14 -4.13
N TRP B 78 -12.88 42.50 -5.42
CA TRP B 78 -13.77 41.87 -6.38
C TRP B 78 -13.43 40.42 -6.62
N PHE B 79 -12.15 40.15 -6.86
CA PHE B 79 -11.71 38.78 -7.09
C PHE B 79 -12.27 37.93 -5.96
N GLU B 80 -11.81 38.23 -4.74
CA GLU B 80 -12.24 37.51 -3.57
C GLU B 80 -13.74 37.31 -3.54
N VAL B 81 -14.49 38.39 -3.68
CA VAL B 81 -15.94 38.25 -3.65
C VAL B 81 -16.46 37.37 -4.77
N MET B 82 -16.04 37.60 -6.00
CA MET B 82 -16.55 36.76 -7.10
C MET B 82 -16.29 35.30 -6.83
N ILE B 83 -15.28 35.01 -6.01
CA ILE B 83 -14.92 33.64 -5.68
C ILE B 83 -15.76 33.11 -4.53
N ALA B 84 -15.83 33.89 -3.46
CA ALA B 84 -16.62 33.49 -2.30
C ALA B 84 -18.02 33.05 -2.77
N ILE B 85 -18.60 33.79 -3.71
CA ILE B 85 -19.92 33.46 -4.20
C ILE B 85 -19.90 32.17 -5.00
N GLN B 86 -18.92 32.04 -5.90
CA GLN B 86 -18.85 30.83 -6.70
C GLN B 86 -18.69 29.61 -5.80
N SER B 87 -17.92 29.75 -4.72
CA SER B 87 -17.69 28.64 -3.80
C SER B 87 -18.92 28.31 -2.96
N TRP B 88 -19.69 29.33 -2.62
CA TRP B 88 -20.89 29.16 -1.82
C TRP B 88 -21.89 28.29 -2.56
N ASN B 89 -22.11 28.61 -3.83
CA ASN B 89 -23.03 27.86 -4.66
C ASN B 89 -22.38 26.58 -5.12
N TYR B 90 -21.06 26.52 -4.99
CA TYR B 90 -20.33 25.34 -5.37
C TYR B 90 -20.72 24.20 -4.44
N ARG B 91 -20.41 24.38 -3.16
CA ARG B 91 -20.72 23.36 -2.19
C ARG B 91 -22.20 22.99 -2.31
N VAL B 92 -23.04 23.95 -2.64
CA VAL B 92 -24.46 23.69 -2.79
C VAL B 92 -24.67 22.80 -4.03
N LYS B 93 -24.31 23.23 -5.22
CA LYS B 93 -24.55 22.40 -6.41
C LYS B 93 -23.81 21.07 -6.52
N ARG B 94 -22.95 20.78 -5.58
CA ARG B 94 -22.06 19.61 -5.54
C ARG B 94 -22.38 18.75 -4.33
N GLU B 95 -23.04 19.39 -3.37
CA GLU B 95 -23.67 18.72 -2.28
C GLU B 95 -22.78 18.21 -1.22
N LEU B 96 -22.20 19.15 -0.49
CA LEU B 96 -21.42 18.83 0.67
C LEU B 96 -21.95 19.41 2.01
N ASN B 97 -22.95 18.80 2.65
CA ASN B 97 -23.46 19.29 3.94
C ASN B 97 -22.48 19.11 5.09
N ASP B 98 -21.19 19.08 4.78
CA ASP B 98 -20.16 18.95 5.80
C ASP B 98 -18.96 19.84 5.52
N TYR B 99 -19.01 20.54 4.39
CA TYR B 99 -17.92 21.43 4.00
C TYR B 99 -18.34 22.90 3.96
N LEU B 100 -17.41 23.77 4.32
CA LEU B 100 -17.66 25.21 4.27
C LEU B 100 -16.43 25.85 3.66
N ILE B 101 -16.67 26.77 2.73
CA ILE B 101 -15.60 27.50 2.08
C ILE B 101 -15.87 28.94 2.51
N ILE B 102 -15.05 29.43 3.44
CA ILE B 102 -15.21 30.76 4.01
C ILE B 102 -14.23 31.86 3.58
N LYS B 103 -14.79 33.00 3.17
CA LYS B 103 -13.98 34.15 2.77
C LYS B 103 -13.71 34.85 4.09
N MET B 104 -12.43 34.89 4.48
CA MET B 104 -12.00 35.48 5.74
C MET B 104 -11.71 36.97 5.73
N PRO B 105 -11.96 37.64 6.87
CA PRO B 105 -11.73 39.08 7.04
C PRO B 105 -10.27 39.22 7.46
N ASN B 106 -9.80 40.43 7.72
CA ASN B 106 -8.39 40.57 8.11
C ASN B 106 -8.18 40.02 9.51
N VAL B 107 -6.93 39.70 9.83
CA VAL B 107 -6.58 39.11 11.11
C VAL B 107 -6.96 39.92 12.33
N LYS B 108 -7.17 41.23 12.16
CA LYS B 108 -7.54 42.08 13.30
C LYS B 108 -9.05 42.05 13.53
N THR B 109 -9.81 42.03 12.43
CA THR B 109 -11.27 41.96 12.52
C THR B 109 -11.63 40.63 13.17
N PHE B 110 -11.01 39.56 12.69
CA PHE B 110 -11.28 38.22 13.21
C PHE B 110 -10.05 37.32 12.97
N ASP B 111 -9.19 37.21 13.98
CA ASP B 111 -8.01 36.36 13.88
C ASP B 111 -8.55 34.95 13.60
N PHE B 112 -8.13 34.34 12.49
CA PHE B 112 -8.62 33.01 12.13
C PHE B 112 -8.45 31.95 13.23
N ARG B 113 -7.57 32.19 14.19
CA ARG B 113 -7.38 31.24 15.27
C ARG B 113 -8.66 31.12 16.09
N LYS B 114 -9.55 32.09 15.96
CA LYS B 114 -10.80 32.10 16.70
C LYS B 114 -11.79 31.03 16.25
N ILE B 115 -11.61 30.48 15.05
CA ILE B 115 -12.51 29.48 14.54
C ILE B 115 -12.44 28.18 15.35
N PHE B 116 -11.39 28.04 16.13
CA PHE B 116 -11.19 26.83 16.92
C PHE B 116 -11.91 26.73 18.26
N ASP B 117 -12.24 25.49 18.63
CA ASP B 117 -12.91 25.21 19.89
C ASP B 117 -11.98 25.63 21.03
N ASN B 118 -12.47 25.63 22.25
CA ASN B 118 -11.65 26.05 23.38
C ASN B 118 -10.41 25.21 23.64
N GLU B 119 -10.49 23.90 23.45
CA GLU B 119 -9.33 23.05 23.69
C GLU B 119 -8.19 23.36 22.70
N THR B 120 -8.54 23.49 21.42
CA THR B 120 -7.53 23.78 20.41
C THR B 120 -6.92 25.14 20.63
N ARG B 121 -7.76 26.12 20.90
CA ARG B 121 -7.22 27.47 21.08
C ARG B 121 -6.27 27.56 22.26
N GLU B 122 -6.42 26.64 23.21
CA GLU B 122 -5.55 26.62 24.39
C GLU B 122 -4.17 26.08 24.03
N LYS B 123 -4.14 25.03 23.22
CA LYS B 123 -2.87 24.47 22.78
C LYS B 123 -2.10 25.60 22.08
N LEU B 124 -2.80 26.36 21.25
CA LEU B 124 -2.18 27.47 20.53
C LEU B 124 -1.66 28.51 21.50
N HIS B 125 -2.39 28.74 22.57
CA HIS B 125 -1.97 29.72 23.56
C HIS B 125 -0.68 29.21 24.20
N GLN B 126 -0.67 27.94 24.62
CA GLN B 126 0.53 27.37 25.24
C GLN B 126 1.71 27.75 24.36
N LEU B 127 1.66 27.32 23.11
CA LEU B 127 2.74 27.56 22.16
C LEU B 127 3.14 29.02 22.01
N GLU B 128 2.17 29.86 21.66
CA GLU B 128 2.46 31.25 21.44
C GLU B 128 2.89 32.02 22.70
N LYS B 129 2.58 31.47 23.86
CA LYS B 129 2.97 32.09 25.11
C LYS B 129 4.38 31.60 25.40
N SER B 130 4.65 30.38 25.00
CA SER B 130 5.96 29.80 25.18
C SER B 130 6.98 30.56 24.35
N LEU B 131 6.66 30.78 23.09
CA LEU B 131 7.55 31.47 22.17
C LEU B 131 7.90 32.87 22.62
N LEU B 132 7.02 33.51 23.39
CA LEU B 132 7.29 34.87 23.89
C LEU B 132 8.11 34.83 25.16
N THR B 133 8.20 33.64 25.76
CA THR B 133 8.93 33.45 26.99
C THR B 133 10.41 33.16 26.70
N HIS B 134 11.06 34.08 26.01
CA HIS B 134 12.48 33.92 25.67
C HIS B 134 13.12 35.29 25.62
N LYS B 135 14.43 35.31 25.82
CA LYS B 135 15.17 36.58 25.78
C LYS B 135 14.79 37.14 24.40
N GLN B 136 14.88 36.28 23.39
CA GLN B 136 14.53 36.61 22.01
C GLN B 136 13.04 36.26 21.88
N GLN B 137 12.15 37.26 21.90
CA GLN B 137 10.74 36.93 21.77
C GLN B 137 10.42 36.58 20.33
N VAL B 138 9.68 35.49 20.19
CA VAL B 138 9.28 35.00 18.89
C VAL B 138 7.77 34.84 18.77
N ARG B 139 7.25 35.03 17.57
CA ARG B 139 5.82 34.92 17.30
C ARG B 139 5.60 34.10 16.04
N LEU B 140 4.33 33.86 15.72
CA LEU B 140 3.95 33.13 14.51
C LEU B 140 2.83 33.93 13.88
N ILE B 141 3.21 34.99 13.18
CA ILE B 141 2.24 35.87 12.55
C ILE B 141 2.14 35.79 11.04
N THR B 142 0.89 35.82 10.57
CA THR B 142 0.58 35.80 9.16
C THR B 142 -0.83 36.35 9.00
N SER B 143 -1.08 36.97 7.86
CA SER B 143 -2.39 37.51 7.58
C SER B 143 -3.37 36.35 7.47
N ASN B 144 -4.65 36.58 7.79
CA ASN B 144 -5.64 35.52 7.66
C ASN B 144 -5.61 34.99 6.24
N PRO B 145 -5.79 33.67 6.05
CA PRO B 145 -5.78 33.18 4.68
C PRO B 145 -7.04 33.74 4.03
N ASP B 146 -6.98 34.07 2.75
CA ASP B 146 -8.14 34.63 2.05
C ASP B 146 -9.35 33.70 2.15
N LEU B 147 -9.13 32.43 1.93
CA LEU B 147 -10.20 31.44 1.96
C LEU B 147 -9.88 30.27 2.88
N LEU B 148 -10.84 29.90 3.72
CA LEU B 148 -10.67 28.74 4.60
C LEU B 148 -11.69 27.67 4.24
N ILE B 149 -11.23 26.43 4.17
CA ILE B 149 -12.10 25.31 3.84
C ILE B 149 -12.16 24.40 5.06
N ILE B 150 -13.33 24.36 5.68
CA ILE B 150 -13.57 23.56 6.87
C ILE B 150 -14.44 22.34 6.57
N ARG B 151 -14.16 21.24 7.26
CA ARG B 151 -14.95 20.03 7.07
C ARG B 151 -15.42 19.53 8.42
N GLN B 152 -16.61 19.97 8.81
CA GLN B 152 -17.22 19.60 10.07
C GLN B 152 -18.73 19.71 9.90
N LYS B 153 -19.38 18.55 9.78
CA LYS B 153 -20.83 18.45 9.58
C LYS B 153 -21.70 19.33 10.47
N ASP B 154 -21.50 19.26 11.78
CA ASP B 154 -22.32 20.05 12.70
C ASP B 154 -22.25 21.57 12.57
N LEU B 155 -21.53 22.07 11.58
CA LEU B 155 -21.41 23.51 11.40
C LEU B 155 -22.28 24.03 10.27
N ILE B 156 -22.76 23.11 9.43
CA ILE B 156 -23.59 23.49 8.31
C ILE B 156 -25.04 23.77 8.73
N LYS B 157 -25.51 24.96 8.40
CA LYS B 157 -26.85 25.39 8.70
C LYS B 157 -27.59 25.32 7.37
N SER B 158 -28.84 24.89 7.40
CA SER B 158 -29.64 24.75 6.19
C SER B 158 -29.64 25.98 5.29
N GLU B 159 -29.48 27.16 5.88
CA GLU B 159 -29.48 28.39 5.11
C GLU B 159 -28.34 28.41 4.09
N TYR B 160 -27.20 27.85 4.48
CA TYR B 160 -26.03 27.82 3.62
C TYR B 160 -26.32 27.12 2.31
N ASN B 161 -27.42 26.38 2.28
CA ASN B 161 -27.78 25.64 1.08
C ASN B 161 -28.58 26.43 0.06
N LEU B 162 -28.87 27.69 0.39
CA LEU B 162 -29.61 28.57 -0.51
C LEU B 162 -28.61 29.31 -1.39
N PRO B 163 -28.47 28.88 -2.65
CA PRO B 163 -27.53 29.50 -3.58
C PRO B 163 -27.76 31.01 -3.76
N ILE B 164 -26.66 31.72 -4.02
CA ILE B 164 -26.70 33.16 -4.23
C ILE B 164 -26.70 33.34 -5.74
N ASN B 165 -27.85 33.71 -6.30
CA ASN B 165 -27.98 33.90 -7.75
C ASN B 165 -27.85 35.34 -8.25
N LYS B 166 -27.71 36.29 -7.33
CA LYS B 166 -27.58 37.69 -7.68
C LYS B 166 -26.80 38.38 -6.57
N LEU B 167 -26.03 39.41 -6.91
CA LEU B 167 -25.26 40.11 -5.90
C LEU B 167 -26.06 41.24 -5.30
N THR B 168 -26.34 41.12 -4.01
CA THR B 168 -27.09 42.13 -3.30
C THR B 168 -26.43 42.39 -1.95
N HIS B 169 -26.68 43.55 -1.37
CA HIS B 169 -26.10 43.87 -0.07
C HIS B 169 -26.16 42.66 0.88
N GLU B 170 -27.28 41.93 0.88
CA GLU B 170 -27.46 40.75 1.73
C GLU B 170 -26.68 39.53 1.24
N ASN B 171 -26.83 39.19 -0.02
CA ASN B 171 -26.12 38.07 -0.64
C ASN B 171 -24.63 38.15 -0.38
N ILE B 172 -24.11 39.37 -0.38
CA ILE B 172 -22.70 39.60 -0.15
C ILE B 172 -22.40 39.50 1.34
N ASP B 173 -23.17 40.21 2.14
CA ASP B 173 -22.95 40.18 3.58
C ASP B 173 -23.02 38.79 4.19
N VAL B 174 -24.03 38.01 3.81
CA VAL B 174 -24.14 36.68 4.38
C VAL B 174 -22.90 35.89 4.02
N ALA B 175 -22.38 36.11 2.81
CA ALA B 175 -21.19 35.41 2.38
C ALA B 175 -19.99 35.86 3.19
N LEU B 176 -19.87 37.18 3.37
CA LEU B 176 -18.76 37.78 4.09
C LEU B 176 -18.85 37.76 5.61
N THR B 177 -19.94 37.23 6.15
CA THR B 177 -20.05 37.17 7.60
C THR B 177 -20.21 35.71 8.03
N LEU B 178 -20.16 34.82 7.04
CA LEU B 178 -20.27 33.40 7.28
C LEU B 178 -19.29 32.96 8.35
N PHE B 179 -18.14 33.61 8.36
CA PHE B 179 -17.07 33.31 9.32
C PHE B 179 -17.52 33.46 10.77
N LYS B 180 -18.41 34.40 11.03
CA LYS B 180 -18.87 34.64 12.40
C LYS B 180 -19.54 33.40 12.98
N ASP B 181 -20.35 32.73 12.16
CA ASP B 181 -21.08 31.56 12.60
C ASP B 181 -20.23 30.47 13.23
N ILE B 182 -19.07 30.19 12.65
CA ILE B 182 -18.21 29.12 13.14
C ILE B 182 -17.25 29.49 14.25
N GLU B 183 -17.25 30.74 14.68
CA GLU B 183 -16.33 31.15 15.73
C GLU B 183 -16.32 30.25 16.97
N GLY B 184 -15.14 29.75 17.33
CA GLY B 184 -14.98 28.91 18.50
C GLY B 184 -15.64 27.54 18.45
N LYS B 185 -15.99 27.09 17.25
CA LYS B 185 -16.67 25.80 17.10
C LYS B 185 -15.94 24.71 16.32
N CYS B 186 -14.85 25.06 15.64
CA CYS B 186 -14.10 24.09 14.85
C CYS B 186 -13.11 23.24 15.63
N LYS B 187 -13.07 21.96 15.32
CA LYS B 187 -12.12 21.07 15.95
C LYS B 187 -10.89 21.30 15.09
N TRP B 188 -9.72 21.32 15.72
CA TRP B 188 -8.49 21.57 15.00
C TRP B 188 -8.35 20.86 13.66
N ASP B 189 -8.68 19.58 13.60
CA ASP B 189 -8.54 18.86 12.34
C ASP B 189 -9.71 19.02 11.40
N SER B 190 -10.62 19.93 11.72
CA SER B 190 -11.78 20.17 10.85
C SER B 190 -11.32 21.12 9.75
N LEU B 191 -10.21 21.81 10.02
CA LEU B 191 -9.61 22.73 9.08
C LEU B 191 -8.84 21.83 8.12
N VAL B 192 -9.18 21.89 6.83
CA VAL B 192 -8.50 21.04 5.88
C VAL B 192 -7.62 21.77 4.86
N ALA B 193 -7.94 23.02 4.55
CA ALA B 193 -7.15 23.77 3.58
C ALA B 193 -7.41 25.27 3.59
N GLY B 194 -6.44 26.02 3.09
CA GLY B 194 -6.56 27.45 3.00
C GLY B 194 -6.22 27.83 1.58
N VAL B 195 -6.71 28.97 1.12
CA VAL B 195 -6.41 29.40 -0.24
C VAL B 195 -6.11 30.88 -0.30
N GLY B 196 -4.97 31.21 -0.90
CA GLY B 196 -4.58 32.61 -1.05
C GLY B 196 -5.05 33.03 -2.42
N LEU B 197 -5.79 34.12 -2.50
CA LEU B 197 -6.29 34.61 -3.77
C LEU B 197 -5.54 35.88 -4.17
N LYS B 198 -5.13 35.92 -5.44
CA LYS B 198 -4.41 37.06 -6.01
C LYS B 198 -4.77 37.24 -7.49
N THR B 199 -5.26 38.41 -7.86
CA THR B 199 -5.63 38.65 -9.25
C THR B 199 -4.40 38.47 -10.12
N SER B 200 -3.23 38.78 -9.57
CA SER B 200 -1.98 38.64 -10.31
C SER B 200 -0.81 38.34 -9.37
N LEU B 201 0.26 37.82 -9.94
CA LEU B 201 1.42 37.50 -9.12
C LEU B 201 2.58 38.38 -9.52
N ARG B 202 3.59 38.41 -8.66
CA ARG B 202 4.81 39.16 -8.88
C ARG B 202 5.91 38.37 -8.19
N PRO B 203 7.14 38.48 -8.70
CA PRO B 203 8.24 37.74 -8.09
C PRO B 203 8.33 37.93 -6.58
N ASP B 204 7.87 39.07 -6.10
CA ASP B 204 7.95 39.30 -4.68
C ASP B 204 6.67 38.92 -3.97
N ARG B 205 5.53 39.37 -4.49
CA ARG B 205 4.26 39.07 -3.84
C ARG B 205 3.95 37.59 -3.75
N ARG B 206 4.32 36.83 -4.78
CA ARG B 206 4.01 35.40 -4.76
C ARG B 206 4.64 34.68 -3.57
N LEU B 207 5.69 35.26 -3.02
CA LEU B 207 6.38 34.67 -1.88
C LEU B 207 5.57 34.87 -0.61
N GLN B 208 4.54 35.71 -0.68
CA GLN B 208 3.70 35.95 0.48
C GLN B 208 2.84 34.72 0.67
N LEU B 209 2.55 34.03 -0.44
CA LEU B 209 1.77 32.80 -0.38
C LEU B 209 2.60 31.74 0.34
N VAL B 210 3.88 31.62 0.00
CA VAL B 210 4.75 30.64 0.64
C VAL B 210 4.85 30.90 2.15
N HIS B 211 4.95 32.17 2.51
CA HIS B 211 5.03 32.52 3.94
C HIS B 211 3.74 32.09 4.62
N GLU B 212 2.61 32.42 4.00
CA GLU B 212 1.31 32.06 4.53
C GLU B 212 1.26 30.56 4.77
N GLY B 213 1.40 29.79 3.70
CA GLY B 213 1.36 28.37 3.83
C GLY B 213 2.31 27.85 4.87
N ASN B 214 3.52 28.43 4.90
CA ASN B 214 4.52 27.99 5.86
C ASN B 214 4.07 28.20 7.30
N ILE B 215 3.64 29.41 7.65
CA ILE B 215 3.22 29.68 9.02
C ILE B 215 1.95 28.93 9.40
N LEU B 216 1.04 28.79 8.45
CA LEU B 216 -0.19 28.06 8.71
C LEU B 216 0.14 26.59 8.97
N LYS B 217 0.91 25.98 8.09
CA LYS B 217 1.30 24.58 8.25
C LYS B 217 2.16 24.35 9.48
N SER B 218 2.85 25.40 9.93
CA SER B 218 3.70 25.30 11.11
C SER B 218 2.79 25.21 12.33
N LEU B 219 1.74 26.03 12.34
CA LEU B 219 0.79 26.00 13.44
C LEU B 219 0.10 24.63 13.45
N PHE B 220 -0.42 24.21 12.30
CA PHE B 220 -1.11 22.94 12.21
C PHE B 220 -0.21 21.80 12.65
N ALA B 221 1.06 21.90 12.29
CA ALA B 221 2.02 20.87 12.66
C ALA B 221 2.09 20.74 14.16
N HIS B 222 1.95 21.87 14.86
CA HIS B 222 2.02 21.83 16.30
C HIS B 222 0.77 21.27 16.92
N LEU B 223 -0.37 21.39 16.23
CA LEU B 223 -1.61 20.84 16.75
C LEU B 223 -1.55 19.32 16.58
N LYS B 224 -1.00 18.88 15.45
CA LYS B 224 -0.85 17.45 15.20
C LYS B 224 0.03 16.87 16.32
N MET B 225 1.07 17.58 16.73
CA MET B 225 1.93 17.12 17.82
C MET B 225 1.08 17.04 19.06
N ALA B 226 0.51 18.19 19.41
CA ALA B 226 -0.34 18.33 20.58
C ALA B 226 -1.29 17.16 20.78
N TYR B 227 -1.98 16.82 19.70
CA TYR B 227 -2.95 15.72 19.73
C TYR B 227 -2.31 14.49 19.16
N TRP B 228 -0.98 14.48 19.10
CA TRP B 228 -0.23 13.36 18.55
C TRP B 228 -1.02 12.56 17.50
N ASN B 229 -1.43 13.24 16.43
CA ASN B 229 -2.20 12.64 15.35
C ASN B 229 -1.51 12.88 14.01
N PRO B 230 -0.70 11.91 13.55
CA PRO B 230 0.02 12.02 12.27
C PRO B 230 -0.85 11.96 11.03
N LYS B 231 -2.11 11.58 11.21
CA LYS B 231 -3.01 11.48 10.08
C LYS B 231 -3.53 12.84 9.59
N ALA B 232 -3.93 13.71 10.52
CA ALA B 232 -4.47 15.01 10.17
C ALA B 232 -3.59 15.75 9.17
N GLU B 233 -4.26 16.46 8.27
CA GLU B 233 -3.60 17.22 7.22
C GLU B 233 -4.14 18.63 7.12
N PHE B 234 -3.36 19.46 6.47
CA PHE B 234 -3.74 20.81 6.16
C PHE B 234 -2.96 21.14 4.92
N LYS B 235 -3.66 21.59 3.89
CA LYS B 235 -3.03 21.95 2.64
C LYS B 235 -3.35 23.39 2.35
N TYR B 236 -2.39 24.07 1.74
CA TYR B 236 -2.57 25.48 1.41
C TYR B 236 -2.41 25.62 -0.09
N TYR B 237 -3.27 26.42 -0.70
CA TYR B 237 -3.22 26.60 -2.14
C TYR B 237 -3.24 28.07 -2.54
N GLY B 238 -2.77 28.33 -3.76
CA GLY B 238 -2.77 29.68 -4.27
C GLY B 238 -3.60 29.72 -5.54
N ALA B 239 -4.30 30.82 -5.78
CA ALA B 239 -5.12 30.95 -6.98
C ALA B 239 -4.91 32.30 -7.61
N SER B 240 -4.62 32.31 -8.90
CA SER B 240 -4.38 33.53 -9.66
C SER B 240 -5.40 33.65 -10.78
N SER B 241 -5.82 34.87 -11.11
CA SER B 241 -6.77 35.09 -12.18
C SER B 241 -6.04 35.18 -13.51
N GLU B 242 -4.71 35.11 -13.45
CA GLU B 242 -3.88 35.18 -14.65
C GLU B 242 -2.98 33.97 -14.81
N PRO B 243 -2.34 33.85 -15.98
CA PRO B 243 -1.44 32.72 -16.24
C PRO B 243 -0.30 32.65 -15.23
N VAL B 244 0.05 31.43 -14.85
CA VAL B 244 1.12 31.24 -13.89
C VAL B 244 2.35 30.75 -14.66
N SER B 245 3.42 31.55 -14.62
CA SER B 245 4.64 31.22 -15.33
C SER B 245 5.39 30.10 -14.65
N LYS B 246 6.40 29.59 -15.34
CA LYS B 246 7.24 28.51 -14.84
C LYS B 246 8.04 29.02 -13.63
N ALA B 247 8.28 30.33 -13.59
CA ALA B 247 9.00 30.96 -12.49
C ALA B 247 8.08 31.02 -11.28
N ASP B 248 6.82 31.35 -11.52
CA ASP B 248 5.82 31.42 -10.45
C ASP B 248 5.72 30.03 -9.84
N ASP B 249 5.59 29.04 -10.72
CA ASP B 249 5.48 27.66 -10.31
C ASP B 249 6.60 27.20 -9.40
N ASP B 250 7.83 27.35 -9.87
CA ASP B 250 8.98 26.94 -9.09
C ASP B 250 9.01 27.62 -7.75
N ALA B 251 8.78 28.93 -7.75
CA ALA B 251 8.78 29.68 -6.52
C ALA B 251 7.79 29.09 -5.53
N LEU B 252 6.59 28.75 -6.04
CA LEU B 252 5.54 28.18 -5.21
C LEU B 252 5.73 26.71 -4.84
N GLN B 253 6.88 26.15 -5.20
CA GLN B 253 7.20 24.77 -4.85
C GLN B 253 8.13 24.79 -3.64
N THR B 254 8.35 25.99 -3.11
CA THR B 254 9.19 26.15 -1.94
C THR B 254 8.67 25.30 -0.78
N ALA B 255 9.56 24.52 -0.17
CA ALA B 255 9.17 23.62 0.91
C ALA B 255 8.90 24.36 2.21
N ALA B 256 8.24 23.68 3.14
CA ALA B 256 7.99 24.23 4.46
C ALA B 256 9.32 23.89 5.13
N THR B 257 10.14 24.92 5.32
CA THR B 257 11.40 24.78 6.06
C THR B 257 11.34 23.80 7.23
N HIS B 258 10.23 23.79 7.96
CA HIS B 258 10.08 22.90 9.11
C HIS B 258 9.82 21.45 8.71
N THR B 259 9.78 21.17 7.41
CA THR B 259 9.58 19.82 6.93
C THR B 259 10.80 19.26 6.23
N ILE B 260 11.89 20.03 6.17
CA ILE B 260 13.10 19.54 5.50
C ILE B 260 14.32 19.60 6.41
N VAL B 261 14.08 19.71 7.70
CA VAL B 261 15.16 19.77 8.67
C VAL B 261 15.98 18.49 8.65
N ASN B 262 15.29 17.35 8.60
CA ASN B 262 15.94 16.06 8.61
C ASN B 262 16.05 15.39 7.25
N VAL B 263 17.14 14.64 7.08
CA VAL B 263 17.39 13.94 5.82
C VAL B 263 16.32 12.90 5.60
N ASN B 264 15.67 12.55 6.70
CA ASN B 264 14.61 11.54 6.71
C ASN B 264 13.23 12.19 6.64
N SER B 265 13.14 13.47 7.02
CA SER B 265 11.87 14.21 6.99
C SER B 265 11.43 14.43 5.53
N THR B 266 10.22 13.99 5.20
CA THR B 266 9.67 14.14 3.84
C THR B 266 9.34 15.58 3.51
N PRO B 267 9.99 16.12 2.47
CA PRO B 267 9.76 17.51 2.06
C PRO B 267 8.29 17.76 1.83
N GLU B 268 7.87 18.97 2.11
CA GLU B 268 6.49 19.36 1.92
C GLU B 268 6.52 20.79 1.47
N ARG B 269 5.59 21.14 0.58
CA ARG B 269 5.52 22.48 0.05
C ARG B 269 4.69 23.39 0.90
N ALA B 270 5.10 24.65 1.00
CA ALA B 270 4.35 25.60 1.79
C ALA B 270 3.02 25.72 1.07
N VAL B 271 3.10 25.89 -0.26
CA VAL B 271 1.90 25.99 -1.09
C VAL B 271 1.87 24.70 -1.91
N ASP B 272 0.89 23.88 -1.62
CA ASP B 272 0.75 22.59 -2.29
C ASP B 272 0.54 22.70 -3.78
N ASP B 273 -0.23 23.69 -4.21
CA ASP B 273 -0.48 23.88 -5.64
C ASP B 273 -0.95 25.31 -5.92
N ILE B 274 -0.66 25.78 -7.13
CA ILE B 274 -1.05 27.11 -7.58
C ILE B 274 -2.01 26.95 -8.76
N PHE B 275 -3.15 27.62 -8.71
CA PHE B 275 -4.14 27.51 -9.76
C PHE B 275 -4.28 28.80 -10.56
N SER B 276 -4.40 28.66 -11.87
CA SER B 276 -4.61 29.80 -12.76
C SER B 276 -6.09 29.71 -13.11
N LEU B 277 -6.89 30.63 -12.59
CA LEU B 277 -8.33 30.62 -12.83
C LEU B 277 -8.72 31.61 -13.91
N THR B 278 -8.95 31.13 -15.13
CA THR B 278 -9.32 32.00 -16.22
C THR B 278 -10.83 32.24 -16.27
N SER B 279 -11.61 31.23 -15.93
CA SER B 279 -13.07 31.33 -15.95
C SER B 279 -13.66 30.87 -14.63
N PHE B 280 -14.95 31.12 -14.44
CA PHE B 280 -15.59 30.70 -13.21
C PHE B 280 -15.69 29.19 -13.14
N GLU B 281 -15.62 28.52 -14.29
CA GLU B 281 -15.67 27.07 -14.26
C GLU B 281 -14.41 26.55 -13.60
N ASP B 282 -13.30 27.25 -13.82
CA ASP B 282 -12.03 26.86 -13.23
C ASP B 282 -12.05 26.90 -11.71
N ILE B 283 -12.86 27.80 -11.16
CA ILE B 283 -12.99 27.89 -9.71
C ILE B 283 -13.56 26.57 -9.21
N ASP B 284 -14.54 26.03 -9.94
CA ASP B 284 -15.16 24.75 -9.59
C ASP B 284 -14.14 23.62 -9.70
N LYS B 285 -13.38 23.63 -10.79
CA LYS B 285 -12.35 22.61 -11.02
C LYS B 285 -11.31 22.66 -9.91
N MET B 286 -10.88 23.86 -9.55
CA MET B 286 -9.89 24.02 -8.50
C MET B 286 -10.44 23.39 -7.22
N LEU B 287 -11.63 23.83 -6.82
CA LEU B 287 -12.27 23.31 -5.63
C LEU B 287 -12.42 21.79 -5.68
N ASP B 288 -12.65 21.24 -6.88
CA ASP B 288 -12.78 19.81 -7.02
C ASP B 288 -11.46 19.16 -6.62
N GLN B 289 -10.36 19.69 -7.14
CA GLN B 289 -9.07 19.13 -6.83
C GLN B 289 -8.73 19.30 -5.36
N ILE B 290 -9.04 20.46 -4.80
CA ILE B 290 -8.74 20.74 -3.41
C ILE B 290 -9.51 19.84 -2.45
N ILE B 291 -10.82 19.81 -2.63
CA ILE B 291 -11.70 19.02 -1.76
C ILE B 291 -11.74 17.52 -1.97
N LYS B 292 -12.06 17.12 -3.20
CA LYS B 292 -12.19 15.71 -3.59
C LYS B 292 -13.41 14.97 -2.93
N LEU C 5 -9.68 30.48 -56.95
CA LEU C 5 -10.21 29.59 -55.88
C LEU C 5 -11.62 29.08 -56.21
N THR C 6 -11.87 28.95 -57.51
CA THR C 6 -13.14 28.43 -58.00
C THR C 6 -12.67 27.20 -58.76
N ASN C 7 -11.35 27.09 -58.87
CA ASN C 7 -10.70 25.98 -59.53
C ASN C 7 -10.66 24.83 -58.51
N SER C 8 -10.44 25.19 -57.25
CA SER C 8 -10.35 24.22 -56.15
C SER C 8 -11.14 22.94 -56.40
N ASN C 9 -10.49 21.80 -56.18
CA ASN C 9 -11.11 20.50 -56.37
C ASN C 9 -11.72 20.00 -55.08
N CYS C 10 -11.59 20.78 -54.02
CA CYS C 10 -12.11 20.38 -52.73
C CYS C 10 -13.62 20.12 -52.78
N VAL C 11 -14.24 20.30 -53.94
CA VAL C 11 -15.66 20.05 -54.06
C VAL C 11 -16.01 19.41 -55.39
N GLU C 12 -17.10 18.64 -55.39
CA GLU C 12 -17.58 17.95 -56.59
C GLU C 12 -19.08 18.14 -56.74
N GLU C 13 -19.57 18.05 -57.98
CA GLU C 13 -21.00 18.21 -58.25
C GLU C 13 -21.55 16.91 -58.83
N TYR C 14 -22.72 16.51 -58.35
CA TYR C 14 -23.31 15.29 -58.86
C TYR C 14 -24.83 15.33 -58.88
N LYS C 15 -25.38 14.60 -59.85
CA LYS C 15 -26.82 14.49 -60.09
C LYS C 15 -27.46 13.39 -59.24
N GLU C 16 -28.66 13.66 -58.71
CA GLU C 16 -29.37 12.69 -57.89
C GLU C 16 -30.63 12.15 -58.61
N ASN C 17 -30.41 11.26 -59.59
CA ASN C 17 -31.47 10.66 -60.42
C ASN C 17 -32.24 11.79 -61.11
N GLY C 18 -31.73 13.01 -60.96
CA GLY C 18 -32.34 14.20 -61.56
C GLY C 18 -32.02 15.54 -60.92
N LYS C 19 -31.43 15.53 -59.71
CA LYS C 19 -31.12 16.78 -59.03
C LYS C 19 -29.66 17.19 -59.21
N THR C 20 -29.32 18.33 -58.62
CA THR C 20 -27.96 18.87 -58.66
C THR C 20 -27.51 19.02 -57.22
N LYS C 21 -26.63 18.14 -56.78
CA LYS C 21 -26.14 18.25 -55.40
C LYS C 21 -24.62 18.38 -55.37
N ILE C 22 -24.12 19.10 -54.37
CA ILE C 22 -22.68 19.30 -54.23
C ILE C 22 -22.10 18.38 -53.16
N ARG C 23 -20.90 17.89 -53.45
CA ARG C 23 -20.16 16.98 -52.56
C ARG C 23 -18.82 17.57 -52.15
N ILE C 24 -18.40 17.24 -50.94
CA ILE C 24 -17.10 17.71 -50.47
C ILE C 24 -16.05 16.64 -50.70
N LYS C 25 -14.87 17.06 -51.13
CA LYS C 25 -13.77 16.14 -51.37
C LYS C 25 -12.70 16.53 -50.37
N PRO C 26 -12.93 16.18 -49.09
CA PRO C 26 -12.03 16.48 -47.97
C PRO C 26 -10.56 16.23 -48.22
N PHE C 27 -10.25 15.17 -48.96
CA PHE C 27 -8.85 14.88 -49.21
C PHE C 27 -8.15 15.94 -50.03
N ASN C 28 -8.85 16.51 -51.01
CA ASN C 28 -8.27 17.55 -51.85
C ASN C 28 -8.14 18.84 -51.06
N ALA C 29 -9.17 19.16 -50.29
CA ALA C 29 -9.16 20.35 -49.45
C ALA C 29 -7.85 20.38 -48.66
N LEU C 30 -7.43 19.22 -48.17
CA LEU C 30 -6.19 19.10 -47.40
C LEU C 30 -5.00 19.52 -48.26
N ILE C 31 -4.73 18.72 -49.29
CA ILE C 31 -3.62 18.99 -50.19
C ILE C 31 -3.60 20.46 -50.56
N GLU C 32 -4.65 20.94 -51.22
CA GLU C 32 -4.69 22.35 -51.61
C GLU C 32 -4.09 23.22 -50.52
N LEU C 33 -4.81 23.34 -49.40
CA LEU C 33 -4.35 24.18 -48.29
C LEU C 33 -3.09 23.73 -47.56
N TYR C 34 -2.45 22.64 -47.99
CA TYR C 34 -1.25 22.20 -47.29
C TYR C 34 -0.16 21.55 -48.11
N HIS C 35 -0.15 21.75 -49.44
CA HIS C 35 0.89 21.14 -50.26
C HIS C 35 2.20 21.91 -50.02
N HIS C 36 2.07 23.07 -49.37
CA HIS C 36 3.20 23.94 -49.04
C HIS C 36 3.88 23.39 -47.79
N GLN C 37 3.10 23.28 -46.72
CA GLN C 37 3.58 22.73 -45.46
C GLN C 37 2.37 22.14 -44.72
N THR C 38 2.64 21.31 -43.72
CA THR C 38 1.57 20.67 -42.97
C THR C 38 1.06 21.54 -41.81
N PRO C 39 -0.23 21.36 -41.42
CA PRO C 39 -0.87 22.11 -40.33
C PRO C 39 -0.31 21.90 -38.93
N THR C 40 -0.31 22.98 -38.16
CA THR C 40 0.17 22.99 -36.79
C THR C 40 -0.63 24.08 -36.05
N GLY C 41 -0.51 24.12 -34.71
CA GLY C 41 -1.23 25.08 -33.91
C GLY C 41 -2.49 24.49 -33.31
N SER C 42 -3.57 25.27 -33.26
CA SER C 42 -4.83 24.79 -32.72
C SER C 42 -5.49 23.93 -33.77
N ILE C 43 -5.82 22.71 -33.39
CA ILE C 43 -6.47 21.75 -34.28
C ILE C 43 -7.86 22.24 -34.61
N LYS C 44 -8.59 22.57 -33.55
CA LYS C 44 -9.94 23.07 -33.65
C LYS C 44 -9.99 24.23 -34.63
N GLU C 45 -8.88 24.96 -34.70
CA GLU C 45 -8.75 26.10 -35.61
C GLU C 45 -8.65 25.64 -37.06
N ASN C 46 -7.74 24.71 -37.28
CA ASN C 46 -7.50 24.15 -38.61
C ASN C 46 -8.75 23.52 -39.19
N LEU C 47 -9.63 23.03 -38.32
CA LEU C 47 -10.87 22.40 -38.74
C LEU C 47 -11.89 23.43 -39.25
N ASP C 48 -11.93 24.58 -38.59
CA ASP C 48 -12.84 25.64 -38.99
C ASP C 48 -12.27 26.30 -40.25
N LYS C 49 -10.94 26.43 -40.25
CA LYS C 49 -10.23 27.02 -41.40
C LYS C 49 -10.58 26.20 -42.64
N LEU C 50 -10.49 24.87 -42.50
CA LEU C 50 -10.80 23.96 -43.60
C LEU C 50 -12.30 24.02 -43.97
N GLU C 51 -13.14 24.22 -42.96
CA GLU C 51 -14.57 24.26 -43.19
C GLU C 51 -15.01 25.54 -43.88
N ASN C 52 -14.52 26.68 -43.37
CA ASN C 52 -14.86 27.96 -43.97
C ASN C 52 -14.30 28.01 -45.38
N TYR C 53 -13.14 27.38 -45.59
CA TYR C 53 -12.53 27.34 -46.91
C TYR C 53 -13.47 26.65 -47.87
N VAL C 54 -14.02 25.52 -47.45
CA VAL C 54 -14.96 24.78 -48.29
C VAL C 54 -16.20 25.62 -48.52
N LYS C 55 -16.60 26.39 -47.50
CA LYS C 55 -17.79 27.25 -47.58
C LYS C 55 -17.57 28.44 -48.52
N ASP C 56 -16.36 28.98 -48.52
CA ASP C 56 -16.05 30.11 -49.39
C ASP C 56 -15.89 29.60 -50.82
N VAL C 57 -15.24 28.45 -50.99
CA VAL C 57 -15.07 27.88 -52.32
C VAL C 57 -16.43 27.61 -52.97
N VAL C 58 -17.34 27.02 -52.19
CA VAL C 58 -18.68 26.70 -52.68
C VAL C 58 -19.48 27.98 -52.91
N LYS C 59 -19.27 28.98 -52.04
CA LYS C 59 -19.96 30.26 -52.15
C LYS C 59 -19.53 30.90 -53.47
N ALA C 60 -18.24 30.81 -53.74
CA ALA C 60 -17.63 31.36 -54.94
C ALA C 60 -18.04 30.59 -56.19
N LYS C 61 -18.23 29.29 -56.05
CA LYS C 61 -18.65 28.47 -57.18
C LYS C 61 -20.14 28.63 -57.45
N GLY C 62 -20.81 29.36 -56.58
CA GLY C 62 -22.24 29.60 -56.73
C GLY C 62 -23.08 28.37 -56.39
N LEU C 63 -22.49 27.45 -55.64
CA LEU C 63 -23.16 26.21 -55.22
C LEU C 63 -23.72 26.38 -53.79
N ALA C 64 -24.58 25.48 -53.32
CA ALA C 64 -25.16 25.61 -51.97
C ALA C 64 -24.29 25.08 -50.82
N ILE C 65 -24.57 25.56 -49.61
CA ILE C 65 -23.84 25.19 -48.39
C ILE C 65 -23.96 23.70 -48.06
N PRO C 66 -22.85 22.95 -48.07
CA PRO C 66 -23.02 21.53 -47.73
C PRO C 66 -23.76 21.38 -46.41
N THR C 67 -24.52 20.29 -46.29
CA THR C 67 -25.29 20.00 -45.07
C THR C 67 -24.35 19.69 -43.91
N SER C 68 -24.85 19.76 -42.69
CA SER C 68 -24.04 19.44 -41.52
C SER C 68 -23.51 18.03 -41.70
N GLY C 69 -24.36 17.15 -42.23
CA GLY C 69 -23.98 15.77 -42.45
C GLY C 69 -22.68 15.66 -43.23
N ALA C 70 -22.55 16.50 -44.25
CA ALA C 70 -21.35 16.50 -45.06
C ALA C 70 -20.18 17.00 -44.23
N PHE C 71 -20.36 18.10 -43.50
CA PHE C 71 -19.30 18.65 -42.67
C PHE C 71 -18.92 17.78 -41.48
N SER C 72 -19.89 17.06 -40.93
CA SER C 72 -19.60 16.16 -39.82
C SER C 72 -18.70 15.06 -40.35
N ASN C 73 -19.08 14.51 -41.50
CA ASN C 73 -18.31 13.47 -42.15
C ASN C 73 -16.90 14.00 -42.44
N THR C 74 -16.85 15.08 -43.21
CA THR C 74 -15.59 15.70 -43.60
C THR C 74 -14.68 16.06 -42.44
N ARG C 75 -15.20 16.77 -41.46
CA ARG C 75 -14.41 17.14 -40.29
C ARG C 75 -13.80 15.89 -39.66
N GLY C 76 -14.55 14.80 -39.75
CA GLY C 76 -14.07 13.54 -39.20
C GLY C 76 -12.80 13.13 -39.90
N THR C 77 -12.84 13.14 -41.24
CA THR C 77 -11.70 12.76 -42.05
C THR C 77 -10.51 13.69 -41.81
N TRP C 78 -10.77 15.00 -41.85
CA TRP C 78 -9.70 15.97 -41.63
C TRP C 78 -8.97 15.66 -40.34
N PHE C 79 -9.73 15.57 -39.25
CA PHE C 79 -9.15 15.28 -37.95
C PHE C 79 -8.26 14.05 -37.98
N GLU C 80 -8.75 12.99 -38.62
CA GLU C 80 -8.02 11.73 -38.73
C GLU C 80 -6.71 11.86 -39.50
N VAL C 81 -6.76 12.50 -40.67
CA VAL C 81 -5.57 12.65 -41.48
C VAL C 81 -4.53 13.51 -40.77
N MET C 82 -4.96 14.61 -40.17
CA MET C 82 -4.02 15.50 -39.47
C MET C 82 -3.31 14.71 -38.40
N ILE C 83 -4.06 13.87 -37.71
CA ILE C 83 -3.49 13.05 -36.66
C ILE C 83 -2.62 11.95 -37.25
N ALA C 84 -3.03 11.41 -38.39
CA ALA C 84 -2.26 10.37 -39.04
C ALA C 84 -0.90 10.90 -39.48
N ILE C 85 -0.89 12.08 -40.11
CA ILE C 85 0.36 12.70 -40.58
C ILE C 85 1.24 13.04 -39.39
N GLN C 86 0.65 13.74 -38.43
CA GLN C 86 1.32 14.15 -37.21
C GLN C 86 1.99 12.93 -36.53
N SER C 87 1.32 11.79 -36.58
CA SER C 87 1.86 10.58 -35.98
C SER C 87 3.00 10.07 -36.82
N TRP C 88 2.84 10.17 -38.13
CA TRP C 88 3.88 9.71 -39.04
C TRP C 88 5.19 10.40 -38.67
N ASN C 89 5.12 11.72 -38.57
CA ASN C 89 6.28 12.54 -38.22
C ASN C 89 6.72 12.35 -36.78
N TYR C 90 5.76 12.15 -35.90
CA TYR C 90 6.08 11.95 -34.50
C TYR C 90 7.15 10.87 -34.29
N ARG C 91 6.95 9.70 -34.86
CA ARG C 91 7.91 8.62 -34.69
C ARG C 91 9.23 8.93 -35.37
N VAL C 92 9.20 9.81 -36.35
CA VAL C 92 10.41 10.20 -37.06
C VAL C 92 11.32 11.04 -36.16
N LYS C 93 10.77 12.14 -35.65
CA LYS C 93 11.53 13.04 -34.78
C LYS C 93 11.80 12.45 -33.40
N ARG C 94 11.04 11.45 -33.02
CA ARG C 94 11.22 10.80 -31.72
C ARG C 94 12.12 9.60 -31.98
N GLU C 95 12.27 9.32 -33.27
CA GLU C 95 13.06 8.21 -33.80
C GLU C 95 12.83 6.90 -33.09
N LEU C 96 11.62 6.39 -33.27
CA LEU C 96 11.18 5.13 -32.71
C LEU C 96 11.36 4.11 -33.84
N ASN C 97 12.56 3.57 -33.90
CA ASN C 97 12.93 2.61 -34.93
C ASN C 97 12.15 1.33 -34.91
N ASP C 98 11.34 1.12 -33.87
CA ASP C 98 10.60 -0.14 -33.74
C ASP C 98 9.11 0.05 -33.48
N TYR C 99 8.62 1.24 -33.78
CA TYR C 99 7.22 1.57 -33.57
C TYR C 99 6.56 2.09 -34.84
N LEU C 100 5.28 1.77 -35.00
CA LEU C 100 4.50 2.25 -36.12
C LEU C 100 3.17 2.72 -35.59
N ILE C 101 2.74 3.88 -36.05
CA ILE C 101 1.47 4.47 -35.66
C ILE C 101 0.71 4.52 -36.98
N ILE C 102 -0.24 3.59 -37.13
CA ILE C 102 -1.00 3.45 -38.37
C ILE C 102 -2.45 3.91 -38.38
N LYS C 103 -2.79 4.70 -39.40
CA LYS C 103 -4.16 5.18 -39.55
C LYS C 103 -4.83 4.06 -40.31
N MET C 104 -5.81 3.43 -39.65
CA MET C 104 -6.54 2.30 -40.23
C MET C 104 -7.74 2.66 -41.09
N PRO C 105 -8.02 1.83 -42.11
CA PRO C 105 -9.15 2.00 -43.03
C PRO C 105 -10.35 1.31 -42.39
N ASN C 106 -11.51 1.31 -43.02
CA ASN C 106 -12.65 0.67 -42.40
C ASN C 106 -12.45 -0.84 -42.38
N VAL C 107 -13.14 -1.52 -41.46
CA VAL C 107 -13.04 -2.97 -41.29
C VAL C 107 -13.35 -3.80 -42.53
N LYS C 108 -14.10 -3.20 -43.47
CA LYS C 108 -14.48 -3.84 -44.73
C LYS C 108 -13.30 -3.83 -45.70
N THR C 109 -12.64 -2.66 -45.80
CA THR C 109 -11.48 -2.45 -46.67
C THR C 109 -10.33 -3.35 -46.23
N PHE C 110 -10.07 -3.34 -44.92
CA PHE C 110 -8.98 -4.11 -44.33
C PHE C 110 -9.28 -4.42 -42.86
N ASP C 111 -9.86 -5.58 -42.62
CA ASP C 111 -10.16 -5.98 -41.25
C ASP C 111 -8.85 -5.98 -40.49
N PHE C 112 -8.75 -5.17 -39.44
CA PHE C 112 -7.52 -5.09 -38.67
C PHE C 112 -6.94 -6.42 -38.22
N ARG C 113 -7.76 -7.46 -38.18
CA ARG C 113 -7.28 -8.78 -37.78
C ARG C 113 -6.24 -9.27 -38.79
N LYS C 114 -6.22 -8.65 -39.97
CA LYS C 114 -5.29 -9.05 -41.01
C LYS C 114 -3.84 -8.68 -40.74
N ILE C 115 -3.62 -7.77 -39.81
CA ILE C 115 -2.26 -7.37 -39.51
C ILE C 115 -1.47 -8.51 -38.86
N PHE C 116 -2.16 -9.51 -38.35
CA PHE C 116 -1.50 -10.63 -37.66
C PHE C 116 -0.90 -11.74 -38.50
N ASP C 117 0.15 -12.35 -37.94
CA ASP C 117 0.85 -13.43 -38.60
C ASP C 117 -0.10 -14.60 -38.71
N ASN C 118 0.34 -15.65 -39.39
CA ASN C 118 -0.49 -16.80 -39.60
C ASN C 118 -1.00 -17.42 -38.32
N GLU C 119 -0.05 -17.73 -37.43
CA GLU C 119 -0.40 -18.38 -36.17
C GLU C 119 -1.45 -17.64 -35.34
N THR C 120 -1.31 -16.34 -35.23
CA THR C 120 -2.25 -15.54 -34.46
C THR C 120 -3.61 -15.50 -35.12
N ARG C 121 -3.66 -15.25 -36.42
CA ARG C 121 -4.94 -15.20 -37.17
C ARG C 121 -5.74 -16.49 -37.00
N GLU C 122 -5.02 -17.60 -36.87
CA GLU C 122 -5.64 -18.91 -36.67
C GLU C 122 -6.29 -18.97 -35.29
N LYS C 123 -5.56 -18.62 -34.23
CA LYS C 123 -6.14 -18.62 -32.89
C LYS C 123 -7.46 -17.85 -32.95
N LEU C 124 -7.45 -16.69 -33.61
CA LEU C 124 -8.65 -15.88 -33.72
C LEU C 124 -9.74 -16.62 -34.45
N HIS C 125 -9.36 -17.37 -35.49
CA HIS C 125 -10.34 -18.14 -36.26
C HIS C 125 -10.98 -19.18 -35.35
N GLN C 126 -10.16 -19.91 -34.61
CA GLN C 126 -10.70 -20.93 -33.71
C GLN C 126 -11.78 -20.27 -32.85
N LEU C 127 -11.43 -19.19 -32.16
CA LEU C 127 -12.39 -18.50 -31.31
C LEU C 127 -13.62 -18.05 -32.07
N GLU C 128 -13.40 -17.32 -33.17
CA GLU C 128 -14.49 -16.83 -33.98
C GLU C 128 -15.45 -17.96 -34.30
N LYS C 129 -14.91 -18.97 -34.97
CA LYS C 129 -15.66 -20.13 -35.39
C LYS C 129 -16.42 -20.74 -34.22
N SER C 130 -15.73 -20.93 -33.11
CA SER C 130 -16.34 -21.50 -31.93
C SER C 130 -17.59 -20.75 -31.53
N LEU C 131 -17.47 -19.42 -31.45
CA LEU C 131 -18.58 -18.56 -31.05
C LEU C 131 -19.80 -18.68 -31.96
N LEU C 132 -19.56 -19.03 -33.22
CA LEU C 132 -20.65 -19.20 -34.18
C LEU C 132 -21.26 -20.61 -34.10
N THR C 133 -20.54 -21.51 -33.44
CA THR C 133 -21.00 -22.88 -33.27
C THR C 133 -21.90 -23.02 -32.04
N HIS C 134 -22.98 -22.26 -32.01
CA HIS C 134 -23.94 -22.29 -30.91
C HIS C 134 -25.31 -22.01 -31.44
N LYS C 135 -26.33 -22.46 -30.71
CA LYS C 135 -27.68 -22.24 -31.15
C LYS C 135 -27.78 -20.74 -31.37
N GLN C 136 -27.46 -19.96 -30.33
CA GLN C 136 -27.47 -18.51 -30.42
C GLN C 136 -26.07 -18.12 -30.91
N GLN C 137 -25.93 -17.81 -32.19
CA GLN C 137 -24.63 -17.44 -32.73
C GLN C 137 -24.12 -16.14 -32.18
N VAL C 138 -22.84 -16.14 -31.85
CA VAL C 138 -22.20 -14.97 -31.27
C VAL C 138 -20.97 -14.55 -32.06
N ARG C 139 -20.70 -13.26 -32.08
CA ARG C 139 -19.55 -12.72 -32.79
C ARG C 139 -18.83 -11.71 -31.92
N LEU C 140 -17.73 -11.18 -32.42
CA LEU C 140 -16.95 -10.16 -31.72
C LEU C 140 -16.64 -9.08 -32.74
N ILE C 141 -17.63 -8.25 -33.02
CA ILE C 141 -17.49 -7.19 -34.01
C ILE C 141 -17.35 -5.77 -33.48
N THR C 142 -16.43 -5.04 -34.10
CA THR C 142 -16.16 -3.65 -33.79
C THR C 142 -15.49 -3.03 -34.99
N SER C 143 -15.72 -1.75 -35.19
CA SER C 143 -15.10 -1.04 -36.30
C SER C 143 -13.60 -1.00 -36.06
N ASN C 144 -12.80 -0.97 -37.12
CA ASN C 144 -11.36 -0.92 -36.97
C ASN C 144 -11.00 0.28 -36.08
N PRO C 145 -9.99 0.13 -35.21
CA PRO C 145 -9.67 1.29 -34.38
C PRO C 145 -9.08 2.35 -35.34
N ASP C 146 -9.35 3.63 -35.08
CA ASP C 146 -8.85 4.69 -35.95
C ASP C 146 -7.33 4.60 -36.11
N LEU C 147 -6.65 4.44 -34.99
CA LEU C 147 -5.20 4.38 -34.99
C LEU C 147 -4.68 3.13 -34.31
N LEU C 148 -3.68 2.50 -34.91
CA LEU C 148 -3.05 1.33 -34.34
C LEU C 148 -1.57 1.60 -34.09
N ILE C 149 -1.08 1.21 -32.92
CA ILE C 149 0.30 1.42 -32.57
C ILE C 149 0.94 0.07 -32.40
N ILE C 150 1.84 -0.27 -33.32
CA ILE C 150 2.54 -1.53 -33.33
C ILE C 150 3.98 -1.37 -32.91
N ARG C 151 4.53 -2.36 -32.24
CA ARG C 151 5.93 -2.32 -31.84
C ARG C 151 6.61 -3.60 -32.26
N GLN C 152 7.20 -3.59 -33.45
CA GLN C 152 7.89 -4.75 -34.00
C GLN C 152 8.96 -4.24 -34.95
N LYS C 153 10.20 -4.29 -34.49
CA LYS C 153 11.34 -3.79 -35.25
C LYS C 153 11.40 -4.18 -36.73
N ASP C 154 11.26 -5.46 -37.03
CA ASP C 154 11.34 -5.93 -38.41
C ASP C 154 10.27 -5.42 -39.37
N LEU C 155 9.42 -4.52 -38.93
CA LEU C 155 8.36 -4.01 -39.81
C LEU C 155 8.68 -2.61 -40.32
N ILE C 156 9.65 -1.96 -39.68
CA ILE C 156 10.04 -0.62 -40.07
C ILE C 156 10.94 -0.61 -41.30
N LYS C 157 10.48 0.12 -42.32
CA LYS C 157 11.20 0.27 -43.57
C LYS C 157 11.81 1.68 -43.53
N SER C 158 13.05 1.82 -44.00
CA SER C 158 13.75 3.10 -44.00
C SER C 158 12.94 4.25 -44.56
N GLU C 159 12.06 3.93 -45.50
CA GLU C 159 11.22 4.92 -46.14
C GLU C 159 10.17 5.55 -45.19
N TYR C 160 9.98 4.97 -44.00
CA TYR C 160 9.03 5.49 -43.02
C TYR C 160 9.69 6.60 -42.23
N ASN C 161 11.02 6.70 -42.36
CA ASN C 161 11.80 7.70 -41.65
C ASN C 161 11.88 9.05 -42.35
N LEU C 162 11.26 9.14 -43.51
CA LEU C 162 11.24 10.39 -44.26
C LEU C 162 10.01 11.16 -43.84
N PRO C 163 10.19 12.21 -43.02
CA PRO C 163 9.07 13.03 -42.53
C PRO C 163 8.25 13.65 -43.65
N ILE C 164 6.96 13.83 -43.37
CA ILE C 164 6.03 14.43 -44.33
C ILE C 164 5.90 15.90 -43.93
N ASN C 165 6.46 16.80 -44.73
CA ASN C 165 6.40 18.23 -44.39
C ASN C 165 5.43 19.08 -45.22
N LYS C 166 4.64 18.40 -46.04
CA LYS C 166 3.66 19.07 -46.85
C LYS C 166 2.62 18.03 -47.23
N LEU C 167 1.37 18.44 -47.34
CA LEU C 167 0.32 17.49 -47.69
C LEU C 167 0.16 17.40 -49.20
N THR C 168 0.47 16.22 -49.72
CA THR C 168 0.36 16.01 -51.15
C THR C 168 -0.32 14.67 -51.37
N HIS C 169 -0.93 14.51 -52.54
CA HIS C 169 -1.61 13.27 -52.89
C HIS C 169 -0.78 12.05 -52.47
N GLU C 170 0.50 12.06 -52.83
CA GLU C 170 1.35 10.94 -52.48
C GLU C 170 1.53 10.84 -50.96
N ASN C 171 1.83 11.99 -50.33
CA ASN C 171 2.02 12.07 -48.87
C ASN C 171 0.89 11.43 -48.09
N ILE C 172 -0.32 11.89 -48.38
CA ILE C 172 -1.51 11.38 -47.72
C ILE C 172 -1.68 9.90 -48.02
N ASP C 173 -1.61 9.53 -49.30
CA ASP C 173 -1.74 8.14 -49.71
C ASP C 173 -0.70 7.21 -49.05
N VAL C 174 0.53 7.66 -48.84
CA VAL C 174 1.50 6.76 -48.22
C VAL C 174 1.12 6.58 -46.76
N ALA C 175 0.61 7.63 -46.14
CA ALA C 175 0.21 7.57 -44.74
C ALA C 175 -1.00 6.66 -44.57
N LEU C 176 -1.98 6.82 -45.47
CA LEU C 176 -3.21 6.04 -45.43
C LEU C 176 -3.14 4.63 -46.01
N THR C 177 -1.98 4.23 -46.52
CA THR C 177 -1.83 2.88 -47.05
C THR C 177 -0.73 2.14 -46.31
N LEU C 178 -0.19 2.80 -45.31
CA LEU C 178 0.87 2.24 -44.49
C LEU C 178 0.42 0.89 -43.94
N PHE C 179 -0.87 0.79 -43.68
CA PHE C 179 -1.46 -0.43 -43.12
C PHE C 179 -1.23 -1.67 -44.02
N LYS C 180 -1.24 -1.47 -45.33
CA LYS C 180 -1.03 -2.57 -46.26
C LYS C 180 0.30 -3.26 -46.05
N ASP C 181 1.36 -2.48 -45.80
CA ASP C 181 2.68 -3.04 -45.62
C ASP C 181 2.76 -4.11 -44.53
N ILE C 182 2.09 -3.91 -43.41
CA ILE C 182 2.18 -4.85 -42.31
C ILE C 182 1.24 -6.04 -42.34
N GLU C 183 0.36 -6.11 -43.34
CA GLU C 183 -0.61 -7.20 -43.43
C GLU C 183 0.00 -8.58 -43.25
N GLY C 184 -0.54 -9.32 -42.28
CA GLY C 184 -0.10 -10.67 -41.97
C GLY C 184 1.30 -10.81 -41.42
N LYS C 185 1.88 -9.73 -40.92
CA LYS C 185 3.25 -9.80 -40.41
C LYS C 185 3.43 -9.53 -38.92
N CYS C 186 2.38 -9.06 -38.25
CA CYS C 186 2.49 -8.74 -36.83
C CYS C 186 2.30 -9.91 -35.88
N LYS C 187 3.18 -9.99 -34.88
CA LYS C 187 3.05 -10.99 -33.83
C LYS C 187 2.03 -10.47 -32.84
N TRP C 188 1.08 -11.32 -32.45
CA TRP C 188 0.00 -10.86 -31.61
C TRP C 188 0.36 -9.82 -30.54
N ASP C 189 1.48 -10.02 -29.84
CA ASP C 189 1.88 -9.07 -28.80
C ASP C 189 2.67 -7.86 -29.31
N SER C 190 2.72 -7.70 -30.63
CA SER C 190 3.42 -6.55 -31.19
C SER C 190 2.44 -5.38 -31.18
N LEU C 191 1.16 -5.72 -31.04
CA LEU C 191 0.10 -4.74 -30.99
C LEU C 191 0.10 -4.26 -29.55
N VAL C 192 0.32 -2.96 -29.36
CA VAL C 192 0.39 -2.43 -28.00
C VAL C 192 -0.74 -1.48 -27.59
N ALA C 193 -1.33 -0.80 -28.56
CA ALA C 193 -2.40 0.14 -28.25
C ALA C 193 -3.21 0.59 -29.46
N GLY C 194 -4.45 0.99 -29.19
CA GLY C 194 -5.33 1.47 -30.24
C GLY C 194 -5.84 2.81 -29.78
N VAL C 195 -6.27 3.65 -30.72
CA VAL C 195 -6.77 4.95 -30.36
C VAL C 195 -7.99 5.32 -31.19
N GLY C 196 -9.05 5.71 -30.50
CA GLY C 196 -10.25 6.12 -31.20
C GLY C 196 -10.20 7.63 -31.26
N LEU C 197 -10.36 8.18 -32.46
CA LEU C 197 -10.31 9.63 -32.66
C LEU C 197 -11.71 10.17 -32.94
N LYS C 198 -12.03 11.27 -32.26
CA LYS C 198 -13.32 11.94 -32.40
C LYS C 198 -13.15 13.45 -32.23
N THR C 199 -13.58 14.23 -33.22
CA THR C 199 -13.47 15.69 -33.13
C THR C 199 -14.27 16.17 -31.92
N SER C 200 -15.36 15.47 -31.61
CA SER C 200 -16.21 15.83 -30.46
C SER C 200 -16.87 14.60 -29.84
N LEU C 201 -17.30 14.73 -28.60
CA LEU C 201 -17.96 13.61 -27.94
C LEU C 201 -19.41 13.94 -27.69
N ARG C 202 -20.18 12.90 -27.37
CA ARG C 202 -21.60 13.02 -27.04
C ARG C 202 -21.86 11.90 -26.05
N PRO C 203 -22.84 12.10 -25.16
CA PRO C 203 -23.14 11.07 -24.17
C PRO C 203 -23.34 9.71 -24.78
N ASP C 204 -23.80 9.67 -26.02
CA ASP C 204 -24.02 8.39 -26.67
C ASP C 204 -22.82 7.90 -27.48
N ARG C 205 -22.25 8.79 -28.31
CA ARG C 205 -21.10 8.42 -29.14
C ARG C 205 -19.86 8.04 -28.35
N ARG C 206 -19.65 8.66 -27.21
CA ARG C 206 -18.47 8.34 -26.41
C ARG C 206 -18.47 6.89 -25.93
N LEU C 207 -19.66 6.29 -25.86
CA LEU C 207 -19.78 4.91 -25.42
C LEU C 207 -19.29 3.94 -26.51
N GLN C 208 -19.11 4.46 -27.72
CA GLN C 208 -18.63 3.65 -28.82
C GLN C 208 -17.18 3.35 -28.55
N LEU C 209 -16.50 4.26 -27.87
CA LEU C 209 -15.09 4.06 -27.53
C LEU C 209 -14.98 2.92 -26.52
N VAL C 210 -15.88 2.91 -25.55
CA VAL C 210 -15.90 1.87 -24.53
C VAL C 210 -16.14 0.51 -25.18
N HIS C 211 -17.08 0.47 -26.13
CA HIS C 211 -17.36 -0.75 -26.85
C HIS C 211 -16.09 -1.21 -27.60
N GLU C 212 -15.49 -0.32 -28.38
CA GLU C 212 -14.29 -0.65 -29.12
C GLU C 212 -13.23 -1.23 -28.19
N GLY C 213 -12.86 -0.46 -27.16
CA GLY C 213 -11.85 -0.94 -26.25
C GLY C 213 -12.20 -2.28 -25.64
N ASN C 214 -13.47 -2.45 -25.31
CA ASN C 214 -13.92 -3.68 -24.71
C ASN C 214 -13.74 -4.85 -25.64
N ILE C 215 -14.27 -4.78 -26.85
CA ILE C 215 -14.13 -5.88 -27.79
C ILE C 215 -12.68 -6.14 -28.20
N LEU C 216 -11.89 -5.08 -28.36
CA LEU C 216 -10.49 -5.24 -28.72
C LEU C 216 -9.76 -5.92 -27.58
N LYS C 217 -9.99 -5.47 -26.34
CA LYS C 217 -9.31 -6.06 -25.19
C LYS C 217 -9.78 -7.47 -24.93
N SER C 218 -11.00 -7.79 -25.37
CA SER C 218 -11.55 -9.12 -25.19
C SER C 218 -10.81 -10.07 -26.12
N LEU C 219 -10.58 -9.61 -27.35
CA LEU C 219 -9.84 -10.40 -28.31
C LEU C 219 -8.43 -10.60 -27.80
N PHE C 220 -7.78 -9.52 -27.44
CA PHE C 220 -6.41 -9.60 -26.95
C PHE C 220 -6.30 -10.51 -25.75
N ALA C 221 -7.35 -10.51 -24.92
CA ALA C 221 -7.38 -11.33 -23.73
C ALA C 221 -7.35 -12.78 -24.13
N HIS C 222 -8.01 -13.11 -25.23
CA HIS C 222 -8.01 -14.49 -25.68
C HIS C 222 -6.70 -14.93 -26.29
N LEU C 223 -5.95 -13.99 -26.86
CA LEU C 223 -4.65 -14.34 -27.41
C LEU C 223 -3.68 -14.59 -26.24
N LYS C 224 -3.80 -13.79 -25.19
CA LYS C 224 -2.97 -13.93 -24.01
C LYS C 224 -3.20 -15.32 -23.43
N MET C 225 -4.47 -15.75 -23.40
CA MET C 225 -4.78 -17.08 -22.88
C MET C 225 -4.18 -18.12 -23.84
N ALA C 226 -4.43 -17.94 -25.13
CA ALA C 226 -3.94 -18.83 -26.17
C ALA C 226 -2.44 -19.09 -26.04
N TYR C 227 -1.67 -18.01 -25.86
CA TYR C 227 -0.23 -18.13 -25.73
C TYR C 227 0.14 -18.12 -24.27
N TRP C 228 -0.85 -18.31 -23.42
CA TRP C 228 -0.66 -18.29 -21.97
C TRP C 228 0.46 -17.35 -21.54
N ASN C 229 0.32 -16.08 -21.91
CA ASN C 229 1.30 -15.04 -21.61
C ASN C 229 0.63 -13.89 -20.86
N PRO C 230 0.68 -13.90 -19.51
CA PRO C 230 0.06 -12.85 -18.70
C PRO C 230 0.75 -11.48 -18.76
N LYS C 231 1.94 -11.44 -19.33
CA LYS C 231 2.67 -10.19 -19.43
C LYS C 231 2.14 -9.28 -20.53
N ALA C 232 1.88 -9.82 -21.71
CA ALA C 232 1.40 -9.02 -22.84
C ALA C 232 0.30 -8.07 -22.42
N GLU C 233 0.31 -6.87 -22.99
CA GLU C 233 -0.63 -5.82 -22.64
C GLU C 233 -1.16 -5.07 -23.86
N PHE C 234 -2.44 -4.74 -23.86
CA PHE C 234 -3.00 -3.93 -24.93
C PHE C 234 -3.83 -2.84 -24.27
N LYS C 235 -3.58 -1.60 -24.66
CA LYS C 235 -4.31 -0.49 -24.10
C LYS C 235 -5.03 0.24 -25.19
N TYR C 236 -6.20 0.77 -24.84
CA TYR C 236 -7.00 1.49 -25.82
C TYR C 236 -7.22 2.90 -25.28
N TYR C 237 -7.09 3.88 -26.16
CA TYR C 237 -7.24 5.25 -25.74
C TYR C 237 -8.19 6.03 -26.64
N GLY C 238 -8.71 7.12 -26.10
CA GLY C 238 -9.62 7.95 -26.86
C GLY C 238 -9.02 9.35 -26.95
N ALA C 239 -9.28 10.04 -28.05
CA ALA C 239 -8.75 11.37 -28.25
C ALA C 239 -9.82 12.29 -28.86
N SER C 240 -10.04 13.42 -28.20
CA SER C 240 -11.02 14.40 -28.66
C SER C 240 -10.33 15.73 -28.98
N SER C 241 -10.83 16.46 -29.97
CA SER C 241 -10.25 17.75 -30.33
C SER C 241 -10.85 18.85 -29.45
N GLU C 242 -11.79 18.47 -28.60
CA GLU C 242 -12.46 19.40 -27.70
C GLU C 242 -12.30 19.02 -26.23
N PRO C 243 -12.71 19.93 -25.32
CA PRO C 243 -12.61 19.68 -23.89
C PRO C 243 -13.40 18.44 -23.48
N VAL C 244 -12.85 17.68 -22.57
CA VAL C 244 -13.50 16.48 -22.08
C VAL C 244 -14.10 16.75 -20.71
N SER C 245 -15.43 16.68 -20.61
CA SER C 245 -16.13 16.94 -19.36
C SER C 245 -15.93 15.81 -18.36
N LYS C 246 -16.30 16.04 -17.10
CA LYS C 246 -16.16 15.03 -16.07
C LYS C 246 -17.09 13.86 -16.42
N ALA C 247 -18.21 14.19 -17.05
CA ALA C 247 -19.19 13.21 -17.47
C ALA C 247 -18.52 12.31 -18.49
N ASP C 248 -17.87 12.93 -19.47
CA ASP C 248 -17.16 12.18 -20.50
C ASP C 248 -16.14 11.28 -19.83
N ASP C 249 -15.39 11.86 -18.90
CA ASP C 249 -14.38 11.14 -18.16
C ASP C 249 -14.90 9.91 -17.43
N ASP C 250 -15.94 10.10 -16.61
CA ASP C 250 -16.50 8.98 -15.86
C ASP C 250 -16.97 7.90 -16.79
N ALA C 251 -17.68 8.29 -17.85
CA ALA C 251 -18.19 7.33 -18.82
C ALA C 251 -17.04 6.49 -19.37
N LEU C 252 -15.94 7.15 -19.72
CA LEU C 252 -14.78 6.47 -20.28
C LEU C 252 -13.92 5.71 -19.28
N GLN C 253 -14.43 5.58 -18.06
CA GLN C 253 -13.77 4.81 -17.01
C GLN C 253 -14.43 3.44 -16.91
N THR C 254 -15.45 3.23 -17.73
CA THR C 254 -16.14 1.95 -17.79
C THR C 254 -15.15 0.84 -18.09
N ALA C 255 -15.25 -0.27 -17.36
CA ALA C 255 -14.29 -1.36 -17.50
C ALA C 255 -14.71 -2.41 -18.51
N ALA C 256 -13.78 -3.28 -18.87
CA ALA C 256 -14.06 -4.40 -19.76
C ALA C 256 -14.88 -5.30 -18.84
N THR C 257 -16.14 -5.47 -19.18
CA THR C 257 -17.03 -6.38 -18.46
C THR C 257 -16.36 -7.70 -18.12
N HIS C 258 -15.40 -8.12 -18.95
CA HIS C 258 -14.77 -9.43 -18.77
C HIS C 258 -13.64 -9.39 -17.73
N THR C 259 -13.34 -8.20 -17.22
CA THR C 259 -12.26 -8.06 -16.25
C THR C 259 -12.77 -7.90 -14.82
N ILE C 260 -14.09 -7.78 -14.67
CA ILE C 260 -14.66 -7.58 -13.34
C ILE C 260 -15.59 -8.72 -12.92
N VAL C 261 -15.47 -9.85 -13.60
CA VAL C 261 -16.33 -10.98 -13.29
C VAL C 261 -16.08 -11.51 -11.88
N ASN C 262 -14.80 -11.59 -11.51
CA ASN C 262 -14.42 -12.11 -10.21
C ASN C 262 -14.03 -11.08 -9.19
N VAL C 263 -14.32 -11.36 -7.94
CA VAL C 263 -14.02 -10.43 -6.86
C VAL C 263 -12.53 -10.13 -6.71
N ASN C 264 -11.63 -10.93 -7.27
CA ASN C 264 -10.21 -10.56 -7.13
C ASN C 264 -9.50 -10.07 -8.39
N SER C 265 -10.12 -10.29 -9.54
CA SER C 265 -9.55 -9.85 -10.81
C SER C 265 -9.41 -8.33 -10.73
N THR C 266 -8.19 -7.81 -10.93
CA THR C 266 -7.98 -6.36 -10.89
C THR C 266 -8.66 -5.71 -12.13
N PRO C 267 -9.76 -4.97 -11.92
CA PRO C 267 -10.52 -4.31 -12.98
C PRO C 267 -9.70 -3.49 -13.98
N GLU C 268 -10.09 -3.58 -15.24
CA GLU C 268 -9.43 -2.83 -16.30
C GLU C 268 -10.47 -2.01 -17.07
N ARG C 269 -10.10 -0.81 -17.51
CA ARG C 269 -10.99 0.06 -18.25
C ARG C 269 -11.01 -0.30 -19.71
N ALA C 270 -12.16 -0.14 -20.35
CA ALA C 270 -12.26 -0.41 -21.78
C ALA C 270 -11.35 0.59 -22.45
N VAL C 271 -11.50 1.85 -22.06
CA VAL C 271 -10.69 2.95 -22.58
C VAL C 271 -9.78 3.40 -21.43
N ASP C 272 -8.50 3.08 -21.57
CA ASP C 272 -7.52 3.40 -20.54
C ASP C 272 -7.42 4.89 -20.21
N ASP C 273 -7.54 5.74 -21.22
CA ASP C 273 -7.44 7.18 -21.02
C ASP C 273 -8.07 7.95 -22.18
N ILE C 274 -8.57 9.15 -21.88
CA ILE C 274 -9.17 10.00 -22.89
C ILE C 274 -8.33 11.28 -22.97
N PHE C 275 -7.97 11.67 -24.18
CA PHE C 275 -7.15 12.85 -24.35
C PHE C 275 -7.91 13.99 -25.05
N SER C 276 -7.69 15.20 -24.57
CA SER C 276 -8.29 16.39 -25.17
C SER C 276 -7.13 17.06 -25.93
N LEU C 277 -7.17 16.98 -27.26
CA LEU C 277 -6.12 17.55 -28.09
C LEU C 277 -6.50 18.92 -28.63
N THR C 278 -5.96 19.96 -28.02
CA THR C 278 -6.27 21.31 -28.46
C THR C 278 -5.32 21.77 -29.59
N SER C 279 -4.05 21.36 -29.50
CA SER C 279 -3.06 21.73 -30.50
C SER C 279 -2.33 20.49 -31.03
N PHE C 280 -1.56 20.66 -32.09
CA PHE C 280 -0.81 19.55 -32.66
C PHE C 280 0.29 19.12 -31.71
N GLU C 281 0.65 20.02 -30.80
CA GLU C 281 1.67 19.71 -29.83
C GLU C 281 1.15 18.63 -28.91
N ASP C 282 -0.16 18.70 -28.63
CA ASP C 282 -0.82 17.75 -27.76
C ASP C 282 -0.85 16.33 -28.32
N ILE C 283 -0.90 16.23 -29.64
CA ILE C 283 -0.90 14.93 -30.30
C ILE C 283 0.42 14.25 -29.92
N ASP C 284 1.51 15.01 -29.94
CA ASP C 284 2.81 14.48 -29.59
C ASP C 284 2.83 14.04 -28.14
N LYS C 285 2.28 14.89 -27.27
CA LYS C 285 2.24 14.57 -25.85
C LYS C 285 1.43 13.31 -25.58
N MET C 286 0.30 13.19 -26.29
CA MET C 286 -0.56 12.03 -26.12
C MET C 286 0.25 10.79 -26.48
N LEU C 287 0.83 10.81 -27.68
CA LEU C 287 1.65 9.70 -28.18
C LEU C 287 2.77 9.39 -27.23
N ASP C 288 3.31 10.41 -26.57
CA ASP C 288 4.37 10.18 -25.61
C ASP C 288 3.81 9.34 -24.47
N GLN C 289 2.62 9.70 -24.02
CA GLN C 289 1.94 9.02 -22.92
C GLN C 289 1.54 7.59 -23.24
N ILE C 290 1.12 7.39 -24.48
CA ILE C 290 0.68 6.09 -24.94
C ILE C 290 1.86 5.15 -25.16
N ILE C 291 2.84 5.60 -25.94
CA ILE C 291 4.01 4.77 -26.26
C ILE C 291 4.92 4.58 -25.06
N LYS C 292 4.88 5.58 -24.18
CA LYS C 292 5.62 5.67 -22.92
C LYS C 292 6.86 4.80 -22.83
N ASN D 4 -55.97 26.57 -36.35
CA ASN D 4 -55.31 25.35 -36.89
C ASN D 4 -53.78 25.44 -36.84
N LEU D 5 -53.15 25.51 -38.01
CA LEU D 5 -51.69 25.59 -38.10
C LEU D 5 -51.15 26.77 -37.31
N THR D 6 -51.90 27.87 -37.32
CA THR D 6 -51.53 29.09 -36.61
C THR D 6 -51.49 28.88 -35.10
N ASN D 7 -52.51 28.19 -34.58
CA ASN D 7 -52.63 27.91 -33.15
C ASN D 7 -52.13 26.51 -32.83
N SER D 8 -50.84 26.39 -32.52
CA SER D 8 -50.26 25.09 -32.19
C SER D 8 -49.13 25.13 -31.16
N ASN D 9 -49.13 24.15 -30.26
CA ASN D 9 -48.10 24.03 -29.23
C ASN D 9 -46.94 23.30 -29.92
N CYS D 10 -47.22 22.88 -31.16
CA CYS D 10 -46.30 22.17 -32.03
C CYS D 10 -44.92 22.83 -32.15
N VAL D 11 -44.88 24.15 -31.95
CA VAL D 11 -43.63 24.90 -32.03
C VAL D 11 -43.57 25.92 -30.88
N GLU D 12 -42.35 26.37 -30.55
CA GLU D 12 -42.17 27.29 -29.43
C GLU D 12 -40.77 27.94 -29.43
N GLU D 13 -40.67 29.18 -29.91
CA GLU D 13 -39.39 29.89 -29.97
C GLU D 13 -38.87 30.43 -28.63
N TYR D 14 -37.63 30.92 -28.66
CA TYR D 14 -36.94 31.48 -27.49
C TYR D 14 -35.81 32.41 -27.96
N LYS D 15 -35.01 32.90 -27.01
CA LYS D 15 -33.89 33.79 -27.34
C LYS D 15 -32.56 33.21 -26.89
N GLU D 16 -31.55 33.30 -27.76
CA GLU D 16 -30.20 32.80 -27.47
C GLU D 16 -29.19 33.90 -27.88
N ASN D 17 -28.40 34.39 -26.93
CA ASN D 17 -27.44 35.48 -27.17
C ASN D 17 -28.29 36.73 -27.26
N GLY D 18 -29.60 36.49 -27.31
CA GLY D 18 -30.58 37.54 -27.46
C GLY D 18 -31.11 37.31 -28.87
N LYS D 19 -30.62 36.25 -29.51
CA LYS D 19 -31.02 35.87 -30.87
C LYS D 19 -32.18 34.87 -30.88
N THR D 20 -33.10 35.06 -31.82
CA THR D 20 -34.29 34.23 -31.92
C THR D 20 -34.10 32.86 -32.56
N LYS D 21 -34.24 31.82 -31.73
CA LYS D 21 -34.10 30.44 -32.15
C LYS D 21 -35.49 29.80 -32.25
N ILE D 22 -35.55 28.55 -32.71
CA ILE D 22 -36.82 27.84 -32.85
C ILE D 22 -36.76 26.44 -32.18
N ARG D 23 -37.65 26.21 -31.21
CA ARG D 23 -37.69 24.95 -30.47
C ARG D 23 -38.94 24.07 -30.69
N ILE D 24 -38.80 23.00 -31.46
CA ILE D 24 -39.93 22.11 -31.69
C ILE D 24 -40.37 21.57 -30.33
N LYS D 25 -41.64 21.26 -30.20
CA LYS D 25 -42.14 20.70 -28.95
C LYS D 25 -42.79 19.36 -29.26
N PRO D 26 -42.01 18.27 -29.11
CA PRO D 26 -42.40 16.88 -29.35
C PRO D 26 -43.62 16.35 -28.57
N PHE D 27 -43.71 16.68 -27.28
CA PHE D 27 -44.86 16.25 -26.47
C PHE D 27 -46.13 16.77 -27.13
N ASN D 28 -46.04 18.00 -27.65
CA ASN D 28 -47.16 18.68 -28.28
C ASN D 28 -47.49 18.31 -29.73
N ALA D 29 -46.50 18.18 -30.59
CA ALA D 29 -46.80 17.79 -31.97
C ALA D 29 -47.54 16.45 -31.94
N LEU D 30 -47.50 15.81 -30.77
CA LEU D 30 -48.16 14.52 -30.50
C LEU D 30 -49.55 14.72 -29.88
N ILE D 31 -49.60 15.28 -28.67
CA ILE D 31 -50.88 15.52 -28.00
C ILE D 31 -51.81 16.22 -28.99
N GLU D 32 -51.26 17.19 -29.71
CA GLU D 32 -52.02 17.95 -30.70
C GLU D 32 -52.50 17.06 -31.83
N LEU D 33 -51.55 16.34 -32.43
CA LEU D 33 -51.88 15.47 -33.55
C LEU D 33 -52.56 14.14 -33.20
N TYR D 34 -52.79 13.89 -31.92
CA TYR D 34 -53.42 12.63 -31.50
C TYR D 34 -54.40 12.80 -30.34
N HIS D 35 -55.29 13.78 -30.47
CA HIS D 35 -56.29 14.06 -29.45
C HIS D 35 -57.44 13.05 -29.58
N HIS D 36 -58.04 12.97 -30.76
CA HIS D 36 -59.14 12.04 -31.02
C HIS D 36 -58.72 10.60 -30.68
N GLN D 37 -57.63 10.14 -31.28
CA GLN D 37 -57.14 8.78 -31.05
C GLN D 37 -55.62 8.67 -31.12
N THR D 38 -55.13 7.47 -30.85
CA THR D 38 -53.69 7.20 -30.90
C THR D 38 -53.34 6.51 -32.22
N PRO D 39 -52.19 6.88 -32.81
CA PRO D 39 -51.72 6.32 -34.08
C PRO D 39 -51.69 4.81 -34.16
N THR D 40 -51.46 4.34 -35.38
CA THR D 40 -51.35 2.92 -35.71
C THR D 40 -50.83 2.80 -37.13
N GLY D 41 -50.98 1.62 -37.72
CA GLY D 41 -50.52 1.40 -39.07
C GLY D 41 -49.02 1.43 -39.21
N SER D 42 -48.55 2.05 -40.29
CA SER D 42 -47.11 2.13 -40.53
C SER D 42 -46.49 3.18 -39.62
N ILE D 43 -45.48 2.76 -38.86
CA ILE D 43 -44.81 3.66 -37.96
C ILE D 43 -44.12 4.78 -38.75
N LYS D 44 -43.50 4.44 -39.87
CA LYS D 44 -42.86 5.46 -40.68
C LYS D 44 -43.89 6.44 -41.22
N GLU D 45 -45.08 5.91 -41.50
CA GLU D 45 -46.19 6.71 -42.02
C GLU D 45 -46.64 7.72 -40.98
N ASN D 46 -46.30 7.46 -39.72
CA ASN D 46 -46.68 8.34 -38.62
C ASN D 46 -45.55 9.33 -38.29
N LEU D 47 -44.32 8.92 -38.55
CA LEU D 47 -43.15 9.75 -38.27
C LEU D 47 -43.01 10.87 -39.31
N ASP D 48 -43.33 10.55 -40.56
CA ASP D 48 -43.27 11.54 -41.63
C ASP D 48 -44.47 12.46 -41.48
N LYS D 49 -45.61 11.86 -41.12
CA LYS D 49 -46.84 12.61 -40.92
C LYS D 49 -46.58 13.68 -39.86
N LEU D 50 -45.98 13.27 -38.75
CA LEU D 50 -45.65 14.17 -37.66
C LEU D 50 -44.61 15.21 -38.09
N GLU D 51 -43.68 14.79 -38.95
CA GLU D 51 -42.63 15.69 -39.39
C GLU D 51 -43.16 16.72 -40.36
N ASN D 52 -43.94 16.28 -41.35
CA ASN D 52 -44.50 17.20 -42.32
C ASN D 52 -45.45 18.15 -41.61
N TYR D 53 -46.13 17.65 -40.59
CA TYR D 53 -47.05 18.47 -39.83
C TYR D 53 -46.27 19.63 -39.20
N VAL D 54 -45.14 19.31 -38.59
CA VAL D 54 -44.31 20.33 -37.97
C VAL D 54 -43.80 21.30 -39.04
N LYS D 55 -43.50 20.77 -40.22
CA LYS D 55 -43.01 21.59 -41.33
C LYS D 55 -44.09 22.50 -41.89
N ASP D 56 -45.32 22.02 -41.93
CA ASP D 56 -46.43 22.82 -42.43
C ASP D 56 -46.79 23.87 -41.39
N VAL D 57 -46.80 23.48 -40.12
CA VAL D 57 -47.11 24.42 -39.06
C VAL D 57 -46.10 25.56 -39.07
N VAL D 58 -44.82 25.22 -39.20
CA VAL D 58 -43.77 26.22 -39.21
C VAL D 58 -43.85 27.06 -40.48
N LYS D 59 -44.19 26.41 -41.58
CA LYS D 59 -44.31 27.09 -42.88
C LYS D 59 -45.43 28.13 -42.75
N ALA D 60 -46.51 27.71 -42.09
CA ALA D 60 -47.67 28.56 -41.87
C ALA D 60 -47.38 29.69 -40.87
N LYS D 61 -46.55 29.40 -39.87
CA LYS D 61 -46.22 30.42 -38.89
C LYS D 61 -45.19 31.40 -39.46
N GLY D 62 -44.71 31.12 -40.66
CA GLY D 62 -43.73 31.98 -41.30
C GLY D 62 -42.34 31.85 -40.70
N LEU D 63 -42.10 30.75 -40.00
CA LEU D 63 -40.82 30.51 -39.35
C LEU D 63 -39.96 29.62 -40.27
N ALA D 64 -38.65 29.56 -40.00
CA ALA D 64 -37.76 28.75 -40.83
C ALA D 64 -37.94 27.26 -40.49
N ILE D 65 -37.68 26.38 -41.46
CA ILE D 65 -37.81 24.92 -41.29
C ILE D 65 -36.70 24.37 -40.37
N PRO D 66 -37.07 23.63 -39.30
CA PRO D 66 -36.08 23.09 -38.37
C PRO D 66 -34.94 22.29 -39.03
N THR D 67 -33.75 22.35 -38.42
CA THR D 67 -32.57 21.64 -38.90
C THR D 67 -32.78 20.15 -38.72
N SER D 68 -31.99 19.35 -39.44
CA SER D 68 -32.09 17.91 -39.32
C SER D 68 -31.88 17.55 -37.86
N GLY D 69 -30.93 18.24 -37.21
CA GLY D 69 -30.63 17.99 -35.82
C GLY D 69 -31.87 18.00 -34.96
N ALA D 70 -32.76 18.96 -35.23
CA ALA D 70 -33.99 19.05 -34.49
C ALA D 70 -34.89 17.86 -34.81
N PHE D 71 -35.06 17.57 -36.10
CA PHE D 71 -35.90 16.46 -36.52
C PHE D 71 -35.36 15.10 -36.10
N SER D 72 -34.04 14.95 -36.06
CA SER D 72 -33.45 13.69 -35.63
C SER D 72 -33.83 13.49 -34.18
N ASN D 73 -33.64 14.54 -33.38
CA ASN D 73 -33.97 14.49 -31.97
C ASN D 73 -35.45 14.17 -31.79
N THR D 74 -36.29 15.03 -32.38
CA THR D 74 -37.73 14.88 -32.30
C THR D 74 -38.23 13.49 -32.73
N ARG D 75 -37.85 13.06 -33.92
CA ARG D 75 -38.26 11.75 -34.42
C ARG D 75 -37.90 10.68 -33.38
N GLY D 76 -36.79 10.91 -32.69
CA GLY D 76 -36.36 9.96 -31.69
C GLY D 76 -37.42 9.87 -30.61
N THR D 77 -37.85 11.02 -30.13
CA THR D 77 -38.87 11.09 -29.09
C THR D 77 -40.18 10.49 -29.57
N TRP D 78 -40.67 10.94 -30.72
CA TRP D 78 -41.91 10.41 -31.24
C TRP D 78 -41.91 8.88 -31.23
N PHE D 79 -40.87 8.30 -31.83
CA PHE D 79 -40.75 6.85 -31.90
C PHE D 79 -40.87 6.23 -30.52
N GLU D 80 -40.17 6.80 -29.56
CA GLU D 80 -40.19 6.29 -28.20
C GLU D 80 -41.55 6.34 -27.54
N VAL D 81 -42.21 7.48 -27.63
CA VAL D 81 -43.53 7.62 -27.03
C VAL D 81 -44.54 6.67 -27.66
N MET D 82 -44.57 6.60 -28.99
CA MET D 82 -45.51 5.72 -29.68
C MET D 82 -45.31 4.29 -29.17
N ILE D 83 -44.05 3.90 -29.02
CA ILE D 83 -43.76 2.58 -28.55
C ILE D 83 -44.13 2.44 -27.09
N ALA D 84 -43.92 3.51 -26.32
CA ALA D 84 -44.24 3.50 -24.91
C ALA D 84 -45.74 3.33 -24.69
N ILE D 85 -46.53 4.08 -25.45
CA ILE D 85 -47.98 4.00 -25.32
C ILE D 85 -48.43 2.61 -25.78
N GLN D 86 -47.96 2.23 -26.97
CA GLN D 86 -48.30 0.95 -27.54
C GLN D 86 -48.01 -0.17 -26.56
N SER D 87 -46.94 -0.02 -25.79
CA SER D 87 -46.56 -1.04 -24.82
C SER D 87 -47.52 -0.98 -23.64
N TRP D 88 -47.92 0.24 -23.28
CA TRP D 88 -48.84 0.41 -22.16
C TRP D 88 -50.09 -0.41 -22.44
N ASN D 89 -50.66 -0.19 -23.63
CA ASN D 89 -51.88 -0.91 -24.04
C ASN D 89 -51.64 -2.39 -24.28
N TYR D 90 -50.47 -2.72 -24.81
CA TYR D 90 -50.15 -4.11 -25.07
C TYR D 90 -50.39 -5.01 -23.87
N ARG D 91 -49.87 -4.63 -22.71
CA ARG D 91 -50.02 -5.46 -21.51
C ARG D 91 -51.46 -5.46 -21.02
N VAL D 92 -52.22 -4.45 -21.41
CA VAL D 92 -53.61 -4.36 -21.02
C VAL D 92 -54.45 -5.39 -21.77
N LYS D 93 -54.39 -5.33 -23.09
CA LYS D 93 -55.15 -6.26 -23.93
C LYS D 93 -54.60 -7.68 -23.86
N ARG D 94 -53.36 -7.82 -23.40
CA ARG D 94 -52.73 -9.13 -23.29
C ARG D 94 -52.96 -9.74 -21.89
N GLU D 95 -53.59 -8.99 -20.98
CA GLU D 95 -53.82 -9.55 -19.65
C GLU D 95 -52.50 -9.84 -18.94
N LEU D 96 -51.59 -8.88 -19.02
CA LEU D 96 -50.29 -9.01 -18.37
C LEU D 96 -50.36 -8.23 -17.07
N ASN D 97 -51.01 -8.84 -16.09
CA ASN D 97 -51.21 -8.23 -14.77
C ASN D 97 -49.94 -8.15 -13.95
N ASP D 98 -48.94 -8.96 -14.30
CA ASP D 98 -47.71 -9.00 -13.54
C ASP D 98 -46.51 -8.46 -14.31
N TYR D 99 -46.79 -7.76 -15.40
CA TYR D 99 -45.76 -7.20 -16.25
C TYR D 99 -45.91 -5.69 -16.43
N LEU D 100 -44.77 -5.01 -16.54
CA LEU D 100 -44.74 -3.56 -16.77
C LEU D 100 -43.70 -3.31 -17.83
N ILE D 101 -44.06 -2.47 -18.80
CA ILE D 101 -43.16 -2.10 -19.88
C ILE D 101 -43.02 -0.61 -19.68
N ILE D 102 -41.87 -0.20 -19.16
CA ILE D 102 -41.62 1.20 -18.83
C ILE D 102 -40.68 1.99 -19.72
N LYS D 103 -41.12 3.17 -20.14
CA LYS D 103 -40.28 4.05 -20.95
C LYS D 103 -39.45 4.81 -19.92
N MET D 104 -38.14 4.60 -19.95
CA MET D 104 -37.23 5.22 -19.01
C MET D 104 -36.71 6.61 -19.39
N PRO D 105 -36.43 7.45 -18.38
CA PRO D 105 -35.91 8.80 -18.57
C PRO D 105 -34.37 8.67 -18.63
N ASN D 106 -33.63 9.77 -18.77
CA ASN D 106 -32.18 9.65 -18.85
C ASN D 106 -31.61 9.22 -17.49
N VAL D 107 -30.41 8.67 -17.51
CA VAL D 107 -29.75 8.17 -16.32
C VAL D 107 -29.57 9.20 -15.22
N LYS D 108 -29.54 10.46 -15.59
CA LYS D 108 -29.41 11.53 -14.59
C LYS D 108 -30.76 11.70 -13.90
N THR D 109 -31.80 11.98 -14.68
CA THR D 109 -33.15 12.16 -14.14
C THR D 109 -33.49 11.04 -13.19
N PHE D 110 -33.27 9.81 -13.62
CA PHE D 110 -33.57 8.63 -12.80
C PHE D 110 -32.68 7.46 -13.19
N ASP D 111 -31.56 7.30 -12.50
CA ASP D 111 -30.66 6.18 -12.78
C ASP D 111 -31.47 4.88 -12.61
N PHE D 112 -31.56 4.10 -13.68
CA PHE D 112 -32.35 2.87 -13.63
C PHE D 112 -32.03 1.94 -12.45
N ARG D 113 -30.87 2.11 -11.82
CA ARG D 113 -30.50 1.26 -10.70
C ARG D 113 -31.45 1.51 -9.52
N LYS D 114 -32.13 2.66 -9.57
CA LYS D 114 -33.05 3.04 -8.51
C LYS D 114 -34.31 2.18 -8.43
N ILE D 115 -34.63 1.48 -9.51
CA ILE D 115 -35.81 0.64 -9.53
C ILE D 115 -35.70 -0.51 -8.54
N PHE D 116 -34.48 -0.80 -8.09
CA PHE D 116 -34.26 -1.93 -7.19
C PHE D 116 -34.50 -1.71 -5.71
N ASP D 117 -34.90 -2.79 -5.03
CA ASP D 117 -35.15 -2.76 -3.60
C ASP D 117 -33.82 -2.44 -2.94
N ASN D 118 -33.82 -2.23 -1.63
CA ASN D 118 -32.57 -1.88 -0.97
C ASN D 118 -31.52 -2.96 -0.88
N GLU D 119 -31.93 -4.20 -0.77
CA GLU D 119 -30.93 -5.24 -0.71
C GLU D 119 -30.15 -5.30 -2.01
N THR D 120 -30.85 -5.24 -3.14
CA THR D 120 -30.23 -5.28 -4.46
C THR D 120 -29.37 -4.04 -4.70
N ARG D 121 -29.91 -2.86 -4.41
CA ARG D 121 -29.17 -1.61 -4.57
C ARG D 121 -27.85 -1.69 -3.82
N GLU D 122 -27.87 -2.42 -2.73
CA GLU D 122 -26.68 -2.60 -1.91
C GLU D 122 -25.61 -3.33 -2.70
N LYS D 123 -25.92 -4.58 -3.04
CA LYS D 123 -25.01 -5.40 -3.80
C LYS D 123 -24.34 -4.56 -4.88
N LEU D 124 -25.13 -3.78 -5.60
CA LEU D 124 -24.60 -2.93 -6.65
C LEU D 124 -23.62 -1.91 -6.10
N HIS D 125 -23.91 -1.39 -4.92
CA HIS D 125 -23.01 -0.44 -4.32
C HIS D 125 -21.69 -1.12 -4.01
N GLN D 126 -21.76 -2.32 -3.42
CA GLN D 126 -20.54 -3.07 -3.11
C GLN D 126 -19.64 -3.07 -4.33
N LEU D 127 -20.19 -3.61 -5.40
CA LEU D 127 -19.46 -3.71 -6.66
C LEU D 127 -18.92 -2.36 -7.12
N GLU D 128 -19.78 -1.34 -7.12
CA GLU D 128 -19.41 0.01 -7.54
C GLU D 128 -18.23 0.55 -6.75
N LYS D 129 -18.36 0.49 -5.42
CA LYS D 129 -17.32 0.98 -4.54
C LYS D 129 -16.08 0.17 -4.78
N SER D 130 -16.25 -1.13 -4.96
CA SER D 130 -15.08 -1.96 -5.18
C SER D 130 -14.29 -1.54 -6.42
N LEU D 131 -14.98 -1.42 -7.54
CA LEU D 131 -14.34 -1.05 -8.80
C LEU D 131 -13.59 0.26 -8.74
N LEU D 132 -14.05 1.17 -7.88
CA LEU D 132 -13.41 2.49 -7.73
C LEU D 132 -12.23 2.41 -6.78
N THR D 133 -12.16 1.32 -6.04
CA THR D 133 -11.10 1.11 -5.06
C THR D 133 -9.89 0.47 -5.71
N HIS D 134 -9.34 1.14 -6.72
CA HIS D 134 -8.17 0.63 -7.43
C HIS D 134 -7.35 1.79 -7.93
N LYS D 135 -6.11 1.46 -8.27
CA LYS D 135 -5.15 2.42 -8.81
C LYS D 135 -5.79 3.17 -9.99
N GLN D 136 -6.16 2.44 -11.03
CA GLN D 136 -6.84 3.02 -12.18
C GLN D 136 -8.32 2.68 -11.93
N GLN D 137 -9.10 3.67 -11.52
CA GLN D 137 -10.51 3.51 -11.19
C GLN D 137 -11.39 3.05 -12.36
N VAL D 138 -12.30 2.14 -12.05
CA VAL D 138 -13.20 1.57 -13.02
C VAL D 138 -14.68 1.75 -12.64
N ARG D 139 -15.52 1.91 -13.66
CA ARG D 139 -16.95 2.07 -13.47
C ARG D 139 -17.73 1.18 -14.42
N LEU D 140 -19.04 1.20 -14.28
CA LEU D 140 -19.93 0.44 -15.15
C LEU D 140 -21.04 1.38 -15.56
N ILE D 141 -20.74 2.24 -16.53
CA ILE D 141 -21.67 3.23 -17.00
C ILE D 141 -22.29 2.99 -18.38
N THR D 142 -23.60 3.22 -18.45
CA THR D 142 -24.37 3.09 -19.68
C THR D 142 -25.63 3.94 -19.50
N SER D 143 -26.11 4.48 -20.61
CA SER D 143 -27.33 5.27 -20.57
C SER D 143 -28.49 4.34 -20.18
N ASN D 144 -29.51 4.89 -19.54
CA ASN D 144 -30.65 4.07 -19.16
C ASN D 144 -31.19 3.37 -20.41
N PRO D 145 -31.65 2.12 -20.27
CA PRO D 145 -32.19 1.49 -21.48
C PRO D 145 -33.49 2.23 -21.81
N ASP D 146 -33.79 2.40 -23.10
CA ASP D 146 -35.00 3.12 -23.51
C ASP D 146 -36.26 2.53 -22.88
N LEU D 147 -36.35 1.20 -22.89
CA LEU D 147 -37.50 0.49 -22.34
C LEU D 147 -37.10 -0.60 -21.37
N LEU D 148 -37.80 -0.68 -20.24
CA LEU D 148 -37.53 -1.73 -19.26
C LEU D 148 -38.78 -2.57 -19.11
N ILE D 149 -38.59 -3.88 -19.03
CA ILE D 149 -39.70 -4.79 -18.87
C ILE D 149 -39.51 -5.50 -17.54
N ILE D 150 -40.41 -5.22 -16.60
CA ILE D 150 -40.35 -5.79 -15.27
C ILE D 150 -41.49 -6.79 -15.08
N ARG D 151 -41.23 -7.83 -14.31
CA ARG D 151 -42.25 -8.83 -14.02
C ARG D 151 -42.31 -9.05 -12.53
N GLN D 152 -43.21 -8.30 -11.88
CA GLN D 152 -43.40 -8.38 -10.44
C GLN D 152 -44.84 -7.97 -10.17
N LYS D 153 -45.67 -8.95 -9.87
CA LYS D 153 -47.09 -8.76 -9.60
C LYS D 153 -47.48 -7.61 -8.68
N ASP D 154 -46.85 -7.53 -7.51
CA ASP D 154 -47.17 -6.48 -6.53
C ASP D 154 -46.88 -5.04 -6.95
N LEU D 155 -46.44 -4.84 -8.19
CA LEU D 155 -46.13 -3.48 -8.66
C LEU D 155 -47.22 -2.92 -9.55
N ILE D 156 -48.11 -3.80 -10.01
CA ILE D 156 -49.20 -3.39 -10.89
C ILE D 156 -50.35 -2.76 -10.11
N LYS D 157 -50.68 -1.53 -10.50
CA LYS D 157 -51.76 -0.77 -9.89
C LYS D 157 -52.90 -0.81 -10.91
N SER D 158 -54.12 -0.97 -10.42
CA SER D 158 -55.29 -1.05 -11.29
C SER D 158 -55.37 0.06 -12.34
N GLU D 159 -54.77 1.21 -12.03
CA GLU D 159 -54.79 2.37 -12.93
C GLU D 159 -53.99 2.14 -14.20
N TYR D 160 -53.10 1.13 -14.19
CA TYR D 160 -52.27 0.79 -15.34
C TYR D 160 -53.09 0.01 -16.37
N ASN D 161 -54.26 -0.47 -15.95
CA ASN D 161 -55.12 -1.26 -16.82
C ASN D 161 -56.06 -0.42 -17.68
N LEU D 162 -55.99 0.89 -17.52
CA LEU D 162 -56.83 1.79 -18.29
C LEU D 162 -56.06 2.17 -19.55
N PRO D 163 -56.43 1.57 -20.70
CA PRO D 163 -55.75 1.86 -21.96
C PRO D 163 -55.76 3.34 -22.34
N ILE D 164 -54.73 3.77 -23.05
CA ILE D 164 -54.58 5.14 -23.53
C ILE D 164 -55.02 5.13 -24.99
N ASN D 165 -56.16 5.71 -25.31
CA ASN D 165 -56.64 5.69 -26.70
C ASN D 165 -56.52 7.02 -27.42
N LYS D 166 -55.91 7.98 -26.76
CA LYS D 166 -55.70 9.30 -27.34
C LYS D 166 -54.51 9.92 -26.66
N LEU D 167 -53.73 10.70 -27.41
CA LEU D 167 -52.56 11.33 -26.82
C LEU D 167 -52.89 12.67 -26.22
N THR D 168 -52.75 12.75 -24.89
CA THR D 168 -53.03 13.99 -24.19
C THR D 168 -51.92 14.23 -23.18
N HIS D 169 -51.74 15.49 -22.79
CA HIS D 169 -50.72 15.86 -21.81
C HIS D 169 -50.69 14.89 -20.62
N GLU D 170 -51.86 14.64 -20.04
CA GLU D 170 -51.99 13.75 -18.89
C GLU D 170 -51.56 12.32 -19.19
N ASN D 171 -52.06 11.75 -20.29
CA ASN D 171 -51.72 10.38 -20.70
C ASN D 171 -50.22 10.25 -20.89
N ILE D 172 -49.66 11.09 -21.76
CA ILE D 172 -48.22 11.09 -22.00
C ILE D 172 -47.56 11.07 -20.61
N ASP D 173 -48.09 11.89 -19.70
CA ASP D 173 -47.57 11.98 -18.34
C ASP D 173 -47.59 10.72 -17.50
N VAL D 174 -48.72 10.02 -17.44
CA VAL D 174 -48.78 8.80 -16.64
C VAL D 174 -47.89 7.74 -17.24
N ALA D 175 -47.56 7.90 -18.53
CA ALA D 175 -46.69 6.94 -19.19
C ALA D 175 -45.22 7.30 -18.93
N LEU D 176 -44.85 8.53 -19.28
CA LEU D 176 -43.50 9.03 -19.09
C LEU D 176 -43.13 9.20 -17.62
N THR D 177 -43.94 8.62 -16.75
CA THR D 177 -43.69 8.72 -15.31
C THR D 177 -43.98 7.39 -14.65
N LEU D 178 -44.34 6.40 -15.44
CA LEU D 178 -44.65 5.09 -14.89
C LEU D 178 -43.50 4.63 -14.01
N PHE D 179 -42.27 4.91 -14.43
CA PHE D 179 -41.09 4.50 -13.68
C PHE D 179 -41.07 4.93 -12.20
N LYS D 180 -41.69 6.06 -11.93
CA LYS D 180 -41.72 6.57 -10.57
C LYS D 180 -42.38 5.62 -9.60
N ASP D 181 -43.54 5.11 -9.96
CA ASP D 181 -44.29 4.21 -9.09
C ASP D 181 -43.52 2.99 -8.61
N ILE D 182 -42.62 2.50 -9.47
CA ILE D 182 -41.85 1.29 -9.17
C ILE D 182 -40.53 1.52 -8.44
N GLU D 183 -40.06 2.77 -8.43
CA GLU D 183 -38.78 3.08 -7.78
C GLU D 183 -38.56 2.39 -6.44
N GLY D 184 -37.34 1.88 -6.27
CA GLY D 184 -36.98 1.20 -5.03
C GLY D 184 -37.79 -0.01 -4.62
N LYS D 185 -38.70 -0.50 -5.47
CA LYS D 185 -39.52 -1.65 -5.11
C LYS D 185 -39.19 -2.97 -5.82
N CYS D 186 -38.52 -2.87 -6.98
CA CYS D 186 -38.17 -4.04 -7.79
C CYS D 186 -37.15 -5.03 -7.23
N LYS D 187 -37.59 -6.28 -7.09
CA LYS D 187 -36.73 -7.37 -6.63
C LYS D 187 -35.76 -7.59 -7.80
N TRP D 188 -34.48 -7.73 -7.49
CA TRP D 188 -33.47 -7.88 -8.53
C TRP D 188 -33.85 -8.78 -9.69
N ASP D 189 -34.39 -9.95 -9.40
CA ASP D 189 -34.75 -10.87 -10.48
C ASP D 189 -36.10 -10.60 -11.11
N SER D 190 -36.70 -9.45 -10.79
CA SER D 190 -37.99 -9.08 -11.36
C SER D 190 -37.79 -8.36 -12.69
N LEU D 191 -36.53 -8.02 -12.97
CA LEU D 191 -36.20 -7.34 -14.22
C LEU D 191 -35.97 -8.46 -15.24
N VAL D 192 -36.79 -8.48 -16.28
CA VAL D 192 -36.69 -9.53 -17.28
C VAL D 192 -36.06 -9.13 -18.61
N ALA D 193 -36.18 -7.86 -18.97
CA ALA D 193 -35.61 -7.42 -20.24
C ALA D 193 -35.53 -5.93 -20.40
N GLY D 194 -34.67 -5.51 -21.31
CA GLY D 194 -34.49 -4.10 -21.60
C GLY D 194 -34.52 -4.03 -23.11
N VAL D 195 -34.93 -2.89 -23.66
CA VAL D 195 -35.00 -2.75 -25.11
C VAL D 195 -34.45 -1.42 -25.56
N GLY D 196 -33.69 -1.46 -26.64
CA GLY D 196 -33.10 -0.25 -27.18
C GLY D 196 -33.95 0.15 -28.35
N LEU D 197 -34.33 1.43 -28.40
CA LEU D 197 -35.15 1.93 -29.49
C LEU D 197 -34.37 2.91 -30.33
N LYS D 198 -34.51 2.77 -31.65
CA LYS D 198 -33.83 3.65 -32.57
C LYS D 198 -34.62 3.64 -33.87
N THR D 199 -34.91 4.82 -34.42
CA THR D 199 -35.66 4.90 -35.66
C THR D 199 -34.81 4.29 -36.77
N SER D 200 -33.51 4.55 -36.75
CA SER D 200 -32.61 4.00 -37.77
C SER D 200 -31.33 3.47 -37.14
N LEU D 201 -30.49 2.84 -37.96
CA LEU D 201 -29.22 2.33 -37.47
C LEU D 201 -28.09 2.70 -38.40
N ARG D 202 -26.95 2.99 -37.81
CA ARG D 202 -25.75 3.31 -38.56
C ARG D 202 -24.70 2.35 -38.02
N PRO D 203 -23.66 2.03 -38.83
CA PRO D 203 -22.59 1.11 -38.45
C PRO D 203 -21.88 1.48 -37.13
N ASP D 204 -21.89 2.75 -36.79
CA ASP D 204 -21.25 3.16 -35.55
C ASP D 204 -22.29 3.17 -34.43
N ARG D 205 -23.40 3.86 -34.65
CA ARG D 205 -24.44 3.95 -33.66
C ARG D 205 -25.00 2.64 -33.18
N ARG D 206 -25.03 1.62 -34.03
CA ARG D 206 -25.57 0.33 -33.62
C ARG D 206 -24.75 -0.34 -32.51
N LEU D 207 -23.43 -0.08 -32.48
CA LEU D 207 -22.55 -0.65 -31.47
C LEU D 207 -22.91 -0.13 -30.07
N GLN D 208 -23.85 0.80 -30.00
CA GLN D 208 -24.28 1.35 -28.73
C GLN D 208 -25.24 0.38 -28.04
N LEU D 209 -25.92 -0.44 -28.85
CA LEU D 209 -26.86 -1.42 -28.33
C LEU D 209 -26.09 -2.60 -27.73
N VAL D 210 -24.97 -2.95 -28.36
CA VAL D 210 -24.14 -4.05 -27.89
C VAL D 210 -23.56 -3.60 -26.57
N HIS D 211 -23.25 -2.31 -26.48
CA HIS D 211 -22.68 -1.76 -25.26
C HIS D 211 -23.74 -1.71 -24.17
N GLU D 212 -24.87 -1.09 -24.48
CA GLU D 212 -25.98 -0.99 -23.52
C GLU D 212 -26.23 -2.36 -22.92
N GLY D 213 -26.45 -3.35 -23.79
CA GLY D 213 -26.71 -4.69 -23.34
C GLY D 213 -25.56 -5.29 -22.55
N ASN D 214 -24.34 -5.02 -22.98
CA ASN D 214 -23.19 -5.58 -22.31
C ASN D 214 -23.07 -5.05 -20.90
N ILE D 215 -23.20 -3.74 -20.74
CA ILE D 215 -23.10 -3.20 -19.40
C ILE D 215 -24.27 -3.67 -18.57
N LEU D 216 -25.47 -3.71 -19.16
CA LEU D 216 -26.64 -4.17 -18.43
C LEU D 216 -26.48 -5.60 -18.01
N LYS D 217 -26.13 -6.48 -18.94
CA LYS D 217 -25.95 -7.90 -18.63
C LYS D 217 -24.83 -8.12 -17.61
N SER D 218 -23.70 -7.46 -17.83
CA SER D 218 -22.58 -7.57 -16.90
C SER D 218 -23.08 -7.28 -15.47
N LEU D 219 -23.85 -6.21 -15.29
CA LEU D 219 -24.41 -5.85 -14.00
C LEU D 219 -25.28 -6.98 -13.48
N PHE D 220 -26.31 -7.33 -14.24
CA PHE D 220 -27.20 -8.41 -13.84
C PHE D 220 -26.43 -9.68 -13.48
N ALA D 221 -25.36 -9.96 -14.24
CA ALA D 221 -24.55 -11.15 -13.99
C ALA D 221 -24.03 -11.15 -12.57
N HIS D 222 -23.68 -9.97 -12.07
CA HIS D 222 -23.18 -9.89 -10.72
C HIS D 222 -24.33 -10.04 -9.72
N LEU D 223 -25.54 -9.72 -10.15
CA LEU D 223 -26.67 -9.89 -9.26
C LEU D 223 -26.88 -11.39 -9.13
N LYS D 224 -26.76 -12.10 -10.24
CA LYS D 224 -26.91 -13.54 -10.25
C LYS D 224 -25.88 -14.17 -9.31
N MET D 225 -24.64 -13.69 -9.33
CA MET D 225 -23.62 -14.28 -8.46
C MET D 225 -23.77 -13.94 -6.99
N ALA D 226 -24.28 -12.75 -6.69
CA ALA D 226 -24.47 -12.34 -5.31
C ALA D 226 -25.55 -13.18 -4.62
N TYR D 227 -26.56 -13.57 -5.41
CA TYR D 227 -27.69 -14.36 -4.95
C TYR D 227 -27.50 -15.83 -5.37
N TRP D 228 -26.34 -16.14 -5.91
CA TRP D 228 -26.03 -17.48 -6.38
C TRP D 228 -27.26 -18.17 -6.96
N ASN D 229 -27.91 -17.49 -7.90
CA ASN D 229 -29.09 -18.03 -8.57
C ASN D 229 -28.84 -18.14 -10.07
N PRO D 230 -28.42 -19.33 -10.53
CA PRO D 230 -28.13 -19.59 -11.94
C PRO D 230 -29.31 -19.39 -12.86
N LYS D 231 -30.51 -19.64 -12.33
CA LYS D 231 -31.75 -19.53 -13.09
C LYS D 231 -32.08 -18.18 -13.70
N ALA D 232 -32.17 -17.15 -12.86
CA ALA D 232 -32.51 -15.81 -13.34
C ALA D 232 -31.72 -15.44 -14.59
N GLU D 233 -32.35 -14.66 -15.45
CA GLU D 233 -31.70 -14.24 -16.66
C GLU D 233 -32.32 -12.93 -17.15
N PHE D 234 -31.49 -12.07 -17.72
CA PHE D 234 -31.92 -10.79 -18.26
C PHE D 234 -31.61 -10.79 -19.73
N LYS D 235 -32.45 -10.14 -20.52
CA LYS D 235 -32.23 -10.08 -21.95
C LYS D 235 -32.35 -8.66 -22.43
N TYR D 236 -31.60 -8.34 -23.48
CA TYR D 236 -31.63 -7.00 -24.03
C TYR D 236 -31.96 -7.15 -25.51
N TYR D 237 -32.80 -6.25 -26.02
CA TYR D 237 -33.20 -6.32 -27.42
C TYR D 237 -33.07 -4.99 -28.09
N GLY D 238 -33.06 -5.00 -29.42
CA GLY D 238 -32.96 -3.77 -30.16
C GLY D 238 -34.17 -3.59 -31.06
N ALA D 239 -34.48 -2.34 -31.40
CA ALA D 239 -35.62 -2.06 -32.27
C ALA D 239 -35.38 -0.86 -33.18
N SER D 240 -35.44 -1.10 -34.48
CA SER D 240 -35.26 -0.05 -35.48
C SER D 240 -36.57 0.10 -36.22
N SER D 241 -36.97 1.33 -36.51
CA SER D 241 -38.20 1.54 -37.26
C SER D 241 -37.87 1.42 -38.75
N GLU D 242 -36.75 0.73 -39.05
CA GLU D 242 -36.29 0.53 -40.42
C GLU D 242 -35.76 -0.89 -40.62
N PRO D 243 -35.42 -1.24 -41.86
CA PRO D 243 -34.91 -2.58 -42.11
C PRO D 243 -33.58 -2.76 -41.40
N VAL D 244 -33.18 -4.01 -41.27
CA VAL D 244 -31.94 -4.32 -40.63
C VAL D 244 -31.13 -5.18 -41.59
N SER D 245 -30.01 -4.59 -42.04
CA SER D 245 -29.12 -5.24 -42.98
C SER D 245 -28.37 -6.38 -42.32
N LYS D 246 -27.80 -7.21 -43.17
CA LYS D 246 -27.02 -8.35 -42.70
C LYS D 246 -25.94 -7.87 -41.74
N ALA D 247 -25.41 -6.68 -41.97
CA ALA D 247 -24.35 -6.14 -41.15
C ALA D 247 -24.83 -5.64 -39.80
N ASP D 248 -26.06 -5.17 -39.72
CA ASP D 248 -26.60 -4.71 -38.45
C ASP D 248 -26.80 -5.97 -37.61
N ASP D 249 -27.26 -7.02 -38.28
CA ASP D 249 -27.48 -8.29 -37.66
C ASP D 249 -26.18 -8.77 -37.04
N ASP D 250 -25.20 -9.02 -37.90
CA ASP D 250 -23.89 -9.49 -37.47
C ASP D 250 -23.35 -8.68 -36.32
N ALA D 251 -23.30 -7.36 -36.51
CA ALA D 251 -22.80 -6.46 -35.48
C ALA D 251 -23.55 -6.70 -34.18
N LEU D 252 -24.86 -6.87 -34.27
CA LEU D 252 -25.68 -7.10 -33.10
C LEU D 252 -25.65 -8.52 -32.55
N GLN D 253 -24.70 -9.31 -33.03
CA GLN D 253 -24.53 -10.68 -32.56
C GLN D 253 -23.32 -10.72 -31.66
N THR D 254 -22.63 -9.59 -31.57
CA THR D 254 -21.47 -9.46 -30.69
C THR D 254 -21.84 -9.96 -29.30
N ALA D 255 -20.88 -10.64 -28.69
CA ALA D 255 -21.04 -11.20 -27.38
C ALA D 255 -20.98 -10.18 -26.26
N ALA D 256 -21.41 -10.63 -25.11
CA ALA D 256 -21.16 -9.98 -23.86
C ALA D 256 -19.84 -10.58 -23.52
N THR D 257 -18.81 -9.77 -23.48
CA THR D 257 -17.51 -10.33 -23.50
C THR D 257 -17.16 -11.18 -22.30
N HIS D 258 -17.85 -10.95 -21.21
CA HIS D 258 -17.56 -11.66 -19.99
C HIS D 258 -18.16 -13.03 -20.06
N THR D 259 -18.96 -13.27 -21.09
CA THR D 259 -19.59 -14.58 -21.18
C THR D 259 -18.83 -15.52 -22.10
N ILE D 260 -17.67 -15.09 -22.58
CA ILE D 260 -16.86 -15.94 -23.46
C ILE D 260 -15.41 -16.03 -22.97
N VAL D 261 -15.18 -15.78 -21.68
CA VAL D 261 -13.84 -15.83 -21.13
C VAL D 261 -13.33 -17.28 -21.15
N ASN D 262 -14.24 -18.21 -20.84
CA ASN D 262 -13.93 -19.64 -20.80
C ASN D 262 -14.55 -20.43 -21.93
N VAL D 263 -13.74 -21.34 -22.49
CA VAL D 263 -14.14 -22.21 -23.60
C VAL D 263 -15.38 -23.04 -23.24
N ASN D 264 -15.58 -23.30 -21.96
CA ASN D 264 -16.73 -24.08 -21.50
C ASN D 264 -17.90 -23.18 -21.11
N SER D 265 -17.72 -21.87 -21.27
CA SER D 265 -18.76 -20.91 -20.94
C SER D 265 -19.64 -20.75 -22.15
N THR D 266 -20.95 -20.82 -21.95
CA THR D 266 -21.88 -20.65 -23.07
C THR D 266 -22.03 -19.18 -23.42
N PRO D 267 -21.51 -18.78 -24.57
CA PRO D 267 -21.57 -17.39 -25.03
C PRO D 267 -22.95 -16.79 -25.07
N GLU D 268 -23.04 -15.52 -24.70
CA GLU D 268 -24.30 -14.82 -24.73
C GLU D 268 -24.14 -13.53 -25.54
N ARG D 269 -25.13 -13.21 -26.37
CA ARG D 269 -25.08 -11.99 -27.16
C ARG D 269 -25.40 -10.79 -26.29
N ALA D 270 -24.77 -9.66 -26.55
CA ALA D 270 -25.05 -8.45 -25.78
C ALA D 270 -26.51 -8.12 -26.07
N VAL D 271 -26.85 -8.12 -27.36
CA VAL D 271 -28.22 -7.86 -27.80
C VAL D 271 -28.76 -9.21 -28.31
N ASP D 272 -29.73 -9.76 -27.59
CA ASP D 272 -30.31 -11.05 -27.94
C ASP D 272 -30.97 -11.09 -29.30
N ASP D 273 -31.63 -9.99 -29.68
CA ASP D 273 -32.31 -9.95 -30.97
C ASP D 273 -32.60 -8.51 -31.38
N ILE D 274 -32.69 -8.29 -32.68
CA ILE D 274 -32.97 -6.97 -33.21
C ILE D 274 -34.28 -7.04 -33.99
N PHE D 275 -35.18 -6.11 -33.72
CA PHE D 275 -36.47 -6.10 -34.38
C PHE D 275 -36.64 -4.92 -35.34
N SER D 276 -37.23 -5.18 -36.48
CA SER D 276 -37.51 -4.16 -37.47
C SER D 276 -39.02 -3.97 -37.36
N LEU D 277 -39.43 -2.84 -36.77
CA LEU D 277 -40.84 -2.51 -36.56
C LEU D 277 -41.37 -1.60 -37.65
N THR D 278 -42.10 -2.17 -38.61
CA THR D 278 -42.66 -1.38 -39.70
C THR D 278 -44.03 -0.80 -39.33
N SER D 279 -44.82 -1.57 -38.60
CA SER D 279 -46.16 -1.14 -38.18
C SER D 279 -46.34 -1.30 -36.67
N PHE D 280 -47.43 -0.76 -36.15
CA PHE D 280 -47.69 -0.87 -34.72
C PHE D 280 -48.03 -2.31 -34.31
N GLU D 281 -48.49 -3.13 -35.26
CA GLU D 281 -48.79 -4.51 -34.92
C GLU D 281 -47.47 -5.17 -34.58
N ASP D 282 -46.42 -4.80 -35.31
CA ASP D 282 -45.09 -5.38 -35.09
C ASP D 282 -44.60 -5.16 -33.67
N ILE D 283 -44.99 -4.03 -33.08
CA ILE D 283 -44.59 -3.74 -31.71
C ILE D 283 -45.18 -4.82 -30.84
N ASP D 284 -46.43 -5.19 -31.12
CA ASP D 284 -47.10 -6.24 -30.36
C ASP D 284 -46.39 -7.57 -30.56
N LYS D 285 -46.04 -7.87 -31.80
CA LYS D 285 -45.36 -9.11 -32.13
C LYS D 285 -43.99 -9.19 -31.46
N MET D 286 -43.28 -8.07 -31.42
CA MET D 286 -41.97 -8.02 -30.78
C MET D 286 -42.17 -8.36 -29.30
N LEU D 287 -43.06 -7.62 -28.66
CA LEU D 287 -43.35 -7.83 -27.25
C LEU D 287 -43.76 -9.26 -26.97
N ASP D 288 -44.47 -9.86 -27.92
CA ASP D 288 -44.89 -11.25 -27.73
C ASP D 288 -43.66 -12.12 -27.64
N GLN D 289 -42.73 -11.89 -28.55
CA GLN D 289 -41.52 -12.70 -28.56
C GLN D 289 -40.63 -12.43 -27.34
N ILE D 290 -40.57 -11.17 -26.92
CA ILE D 290 -39.77 -10.81 -25.77
C ILE D 290 -40.33 -11.38 -24.48
N ILE D 291 -41.61 -11.11 -24.23
CA ILE D 291 -42.24 -11.58 -23.00
C ILE D 291 -42.32 -13.10 -22.92
N LYS D 292 -41.96 -13.70 -24.06
CA LYS D 292 -41.88 -15.16 -24.26
C LYS D 292 -43.17 -15.89 -24.60
N ASN E 4 22.08 -21.55 67.26
CA ASN E 4 20.93 -20.67 66.85
C ASN E 4 20.89 -20.41 65.35
N LEU E 5 21.99 -20.66 64.65
CA LEU E 5 22.06 -20.44 63.21
C LEU E 5 21.28 -21.51 62.44
N THR E 6 21.36 -22.75 62.92
CA THR E 6 20.71 -23.89 62.27
C THR E 6 19.18 -23.94 62.32
N ASN E 7 18.55 -22.77 62.32
CA ASN E 7 17.11 -22.66 62.34
C ASN E 7 16.71 -21.33 61.71
N SER E 8 17.72 -20.58 61.28
CA SER E 8 17.51 -19.28 60.65
C SER E 8 16.59 -19.42 59.44
N ASN E 9 15.93 -18.32 59.05
CA ASN E 9 15.02 -18.34 57.92
C ASN E 9 15.61 -17.72 56.66
N CYS E 10 16.92 -17.52 56.66
CA CYS E 10 17.58 -16.91 55.51
C CYS E 10 17.67 -17.89 54.32
N VAL E 11 17.37 -19.17 54.57
CA VAL E 11 17.41 -20.17 53.50
C VAL E 11 16.08 -20.89 53.39
N GLU E 12 16.04 -21.90 52.53
CA GLU E 12 14.81 -22.66 52.34
C GLU E 12 15.03 -23.90 51.47
N GLU E 13 14.40 -25.00 51.84
CA GLU E 13 14.52 -26.22 51.06
C GLU E 13 13.15 -26.56 50.49
N TYR E 14 12.99 -26.25 49.22
CA TYR E 14 11.77 -26.50 48.49
C TYR E 14 12.12 -27.68 47.59
N LYS E 15 11.09 -28.41 47.15
CA LYS E 15 11.30 -29.56 46.29
C LYS E 15 11.15 -29.23 44.81
N GLU E 16 12.27 -29.17 44.10
CA GLU E 16 12.28 -28.88 42.68
C GLU E 16 12.34 -30.20 41.92
N ASN E 17 11.19 -30.87 41.81
CA ASN E 17 11.09 -32.17 41.13
C ASN E 17 12.13 -33.15 41.72
N GLY E 18 11.80 -33.69 42.89
CA GLY E 18 12.70 -34.61 43.56
C GLY E 18 13.79 -33.91 44.35
N LYS E 19 14.80 -33.42 43.63
CA LYS E 19 15.93 -32.72 44.23
C LYS E 19 15.55 -31.86 45.43
N THR E 20 16.46 -31.79 46.39
CA THR E 20 16.25 -30.97 47.59
C THR E 20 17.04 -29.67 47.37
N LYS E 21 16.33 -28.60 47.04
CA LYS E 21 16.95 -27.30 46.77
C LYS E 21 16.85 -26.25 47.89
N ILE E 22 17.87 -25.39 47.97
CA ILE E 22 17.91 -24.31 48.96
C ILE E 22 17.68 -22.95 48.30
N ARG E 23 16.59 -22.30 48.69
CA ARG E 23 16.21 -21.00 48.14
C ARG E 23 16.56 -19.90 49.12
N ILE E 24 17.65 -19.18 48.85
CA ILE E 24 18.06 -18.06 49.70
C ILE E 24 16.85 -17.16 49.87
N LYS E 25 16.44 -16.92 51.12
CA LYS E 25 15.32 -16.04 51.40
C LYS E 25 15.93 -14.72 51.89
N PRO E 26 16.35 -13.87 50.93
CA PRO E 26 16.99 -12.55 51.11
C PRO E 26 16.43 -11.58 52.15
N PHE E 27 15.12 -11.30 52.11
CA PHE E 27 14.55 -10.36 53.07
C PHE E 27 14.79 -10.79 54.51
N ASN E 28 14.55 -12.06 54.79
CA ASN E 28 14.72 -12.60 56.14
C ASN E 28 16.18 -12.54 56.60
N ALA E 29 17.11 -12.51 55.65
CA ALA E 29 18.54 -12.44 55.95
C ALA E 29 18.99 -11.03 56.34
N LEU E 30 18.12 -10.05 56.12
CA LEU E 30 18.41 -8.66 56.46
C LEU E 30 17.78 -8.46 57.83
N ILE E 31 16.55 -8.95 57.93
CA ILE E 31 15.78 -8.84 59.14
C ILE E 31 16.46 -9.57 60.29
N GLU E 32 17.34 -10.52 59.98
CA GLU E 32 18.01 -11.24 61.05
C GLU E 32 19.35 -10.64 61.43
N LEU E 33 20.05 -10.08 60.45
CA LEU E 33 21.32 -9.45 60.74
C LEU E 33 21.01 -8.06 61.24
N TYR E 34 19.85 -7.55 60.87
CA TYR E 34 19.46 -6.21 61.26
C TYR E 34 18.09 -6.15 61.93
N HIS E 35 17.80 -7.15 62.76
CA HIS E 35 16.54 -7.21 63.47
C HIS E 35 16.36 -6.10 64.49
N HIS E 36 17.46 -5.41 64.80
CA HIS E 36 17.41 -4.33 65.79
C HIS E 36 17.83 -2.96 65.27
N GLN E 37 18.74 -2.91 64.29
CA GLN E 37 19.19 -1.63 63.75
C GLN E 37 19.47 -1.61 62.25
N THR E 38 19.43 -0.43 61.65
CA THR E 38 19.67 -0.27 60.21
C THR E 38 21.15 -0.45 59.86
N PRO E 39 21.42 -1.13 58.74
CA PRO E 39 22.83 -1.30 58.36
C PRO E 39 23.42 0.05 58.02
N THR E 40 24.62 0.29 58.52
CA THR E 40 25.31 1.53 58.24
C THR E 40 26.78 1.25 58.09
N GLY E 41 27.59 2.30 58.05
CA GLY E 41 29.01 2.11 57.88
C GLY E 41 29.36 1.87 56.44
N SER E 42 29.92 0.69 56.15
CA SER E 42 30.32 0.34 54.78
C SER E 42 29.35 -0.56 54.03
N ILE E 43 28.89 -0.08 52.87
CA ILE E 43 27.98 -0.86 52.04
C ILE E 43 28.74 -2.08 51.55
N LYS E 44 29.86 -1.81 50.88
CA LYS E 44 30.68 -2.88 50.37
C LYS E 44 30.86 -3.97 51.41
N GLU E 45 31.19 -3.58 52.63
CA GLU E 45 31.38 -4.55 53.70
C GLU E 45 30.07 -5.18 54.12
N ASN E 46 29.09 -4.35 54.46
CA ASN E 46 27.79 -4.86 54.89
C ASN E 46 27.24 -5.94 53.93
N LEU E 47 27.65 -5.89 52.67
CA LEU E 47 27.17 -6.87 51.69
C LEU E 47 27.83 -8.23 51.93
N ASP E 48 29.13 -8.20 52.18
CA ASP E 48 29.91 -9.40 52.43
C ASP E 48 29.39 -10.13 53.67
N LYS E 49 29.16 -9.39 54.75
CA LYS E 49 28.64 -10.02 55.97
C LYS E 49 27.28 -10.65 55.71
N LEU E 50 26.39 -9.89 55.09
CA LEU E 50 25.07 -10.43 54.77
C LEU E 50 25.27 -11.74 54.03
N GLU E 51 26.32 -11.78 53.22
CA GLU E 51 26.64 -12.97 52.44
C GLU E 51 27.15 -14.11 53.31
N ASN E 52 27.96 -13.77 54.30
CA ASN E 52 28.52 -14.78 55.20
C ASN E 52 27.47 -15.36 56.13
N TYR E 53 26.71 -14.51 56.82
CA TYR E 53 25.67 -15.00 57.70
C TYR E 53 24.84 -16.06 56.98
N VAL E 54 24.39 -15.71 55.78
CA VAL E 54 23.60 -16.64 54.98
C VAL E 54 24.51 -17.75 54.46
N LYS E 55 25.81 -17.47 54.44
CA LYS E 55 26.81 -18.45 53.98
C LYS E 55 27.27 -19.29 55.17
N ASP E 56 26.78 -18.96 56.35
CA ASP E 56 27.12 -19.70 57.56
C ASP E 56 25.89 -20.40 58.12
N VAL E 57 24.71 -20.06 57.60
CA VAL E 57 23.48 -20.71 58.03
C VAL E 57 23.31 -21.88 57.06
N VAL E 58 24.28 -22.00 56.16
CA VAL E 58 24.27 -23.07 55.16
C VAL E 58 25.07 -24.28 55.62
N LYS E 59 26.39 -24.18 55.56
CA LYS E 59 27.27 -25.27 56.00
C LYS E 59 26.81 -25.81 57.36
N ALA E 60 26.44 -24.91 58.26
CA ALA E 60 25.99 -25.30 59.60
C ALA E 60 24.84 -26.28 59.43
N LYS E 61 23.81 -25.86 58.69
CA LYS E 61 22.65 -26.71 58.46
C LYS E 61 22.95 -27.82 57.44
N GLY E 62 24.23 -28.14 57.30
CA GLY E 62 24.67 -29.20 56.40
C GLY E 62 24.37 -29.10 54.91
N LEU E 63 24.13 -27.89 54.42
CA LEU E 63 23.82 -27.68 53.00
C LEU E 63 25.02 -27.08 52.27
N ALA E 64 24.91 -26.97 50.96
CA ALA E 64 25.98 -26.42 50.13
C ALA E 64 25.74 -24.94 49.84
N ILE E 65 26.76 -24.12 50.10
CA ILE E 65 26.67 -22.68 49.87
C ILE E 65 26.08 -22.39 48.49
N PRO E 66 24.85 -21.92 48.48
CA PRO E 66 24.16 -21.59 47.21
C PRO E 66 25.06 -20.93 46.16
N THR E 67 24.81 -21.27 44.89
CA THR E 67 25.67 -20.82 43.79
C THR E 67 25.67 -19.30 43.70
N SER E 68 26.84 -18.74 43.37
CA SER E 68 26.98 -17.29 43.24
C SER E 68 25.87 -16.70 42.39
N GLY E 69 25.26 -17.53 41.54
CA GLY E 69 24.19 -17.09 40.69
C GLY E 69 23.07 -16.66 41.61
N ALA E 70 22.73 -17.52 42.56
CA ALA E 70 21.68 -17.24 43.53
C ALA E 70 22.14 -16.09 44.43
N PHE E 71 23.46 -15.97 44.56
CA PHE E 71 24.08 -14.92 45.37
C PHE E 71 24.05 -13.58 44.64
N SER E 72 24.31 -13.62 43.33
CA SER E 72 24.28 -12.42 42.50
C SER E 72 22.86 -11.92 42.52
N ASN E 73 21.91 -12.83 42.38
CA ASN E 73 20.52 -12.45 42.42
C ASN E 73 20.25 -11.85 43.79
N THR E 74 20.65 -12.56 44.82
CA THR E 74 20.44 -12.13 46.21
C THR E 74 21.16 -10.81 46.53
N ARG E 75 22.47 -10.76 46.26
CA ARG E 75 23.28 -9.58 46.51
C ARG E 75 22.66 -8.29 46.01
N GLY E 76 22.19 -8.31 44.78
CA GLY E 76 21.58 -7.14 44.19
C GLY E 76 20.47 -6.58 45.04
N THR E 77 19.57 -7.46 45.46
CA THR E 77 18.44 -7.05 46.27
C THR E 77 18.89 -6.39 47.58
N TRP E 78 19.86 -6.98 48.26
CA TRP E 78 20.35 -6.41 49.51
C TRP E 78 20.78 -4.97 49.27
N PHE E 79 21.41 -4.73 48.13
CA PHE E 79 21.88 -3.42 47.75
C PHE E 79 20.71 -2.45 47.54
N GLU E 80 19.74 -2.86 46.73
CA GLU E 80 18.56 -2.03 46.46
C GLU E 80 17.76 -1.76 47.72
N VAL E 81 17.72 -2.75 48.62
CA VAL E 81 16.99 -2.63 49.86
C VAL E 81 17.71 -1.69 50.82
N MET E 82 18.99 -1.94 51.04
CA MET E 82 19.73 -1.06 51.94
C MET E 82 19.55 0.37 51.48
N ILE E 83 19.70 0.57 50.18
CA ILE E 83 19.55 1.89 49.61
C ILE E 83 18.13 2.41 49.83
N ALA E 84 17.13 1.58 49.56
CA ALA E 84 15.75 2.01 49.75
C ALA E 84 15.51 2.46 51.18
N ILE E 85 16.29 1.92 52.10
CA ILE E 85 16.15 2.26 53.50
C ILE E 85 16.91 3.53 53.83
N GLN E 86 18.19 3.59 53.52
CA GLN E 86 18.92 4.81 53.82
C GLN E 86 18.18 5.96 53.12
N SER E 87 17.64 5.70 51.93
CA SER E 87 16.90 6.72 51.17
C SER E 87 15.65 7.22 51.88
N TRP E 88 14.95 6.31 52.53
CA TRP E 88 13.72 6.64 53.26
C TRP E 88 14.06 7.51 54.48
N ASN E 89 14.97 7.03 55.32
CA ASN E 89 15.39 7.76 56.52
C ASN E 89 16.04 9.06 56.09
N TYR E 90 16.71 8.99 54.94
CA TYR E 90 17.39 10.14 54.37
C TYR E 90 16.46 11.32 54.26
N ARG E 91 15.31 11.14 53.61
CA ARG E 91 14.43 12.27 53.51
C ARG E 91 13.88 12.59 54.89
N VAL E 92 13.99 11.66 55.83
CA VAL E 92 13.52 11.94 57.18
C VAL E 92 14.44 12.93 57.90
N LYS E 93 15.72 12.56 58.05
CA LYS E 93 16.73 13.42 58.69
C LYS E 93 16.85 14.79 57.99
N ARG E 94 16.78 14.80 56.65
CA ARG E 94 16.87 16.04 55.85
C ARG E 94 15.56 16.79 55.93
N GLU E 95 14.48 16.03 55.94
CA GLU E 95 13.15 16.58 56.01
C GLU E 95 12.70 17.24 54.74
N LEU E 96 12.67 16.47 53.65
CA LEU E 96 12.21 17.00 52.38
C LEU E 96 10.71 16.64 52.37
N ASN E 97 9.91 17.51 52.98
CA ASN E 97 8.48 17.29 53.10
C ASN E 97 7.67 17.52 51.84
N ASP E 98 8.26 17.17 50.71
CA ASP E 98 7.59 17.25 49.42
C ASP E 98 8.32 16.33 48.43
N TYR E 99 9.17 15.46 48.97
CA TYR E 99 9.95 14.52 48.18
C TYR E 99 9.75 13.06 48.63
N LEU E 100 9.77 12.16 47.66
CA LEU E 100 9.65 10.74 47.93
C LEU E 100 10.68 10.01 47.09
N ILE E 101 11.40 9.11 47.73
CA ILE E 101 12.42 8.29 47.09
C ILE E 101 11.85 6.88 47.24
N ILE E 102 11.35 6.35 46.12
CA ILE E 102 10.71 5.06 46.09
C ILE E 102 11.47 3.92 45.44
N LYS E 103 11.52 2.79 46.13
CA LYS E 103 12.16 1.59 45.59
C LYS E 103 11.05 0.91 44.80
N MET E 104 11.24 0.84 43.49
CA MET E 104 10.26 0.27 42.59
C MET E 104 10.32 -1.26 42.41
N PRO E 105 9.18 -1.88 42.13
CA PRO E 105 9.06 -3.32 41.90
C PRO E 105 9.28 -3.54 40.39
N ASN E 106 9.23 -4.77 39.90
CA ASN E 106 9.44 -4.96 38.47
C ASN E 106 8.28 -4.36 37.67
N VAL E 107 8.54 -4.07 36.40
CA VAL E 107 7.56 -3.45 35.53
C VAL E 107 6.26 -4.24 35.38
N LYS E 108 6.33 -5.51 35.67
CA LYS E 108 5.15 -6.34 35.56
C LYS E 108 4.28 -6.15 36.81
N THR E 109 4.88 -6.26 37.98
CA THR E 109 4.19 -6.08 39.25
C THR E 109 3.49 -4.73 39.27
N PHE E 110 4.22 -3.69 38.87
CA PHE E 110 3.69 -2.33 38.85
C PHE E 110 4.42 -1.48 37.82
N ASP E 111 3.88 -1.41 36.61
CA ASP E 111 4.51 -0.62 35.56
C ASP E 111 4.61 0.80 36.09
N PHE E 112 5.82 1.34 36.18
CA PHE E 112 6.01 2.70 36.71
C PHE E 112 5.12 3.78 36.08
N ARG E 113 4.59 3.52 34.89
CA ARG E 113 3.74 4.49 34.23
C ARG E 113 2.47 4.69 35.05
N LYS E 114 2.20 3.76 35.94
CA LYS E 114 1.00 3.83 36.76
C LYS E 114 1.03 4.93 37.81
N ILE E 115 2.22 5.43 38.12
CA ILE E 115 2.33 6.47 39.13
C ILE E 115 1.65 7.76 38.69
N PHE E 116 1.42 7.91 37.40
CA PHE E 116 0.83 9.13 36.86
C PHE E 116 -0.67 9.30 36.96
N ASP E 117 -1.10 10.55 37.05
CA ASP E 117 -2.51 10.90 37.11
C ASP E 117 -3.15 10.48 35.80
N ASN E 118 -4.48 10.57 35.72
CA ASN E 118 -5.18 10.16 34.51
C ASN E 118 -4.67 10.86 33.27
N GLU E 119 -4.73 12.19 33.29
CA GLU E 119 -4.32 12.99 32.16
C GLU E 119 -2.96 12.61 31.57
N THR E 120 -1.97 12.44 32.43
CA THR E 120 -0.65 12.07 31.96
C THR E 120 -0.67 10.66 31.37
N ARG E 121 -1.33 9.73 32.03
CA ARG E 121 -1.41 8.35 31.53
C ARG E 121 -2.05 8.39 30.15
N GLU E 122 -3.00 9.30 29.98
CA GLU E 122 -3.69 9.47 28.70
C GLU E 122 -2.67 9.73 27.60
N LYS E 123 -1.90 10.80 27.76
CA LYS E 123 -0.88 11.20 26.81
C LYS E 123 0.02 10.04 26.43
N LEU E 124 0.47 9.29 27.44
CA LEU E 124 1.34 8.15 27.19
C LEU E 124 0.64 7.09 26.35
N HIS E 125 -0.66 6.92 26.59
CA HIS E 125 -1.41 5.95 25.82
C HIS E 125 -1.44 6.41 24.37
N GLN E 126 -1.73 7.69 24.16
CA GLN E 126 -1.76 8.26 22.82
C GLN E 126 -0.50 7.75 22.14
N LEU E 127 0.64 8.20 22.65
CA LEU E 127 1.93 7.83 22.09
C LEU E 127 2.17 6.35 21.85
N GLU E 128 2.06 5.55 22.90
CA GLU E 128 2.32 4.12 22.78
C GLU E 128 1.31 3.34 21.95
N LYS E 129 0.19 3.98 21.62
CA LYS E 129 -0.84 3.39 20.79
C LYS E 129 -0.48 3.79 19.36
N SER E 130 0.01 5.01 19.21
CA SER E 130 0.42 5.53 17.91
C SER E 130 1.60 4.72 17.37
N LEU E 131 2.58 4.48 18.22
CA LEU E 131 3.77 3.73 17.82
C LEU E 131 3.44 2.32 17.35
N LEU E 132 2.35 1.75 17.85
CA LEU E 132 1.95 0.40 17.44
C LEU E 132 1.16 0.43 16.16
N THR E 133 0.70 1.62 15.79
CA THR E 133 -0.09 1.81 14.58
C THR E 133 0.81 2.02 13.37
N HIS E 134 1.67 1.06 13.10
CA HIS E 134 2.58 1.11 11.96
C HIS E 134 2.90 -0.27 11.44
N LYS E 135 3.47 -0.30 10.23
CA LYS E 135 3.89 -1.53 9.56
C LYS E 135 4.90 -2.23 10.47
N GLN E 136 5.83 -1.41 10.96
CA GLN E 136 6.87 -1.85 11.87
C GLN E 136 6.37 -1.40 13.23
N GLN E 137 5.71 -2.30 13.97
CA GLN E 137 5.23 -1.91 15.28
C GLN E 137 6.41 -1.57 16.17
N VAL E 138 6.27 -0.45 16.86
CA VAL E 138 7.30 0.05 17.75
C VAL E 138 6.77 0.29 19.16
N ARG E 139 7.64 0.09 20.14
CA ARG E 139 7.29 0.26 21.54
C ARG E 139 8.39 1.06 22.25
N LEU E 140 8.15 1.36 23.52
CA LEU E 140 9.11 2.08 24.35
C LEU E 140 9.19 1.31 25.66
N ILE E 141 9.95 0.23 25.65
CA ILE E 141 10.07 -0.63 26.81
C ILE E 141 11.39 -0.57 27.53
N THR E 142 11.30 -0.56 28.86
CA THR E 142 12.45 -0.55 29.75
C THR E 142 11.97 -1.06 31.10
N SER E 143 12.87 -1.70 31.82
CA SER E 143 12.54 -2.20 33.14
C SER E 143 12.30 -0.97 34.04
N ASN E 144 11.46 -1.13 35.06
CA ASN E 144 11.19 -0.03 35.99
C ASN E 144 12.51 0.45 36.56
N PRO E 145 12.66 1.77 36.77
CA PRO E 145 13.94 2.22 37.33
C PRO E 145 13.99 1.69 38.77
N ASP E 146 15.17 1.33 39.26
CA ASP E 146 15.29 0.81 40.61
C ASP E 146 14.72 1.78 41.64
N LEU E 147 15.07 3.06 41.50
CA LEU E 147 14.63 4.10 42.41
C LEU E 147 13.98 5.25 41.68
N LEU E 148 12.88 5.75 42.22
CA LEU E 148 12.20 6.90 41.63
C LEU E 148 12.17 7.99 42.67
N ILE E 149 12.44 9.22 42.22
CA ILE E 149 12.41 10.37 43.11
C ILE E 149 11.31 11.30 42.62
N ILE E 150 10.26 11.43 43.44
CA ILE E 150 9.10 12.27 43.13
C ILE E 150 9.06 13.51 44.02
N ARG E 151 8.60 14.61 43.45
CA ARG E 151 8.47 15.83 44.22
C ARG E 151 7.07 16.39 44.06
N GLN E 152 6.20 16.03 44.99
CA GLN E 152 4.81 16.46 44.97
C GLN E 152 4.32 16.44 46.40
N LYS E 153 4.21 17.63 46.99
CA LYS E 153 3.79 17.78 48.38
C LYS E 153 2.59 16.96 48.84
N ASP E 154 1.48 17.03 48.10
CA ASP E 154 0.27 16.31 48.49
C ASP E 154 0.34 14.79 48.51
N LEU E 155 1.53 14.23 48.32
CA LEU E 155 1.69 12.78 48.32
C LEU E 155 2.34 12.29 49.60
N ILE E 156 2.90 13.22 50.36
CA ILE E 156 3.56 12.85 51.61
C ILE E 156 2.56 12.65 52.75
N LYS E 157 2.61 11.46 53.35
CA LYS E 157 1.76 11.09 54.46
C LYS E 157 2.65 11.15 55.69
N SER E 158 2.13 11.66 56.79
CA SER E 158 2.89 11.80 58.04
C SER E 158 3.62 10.53 58.45
N GLU E 159 3.07 9.40 58.02
CA GLU E 159 3.62 8.10 58.34
C GLU E 159 4.98 7.83 57.68
N TYR E 160 5.32 8.62 56.66
CA TYR E 160 6.59 8.49 55.94
C TYR E 160 7.71 9.18 56.73
N ASN E 161 7.33 9.98 57.71
CA ASN E 161 8.30 10.71 58.51
C ASN E 161 8.85 9.93 59.69
N LEU E 162 8.37 8.71 59.86
CA LEU E 162 8.84 7.86 60.95
C LEU E 162 10.02 7.05 60.42
N PRO E 163 11.24 7.42 60.82
CA PRO E 163 12.46 6.74 60.38
C PRO E 163 12.47 5.24 60.70
N ILE E 164 13.12 4.46 59.84
CA ILE E 164 13.24 3.02 60.02
C ILE E 164 14.60 2.81 60.68
N ASN E 165 14.61 2.42 61.96
CA ASN E 165 15.85 2.22 62.69
C ASN E 165 16.33 0.78 62.75
N LYS E 166 15.46 -0.14 62.38
CA LYS E 166 15.77 -1.56 62.43
C LYS E 166 15.06 -2.25 61.28
N LEU E 167 15.67 -3.31 60.76
CA LEU E 167 15.05 -4.03 59.66
C LEU E 167 14.10 -5.10 60.15
N THR E 168 12.83 -4.91 59.86
CA THR E 168 11.81 -5.85 60.27
C THR E 168 10.86 -6.09 59.10
N HIS E 169 10.19 -7.24 59.11
CA HIS E 169 9.24 -7.58 58.05
C HIS E 169 8.33 -6.40 57.69
N GLU E 170 7.72 -5.80 58.71
CA GLU E 170 6.82 -4.67 58.53
C GLU E 170 7.55 -3.49 57.91
N ASN E 171 8.73 -3.20 58.45
CA ASN E 171 9.54 -2.09 57.94
C ASN E 171 9.84 -2.30 56.47
N ILE E 172 10.66 -3.31 56.18
CA ILE E 172 11.03 -3.60 54.81
C ILE E 172 9.81 -3.49 53.90
N ASP E 173 8.72 -4.11 54.30
CA ASP E 173 7.53 -4.06 53.47
C ASP E 173 6.91 -2.67 53.31
N VAL E 174 7.03 -1.81 54.31
CA VAL E 174 6.47 -0.47 54.14
C VAL E 174 7.34 0.27 53.11
N ALA E 175 8.65 0.00 53.15
CA ALA E 175 9.56 0.64 52.22
C ALA E 175 9.30 0.13 50.79
N LEU E 176 9.16 -1.19 50.66
CA LEU E 176 8.93 -1.81 49.37
C LEU E 176 7.52 -1.72 48.79
N THR E 177 6.57 -1.17 49.56
CA THR E 177 5.22 -1.02 49.07
C THR E 177 4.82 0.45 49.01
N LEU E 178 5.79 1.31 49.35
CA LEU E 178 5.58 2.75 49.32
C LEU E 178 5.04 3.15 47.94
N PHE E 179 5.49 2.44 46.91
CA PHE E 179 5.08 2.73 45.55
C PHE E 179 3.58 2.64 45.35
N LYS E 180 2.92 1.78 46.11
CA LYS E 180 1.47 1.61 45.97
C LYS E 180 0.71 2.89 46.29
N ASP E 181 1.15 3.57 47.35
CA ASP E 181 0.50 4.79 47.78
C ASP E 181 0.34 5.85 46.69
N ILE E 182 1.38 6.04 45.89
CA ILE E 182 1.35 7.07 44.86
C ILE E 182 0.72 6.70 43.53
N GLU E 183 0.25 5.46 43.39
CA GLU E 183 -0.36 5.04 42.13
C GLU E 183 -1.45 5.97 41.59
N GLY E 184 -1.26 6.41 40.35
CA GLY E 184 -2.21 7.29 39.69
C GLY E 184 -2.36 8.69 40.26
N LYS E 185 -1.39 9.12 41.06
CA LYS E 185 -1.47 10.42 41.72
C LYS E 185 -0.44 11.47 41.26
N CYS E 186 0.65 11.04 40.63
CA CYS E 186 1.71 11.95 40.27
C CYS E 186 1.46 12.75 38.99
N LYS E 187 1.81 14.03 39.04
CA LYS E 187 1.68 14.89 37.87
C LYS E 187 2.96 14.59 37.10
N TRP E 188 2.87 14.52 35.78
CA TRP E 188 4.03 14.19 34.98
C TRP E 188 5.35 14.87 35.40
N ASP E 189 5.33 16.16 35.65
CA ASP E 189 6.56 16.83 36.03
C ASP E 189 6.94 16.69 37.48
N SER E 190 6.23 15.85 38.22
CA SER E 190 6.54 15.64 39.63
C SER E 190 7.66 14.61 39.70
N LEU E 191 7.85 13.90 38.60
CA LEU E 191 8.91 12.90 38.49
C LEU E 191 10.16 13.71 38.15
N VAL E 192 11.18 13.63 39.00
CA VAL E 192 12.38 14.42 38.74
C VAL E 192 13.63 13.64 38.40
N ALA E 193 13.73 12.40 38.88
CA ALA E 193 14.90 11.57 38.61
C ALA E 193 14.71 10.10 38.90
N GLY E 194 15.50 9.28 38.21
CA GLY E 194 15.46 7.85 38.40
C GLY E 194 16.87 7.41 38.69
N VAL E 195 17.02 6.28 39.37
CA VAL E 195 18.36 5.78 39.68
C VAL E 195 18.47 4.27 39.47
N GLY E 196 19.45 3.86 38.68
CA GLY E 196 19.65 2.45 38.44
C GLY E 196 20.71 2.02 39.44
N LEU E 197 20.41 0.99 40.20
CA LEU E 197 21.35 0.47 41.20
C LEU E 197 21.99 -0.84 40.73
N LYS E 198 23.30 -0.95 40.92
CA LYS E 198 24.06 -2.13 40.54
C LYS E 198 25.26 -2.32 41.48
N THR E 199 25.32 -3.48 42.13
CA THR E 199 26.44 -3.75 43.04
C THR E 199 27.76 -3.66 42.26
N SER E 200 27.72 -4.02 40.99
CA SER E 200 28.92 -3.98 40.14
C SER E 200 28.55 -3.71 38.70
N LEU E 201 29.53 -3.24 37.93
CA LEU E 201 29.31 -2.96 36.52
C LEU E 201 30.10 -3.92 35.64
N ARG E 202 29.72 -3.97 34.37
CA ARG E 202 30.39 -4.80 33.38
C ARG E 202 30.25 -4.05 32.07
N PRO E 203 31.21 -4.19 31.14
CA PRO E 203 31.12 -3.49 29.86
C PRO E 203 29.80 -3.65 29.15
N ASP E 204 29.11 -4.75 29.41
CA ASP E 204 27.83 -4.97 28.77
C ASP E 204 26.65 -4.52 29.65
N ARG E 205 26.65 -4.91 30.91
CA ARG E 205 25.56 -4.53 31.78
C ARG E 205 25.41 -3.03 32.00
N ARG E 206 26.52 -2.30 32.04
CA ARG E 206 26.45 -0.86 32.25
C ARG E 206 25.69 -0.16 31.15
N LEU E 207 25.61 -0.79 29.99
CA LEU E 207 24.89 -0.19 28.88
C LEU E 207 23.38 -0.31 29.10
N GLN E 208 22.98 -1.11 30.08
CA GLN E 208 21.57 -1.26 30.36
C GLN E 208 21.10 0.04 31.01
N LEU E 209 22.02 0.70 31.72
CA LEU E 209 21.72 1.98 32.37
C LEU E 209 21.45 3.04 31.28
N VAL E 210 22.29 3.05 30.26
CA VAL E 210 22.13 3.99 29.17
C VAL E 210 20.77 3.77 28.49
N HIS E 211 20.39 2.51 28.28
CA HIS E 211 19.12 2.21 27.64
C HIS E 211 17.98 2.69 28.53
N GLU E 212 18.08 2.36 29.81
CA GLU E 212 17.11 2.78 30.80
C GLU E 212 16.86 4.29 30.64
N GLY E 213 17.91 5.06 30.94
CA GLY E 213 17.85 6.51 30.86
C GLY E 213 17.34 7.02 29.53
N ASN E 214 17.81 6.41 28.47
CA ASN E 214 17.39 6.83 27.16
C ASN E 214 15.89 6.68 26.97
N ILE E 215 15.33 5.49 27.22
CA ILE E 215 13.90 5.28 27.06
C ILE E 215 13.09 6.13 28.05
N LEU E 216 13.56 6.26 29.28
CA LEU E 216 12.87 7.07 30.25
C LEU E 216 12.85 8.54 29.79
N LYS E 217 14.00 9.05 29.36
CA LYS E 217 14.05 10.43 28.93
C LYS E 217 13.30 10.66 27.64
N SER E 218 13.14 9.61 26.85
CA SER E 218 12.40 9.71 25.60
C SER E 218 10.93 9.91 25.93
N LEU E 219 10.45 9.14 26.90
CA LEU E 219 9.05 9.25 27.32
C LEU E 219 8.82 10.64 27.90
N PHE E 220 9.68 11.05 28.84
CA PHE E 220 9.54 12.35 29.47
C PHE E 220 9.57 13.45 28.43
N ALA E 221 10.41 13.27 27.43
CA ALA E 221 10.54 14.26 26.37
C ALA E 221 9.19 14.43 25.69
N HIS E 222 8.46 13.33 25.53
CA HIS E 222 7.17 13.41 24.89
C HIS E 222 6.11 14.07 25.75
N LEU E 223 6.27 13.98 27.06
CA LEU E 223 5.33 14.61 27.97
C LEU E 223 5.57 16.12 27.92
N LYS E 224 6.84 16.51 27.89
CA LYS E 224 7.21 17.91 27.78
C LYS E 224 6.59 18.50 26.52
N MET E 225 6.65 17.73 25.44
CA MET E 225 6.05 18.14 24.16
C MET E 225 4.55 18.33 24.40
N ALA E 226 3.93 17.24 24.85
CA ALA E 226 2.50 17.19 25.14
C ALA E 226 2.00 18.41 25.89
N TYR E 227 2.68 18.75 26.98
CA TYR E 227 2.32 19.88 27.80
C TYR E 227 3.15 21.10 27.41
N TRP E 228 3.78 21.03 26.24
CA TRP E 228 4.63 22.08 25.73
C TRP E 228 5.26 22.89 26.86
N ASN E 229 6.04 22.21 27.68
CA ASN E 229 6.73 22.81 28.82
C ASN E 229 8.22 22.49 28.76
N PRO E 230 9.02 23.40 28.19
CA PRO E 230 10.47 23.20 28.07
C PRO E 230 11.24 23.29 29.39
N LYS E 231 10.57 23.74 30.45
CA LYS E 231 11.18 23.88 31.80
C LYS E 231 11.36 22.58 32.58
N ALA E 232 10.42 21.66 32.43
CA ALA E 232 10.45 20.38 33.13
C ALA E 232 11.69 19.58 32.73
N GLU E 233 12.28 18.87 33.69
CA GLU E 233 13.45 18.08 33.39
C GLU E 233 13.56 16.84 34.27
N PHE E 234 13.91 15.74 33.62
CA PHE E 234 14.06 14.45 34.25
C PHE E 234 15.51 14.00 34.08
N LYS E 235 16.11 13.55 35.18
CA LYS E 235 17.47 13.11 35.13
C LYS E 235 17.57 11.66 35.57
N TYR E 236 18.49 10.93 34.98
CA TYR E 236 18.64 9.54 35.33
C TYR E 236 20.07 9.33 35.81
N TYR E 237 20.22 8.60 36.90
CA TYR E 237 21.54 8.37 37.46
C TYR E 237 21.81 6.90 37.71
N GLY E 238 23.10 6.57 37.80
CA GLY E 238 23.48 5.21 38.06
C GLY E 238 24.30 5.19 39.33
N ALA E 239 24.19 4.11 40.10
CA ALA E 239 24.93 3.97 41.35
C ALA E 239 25.52 2.57 41.48
N SER E 240 26.84 2.50 41.69
CA SER E 240 27.57 1.23 41.85
C SER E 240 28.18 1.15 43.25
N SER E 241 28.23 -0.05 43.81
CA SER E 241 28.81 -0.23 45.14
C SER E 241 30.32 -0.40 45.02
N GLU E 242 30.81 -0.41 43.79
CA GLU E 242 32.24 -0.57 43.54
C GLU E 242 32.81 0.59 42.75
N PRO E 243 34.14 0.63 42.64
CA PRO E 243 34.81 1.70 41.89
C PRO E 243 34.36 1.75 40.44
N VAL E 244 34.21 2.96 39.93
CA VAL E 244 33.79 3.15 38.55
C VAL E 244 35.00 3.56 37.71
N SER E 245 35.39 2.70 36.76
CA SER E 245 36.53 2.96 35.90
C SER E 245 36.25 4.05 34.90
N LYS E 246 37.31 4.53 34.25
CA LYS E 246 37.18 5.57 33.23
C LYS E 246 36.39 5.01 32.05
N ALA E 247 36.53 3.72 31.82
CA ALA E 247 35.77 3.05 30.78
C ALA E 247 34.30 3.11 31.12
N ASP E 248 33.97 2.78 32.37
CA ASP E 248 32.59 2.82 32.83
C ASP E 248 32.06 4.22 32.63
N ASP E 249 32.87 5.19 33.04
CA ASP E 249 32.53 6.60 32.95
C ASP E 249 32.20 7.04 31.54
N ASP E 250 33.10 6.78 30.62
CA ASP E 250 32.89 7.18 29.24
C ASP E 250 31.62 6.55 28.67
N ALA E 251 31.44 5.27 28.93
CA ALA E 251 30.28 4.56 28.43
C ALA E 251 29.02 5.22 28.92
N LEU E 252 28.99 5.57 30.20
CA LEU E 252 27.81 6.18 30.81
C LEU E 252 27.63 7.62 30.35
N GLN E 253 28.54 8.07 29.49
CA GLN E 253 28.45 9.42 28.94
C GLN E 253 27.65 9.43 27.64
N THR E 254 27.24 8.25 27.21
CA THR E 254 26.45 8.11 26.00
C THR E 254 25.23 9.03 26.04
N ALA E 255 25.00 9.73 24.95
CA ALA E 255 23.91 10.71 24.89
C ALA E 255 22.58 10.08 24.49
N ALA E 256 21.50 10.82 24.75
CA ALA E 256 20.17 10.38 24.35
C ALA E 256 19.99 10.59 22.85
N THR E 257 20.20 9.52 22.10
CA THR E 257 20.16 9.58 20.63
C THR E 257 19.13 10.57 20.09
N HIS E 258 18.14 10.91 20.90
CA HIS E 258 17.07 11.81 20.47
C HIS E 258 17.38 13.27 20.79
N THR E 259 18.51 13.51 21.44
CA THR E 259 18.92 14.87 21.79
C THR E 259 20.11 15.32 20.95
N ILE E 260 20.58 14.45 20.08
CA ILE E 260 21.72 14.75 19.22
C ILE E 260 21.37 14.54 17.75
N VAL E 261 20.10 14.73 17.41
CA VAL E 261 19.63 14.56 16.05
C VAL E 261 19.91 15.81 15.21
N ASN E 262 19.92 16.96 15.88
CA ASN E 262 20.17 18.22 15.20
C ASN E 262 21.49 18.86 15.62
N VAL E 263 22.13 19.55 14.68
CA VAL E 263 23.41 20.20 14.95
C VAL E 263 23.25 21.31 15.96
N ASN E 264 22.05 21.89 15.99
CA ASN E 264 21.77 22.96 16.94
C ASN E 264 21.16 22.33 18.18
N SER E 265 20.71 21.09 18.04
CA SER E 265 20.14 20.33 19.13
C SER E 265 21.21 20.27 20.22
N THR E 266 20.82 20.54 21.47
CA THR E 266 21.77 20.54 22.57
C THR E 266 21.84 19.17 23.26
N PRO E 267 22.89 18.38 22.96
CA PRO E 267 23.19 17.03 23.46
C PRO E 267 22.91 16.76 24.93
N GLU E 268 22.45 15.55 25.23
CA GLU E 268 22.12 15.15 26.60
C GLU E 268 22.53 13.69 26.86
N ARG E 269 22.89 13.36 28.08
CA ARG E 269 23.30 12.00 28.40
C ARG E 269 22.12 11.13 28.83
N ALA E 270 22.16 9.85 28.47
CA ALA E 270 21.09 8.95 28.87
C ALA E 270 21.18 8.92 30.39
N VAL E 271 22.40 8.69 30.89
CA VAL E 271 22.66 8.62 32.32
C VAL E 271 23.44 9.88 32.67
N ASP E 272 22.79 10.80 33.38
CA ASP E 272 23.40 12.06 33.76
C ASP E 272 24.66 11.91 34.58
N ASP E 273 24.68 10.96 35.50
CA ASP E 273 25.85 10.76 36.32
C ASP E 273 25.86 9.35 36.93
N ILE E 274 27.06 8.85 37.20
CA ILE E 274 27.25 7.52 37.80
C ILE E 274 27.91 7.70 39.16
N PHE E 275 27.34 7.10 40.18
CA PHE E 275 27.89 7.23 41.53
C PHE E 275 28.49 5.93 42.06
N SER E 276 29.64 6.05 42.71
CA SER E 276 30.27 4.89 43.32
C SER E 276 30.00 5.04 44.81
N LEU E 277 29.11 4.20 45.33
CA LEU E 277 28.73 4.27 46.74
C LEU E 277 29.51 3.27 47.60
N THR E 278 30.51 3.74 48.32
CA THR E 278 31.31 2.86 49.17
C THR E 278 30.71 2.70 50.56
N SER E 279 30.12 3.78 51.09
CA SER E 279 29.50 3.77 52.41
C SER E 279 28.07 4.31 52.36
N PHE E 280 27.33 4.11 53.44
CA PHE E 280 25.96 4.59 53.50
C PHE E 280 25.98 6.10 53.52
N GLU E 281 27.14 6.61 53.87
CA GLU E 281 27.43 8.04 53.92
C GLU E 281 27.18 8.60 52.53
N ASP E 282 27.76 7.91 51.55
CA ASP E 282 27.70 8.27 50.14
C ASP E 282 26.31 8.27 49.52
N ILE E 283 25.44 7.42 50.04
CA ILE E 283 24.07 7.36 49.54
C ILE E 283 23.46 8.73 49.79
N ASP E 284 23.72 9.29 50.98
CA ASP E 284 23.19 10.59 51.33
C ASP E 284 23.77 11.64 50.40
N LYS E 285 25.07 11.56 50.15
CA LYS E 285 25.76 12.53 49.28
C LYS E 285 25.21 12.48 47.86
N MET E 286 24.99 11.26 47.37
CA MET E 286 24.45 11.07 46.04
C MET E 286 23.11 11.77 45.98
N LEU E 287 22.22 11.41 46.89
CA LEU E 287 20.88 12.00 46.96
C LEU E 287 20.93 13.50 47.07
N ASP E 288 21.94 14.02 47.74
CA ASP E 288 22.07 15.46 47.88
C ASP E 288 22.25 16.05 46.49
N GLN E 289 23.12 15.44 45.69
CA GLN E 289 23.40 15.93 44.34
C GLN E 289 22.15 15.83 43.47
N ILE E 290 21.57 14.64 43.43
CA ILE E 290 20.40 14.37 42.65
C ILE E 290 19.28 15.34 42.95
N ILE E 291 18.92 15.45 44.22
CA ILE E 291 17.83 16.31 44.62
C ILE E 291 18.08 17.80 44.46
N LYS E 292 19.30 18.25 44.48
CA LYS E 292 19.46 19.68 44.26
C LYS E 292 20.77 20.06 43.60
N THR F 6 42.34 -36.45 27.49
CA THR F 6 43.29 -35.92 28.50
C THR F 6 44.49 -35.24 27.87
N ASN F 7 44.98 -35.85 26.80
CA ASN F 7 46.12 -35.29 26.10
C ASN F 7 45.66 -33.95 25.54
N SER F 8 44.33 -33.81 25.43
CA SER F 8 43.70 -32.60 24.92
C SER F 8 44.19 -31.30 25.56
N ASN F 9 43.98 -30.19 24.83
CA ASN F 9 44.38 -28.86 25.27
C ASN F 9 43.18 -27.93 25.49
N CYS F 10 41.97 -28.48 25.51
CA CYS F 10 40.79 -27.66 25.70
C CYS F 10 40.91 -26.87 27.01
N VAL F 11 41.52 -27.50 28.03
CA VAL F 11 41.71 -26.82 29.31
C VAL F 11 43.18 -26.55 29.60
N GLU F 12 43.40 -25.79 30.66
CA GLU F 12 44.75 -25.43 31.07
C GLU F 12 44.76 -25.42 32.60
N GLU F 13 45.82 -24.85 33.17
CA GLU F 13 45.99 -24.75 34.63
C GLU F 13 47.03 -23.66 34.84
N TYR F 14 46.58 -22.43 35.15
CA TYR F 14 47.52 -21.33 35.34
C TYR F 14 47.71 -20.88 36.80
N LYS F 15 48.83 -20.20 37.03
CA LYS F 15 49.20 -19.71 38.34
C LYS F 15 48.58 -18.35 38.65
N GLU F 16 47.92 -18.26 39.79
CA GLU F 16 47.31 -17.02 40.24
C GLU F 16 47.42 -16.95 41.74
N ASN F 17 48.52 -16.36 42.22
CA ASN F 17 48.76 -16.24 43.64
C ASN F 17 48.73 -17.59 44.33
N GLY F 18 49.77 -18.39 44.10
CA GLY F 18 49.87 -19.71 44.69
C GLY F 18 48.53 -20.37 44.97
N LYS F 19 47.60 -20.19 44.03
CA LYS F 19 46.26 -20.77 44.13
C LYS F 19 45.83 -21.38 42.81
N THR F 20 46.67 -22.27 42.30
CA THR F 20 46.47 -22.93 41.00
C THR F 20 45.02 -22.98 40.50
N LYS F 21 44.79 -22.32 39.37
CA LYS F 21 43.45 -22.29 38.79
C LYS F 21 43.46 -22.90 37.39
N ILE F 22 42.29 -23.36 36.94
CA ILE F 22 42.14 -23.99 35.62
C ILE F 22 41.33 -23.16 34.61
N ARG F 23 42.02 -22.68 33.58
CA ARG F 23 41.37 -21.90 32.52
C ARG F 23 41.04 -22.80 31.32
N ILE F 24 40.13 -22.34 30.47
CA ILE F 24 39.72 -23.08 29.27
C ILE F 24 40.15 -22.29 28.04
N LYS F 25 40.74 -22.97 27.05
CA LYS F 25 41.13 -22.31 25.81
C LYS F 25 40.13 -22.82 24.78
N PRO F 26 38.86 -22.36 24.88
CA PRO F 26 37.76 -22.73 23.99
C PRO F 26 38.16 -22.97 22.54
N PHE F 27 39.21 -22.27 22.11
CA PHE F 27 39.72 -22.40 20.76
C PHE F 27 40.05 -23.87 20.45
N ASN F 28 40.95 -24.45 21.22
CA ASN F 28 41.34 -25.83 21.02
C ASN F 28 40.12 -26.75 21.09
N ALA F 29 39.26 -26.51 22.09
CA ALA F 29 38.05 -27.30 22.25
C ALA F 29 37.16 -27.21 21.01
N LEU F 30 37.63 -26.48 20.00
CA LEU F 30 36.91 -26.31 18.75
C LEU F 30 37.64 -27.06 17.66
N ILE F 31 38.93 -26.74 17.53
CA ILE F 31 39.80 -27.37 16.54
C ILE F 31 39.92 -28.84 16.96
N GLU F 32 40.30 -29.07 18.21
CA GLU F 32 40.46 -30.41 18.75
C GLU F 32 39.22 -31.30 18.76
N LEU F 33 38.14 -30.83 18.14
CA LEU F 33 36.83 -31.45 18.28
C LEU F 33 36.15 -31.20 16.96
N TYR F 34 36.90 -30.57 16.07
CA TYR F 34 36.38 -30.25 14.74
C TYR F 34 37.45 -30.20 13.68
N HIS F 35 38.64 -30.67 13.99
CA HIS F 35 39.70 -30.69 12.98
C HIS F 35 39.10 -31.51 11.85
N HIS F 36 38.11 -32.34 12.21
CA HIS F 36 37.38 -33.19 11.28
C HIS F 36 36.54 -32.35 10.33
N GLN F 37 35.46 -31.77 10.85
CA GLN F 37 34.59 -30.95 10.03
C GLN F 37 33.74 -29.99 10.83
N THR F 38 33.20 -28.99 10.13
CA THR F 38 32.34 -27.98 10.74
C THR F 38 31.07 -28.62 11.26
N PRO F 39 30.76 -28.42 12.56
CA PRO F 39 29.55 -29.02 13.13
C PRO F 39 28.33 -28.49 12.40
N THR F 40 27.23 -29.23 12.52
CA THR F 40 25.98 -28.83 11.89
C THR F 40 24.82 -29.51 12.58
N GLY F 41 23.61 -29.02 12.33
CA GLY F 41 22.42 -29.57 12.96
C GLY F 41 21.95 -28.67 14.10
N SER F 42 21.86 -29.23 15.30
CA SER F 42 21.42 -28.47 16.47
C SER F 42 22.54 -27.63 17.04
N ILE F 43 22.30 -26.33 17.12
CA ILE F 43 23.29 -25.42 17.67
C ILE F 43 23.35 -25.75 19.15
N LYS F 44 22.20 -26.05 19.73
CA LYS F 44 22.12 -26.36 21.16
C LYS F 44 23.05 -27.53 21.50
N GLU F 45 22.77 -28.68 20.89
CA GLU F 45 23.59 -29.87 21.10
C GLU F 45 25.07 -29.72 20.78
N ASN F 46 25.39 -29.02 19.69
CA ASN F 46 26.80 -28.85 19.33
C ASN F 46 27.53 -28.06 20.41
N LEU F 47 26.80 -27.18 21.09
CA LEU F 47 27.39 -26.37 22.15
C LEU F 47 27.84 -27.22 23.33
N ASP F 48 27.01 -28.20 23.69
CA ASP F 48 27.27 -29.10 24.80
C ASP F 48 28.40 -30.07 24.45
N LYS F 49 28.49 -30.43 23.17
CA LYS F 49 29.53 -31.33 22.66
C LYS F 49 30.89 -30.71 22.97
N LEU F 50 30.96 -29.40 22.84
CA LEU F 50 32.19 -28.66 23.10
C LEU F 50 32.37 -28.56 24.61
N GLU F 51 31.27 -28.60 25.36
CA GLU F 51 31.36 -28.50 26.82
C GLU F 51 31.69 -29.80 27.51
N ASN F 52 31.11 -30.91 27.06
CA ASN F 52 31.40 -32.20 27.67
C ASN F 52 32.82 -32.62 27.31
N TYR F 53 33.29 -32.16 26.15
CA TYR F 53 34.65 -32.46 25.70
C TYR F 53 35.63 -31.84 26.69
N VAL F 54 35.17 -30.81 27.40
CA VAL F 54 35.96 -30.10 28.40
C VAL F 54 35.65 -30.65 29.80
N LYS F 55 34.36 -30.96 30.04
CA LYS F 55 33.94 -31.53 31.32
C LYS F 55 34.68 -32.85 31.52
N ASP F 56 35.38 -33.29 30.49
CA ASP F 56 36.13 -34.54 30.54
C ASP F 56 37.63 -34.28 30.63
N VAL F 57 38.16 -33.50 29.70
CA VAL F 57 39.57 -33.17 29.67
C VAL F 57 40.11 -32.97 31.08
N VAL F 58 39.22 -32.64 32.01
CA VAL F 58 39.61 -32.42 33.40
C VAL F 58 39.21 -33.61 34.27
N LYS F 59 38.10 -34.25 33.91
CA LYS F 59 37.60 -35.40 34.66
C LYS F 59 38.53 -36.60 34.52
N ALA F 60 39.53 -36.47 33.63
CA ALA F 60 40.48 -37.54 33.40
C ALA F 60 41.91 -37.02 33.43
N LYS F 61 42.06 -35.74 33.78
CA LYS F 61 43.37 -35.11 33.84
C LYS F 61 43.73 -34.71 35.27
N GLY F 62 42.79 -34.95 36.19
CA GLY F 62 42.99 -34.62 37.58
C GLY F 62 42.82 -33.13 37.87
N LEU F 63 41.69 -32.59 37.43
CA LEU F 63 41.40 -31.17 37.63
C LEU F 63 40.01 -30.97 38.25
N ALA F 64 39.63 -29.71 38.42
CA ALA F 64 38.33 -29.39 39.00
C ALA F 64 37.41 -28.76 37.96
N ILE F 65 36.11 -28.74 38.26
CA ILE F 65 35.12 -28.16 37.35
C ILE F 65 35.15 -26.65 37.20
N PRO F 66 35.37 -26.16 35.96
CA PRO F 66 35.41 -24.72 35.69
C PRO F 66 34.05 -24.11 35.99
N THR F 67 34.04 -23.02 36.75
CA THR F 67 32.83 -22.32 37.16
C THR F 67 31.76 -22.18 36.09
N SER F 68 30.51 -22.10 36.52
CA SER F 68 29.40 -21.94 35.60
C SER F 68 29.77 -20.81 34.64
N GLY F 69 30.33 -19.75 35.21
CA GLY F 69 30.72 -18.59 34.42
C GLY F 69 31.95 -18.78 33.55
N ALA F 70 32.87 -19.64 34.00
CA ALA F 70 34.07 -19.90 33.22
C ALA F 70 33.59 -20.48 31.89
N PHE F 71 32.43 -21.11 31.92
CA PHE F 71 31.81 -21.73 30.75
C PHE F 71 30.85 -20.81 30.02
N SER F 72 30.20 -19.92 30.76
CA SER F 72 29.26 -18.96 30.19
C SER F 72 30.03 -18.21 29.11
N ASN F 73 31.20 -17.74 29.51
CA ASN F 73 32.11 -17.02 28.64
C ASN F 73 32.36 -17.87 27.40
N THR F 74 32.85 -19.08 27.64
CA THR F 74 33.19 -20.06 26.60
C THR F 74 31.98 -20.51 25.76
N ARG F 75 30.86 -20.76 26.43
CA ARG F 75 29.63 -21.18 25.77
C ARG F 75 29.19 -20.11 24.78
N GLY F 76 29.50 -18.87 25.12
CA GLY F 76 29.16 -17.77 24.25
C GLY F 76 30.02 -17.88 23.02
N THR F 77 31.33 -17.71 23.21
CA THR F 77 32.29 -17.79 22.11
C THR F 77 31.89 -18.90 21.15
N TRP F 78 31.94 -20.13 21.62
CA TRP F 78 31.59 -21.25 20.77
C TRP F 78 30.37 -20.91 19.93
N PHE F 79 29.26 -20.59 20.59
CA PHE F 79 28.05 -20.22 19.86
C PHE F 79 28.42 -19.32 18.69
N GLU F 80 29.06 -18.21 19.00
CA GLU F 80 29.46 -17.24 17.99
C GLU F 80 30.22 -17.84 16.82
N VAL F 81 31.43 -18.32 17.08
CA VAL F 81 32.28 -18.91 16.04
C VAL F 81 31.47 -19.84 15.14
N MET F 82 30.48 -20.50 15.71
CA MET F 82 29.67 -21.39 14.92
C MET F 82 28.92 -20.56 13.90
N ILE F 83 28.19 -19.53 14.33
CA ILE F 83 27.48 -18.72 13.37
C ILE F 83 28.50 -18.08 12.43
N ALA F 84 29.57 -17.54 13.01
CA ALA F 84 30.62 -16.89 12.24
C ALA F 84 31.15 -17.75 11.11
N ILE F 85 31.56 -18.97 11.43
CA ILE F 85 32.08 -19.90 10.43
C ILE F 85 30.93 -20.31 9.50
N GLN F 86 29.74 -20.46 10.05
CA GLN F 86 28.57 -20.86 9.28
C GLN F 86 28.20 -19.86 8.20
N SER F 87 28.58 -18.61 8.38
CA SER F 87 28.27 -17.56 7.41
C SER F 87 29.27 -17.54 6.26
N TRP F 88 30.47 -18.08 6.51
CA TRP F 88 31.51 -18.15 5.49
C TRP F 88 31.03 -19.13 4.40
N ASN F 89 30.60 -20.31 4.85
CA ASN F 89 30.11 -21.35 3.96
C ASN F 89 28.75 -20.95 3.42
N TYR F 90 28.24 -19.82 3.88
CA TYR F 90 26.96 -19.33 3.42
C TYR F 90 27.15 -18.49 2.19
N ARG F 91 27.92 -17.40 2.32
CA ARG F 91 28.18 -16.51 1.20
C ARG F 91 28.69 -17.33 0.04
N VAL F 92 29.64 -18.22 0.33
CA VAL F 92 30.24 -19.09 -0.68
C VAL F 92 29.15 -19.93 -1.31
N LYS F 93 28.46 -20.72 -0.49
CA LYS F 93 27.39 -21.57 -0.99
C LYS F 93 26.09 -20.77 -1.09
N ARG F 94 26.16 -19.57 -1.67
CA ARG F 94 24.98 -18.71 -1.86
C ARG F 94 25.18 -17.75 -3.01
N GLU F 95 26.44 -17.53 -3.39
CA GLU F 95 26.79 -16.65 -4.50
C GLU F 95 26.68 -15.16 -4.16
N LEU F 96 27.14 -14.77 -2.98
CA LEU F 96 27.10 -13.37 -2.57
C LEU F 96 28.51 -12.78 -2.67
N ASN F 97 28.99 -12.66 -3.90
CA ASN F 97 30.33 -12.15 -4.18
C ASN F 97 30.61 -10.71 -3.79
N ASP F 98 29.56 -9.94 -3.54
CA ASP F 98 29.72 -8.55 -3.16
C ASP F 98 29.29 -8.32 -1.72
N TYR F 99 29.20 -9.42 -0.97
CA TYR F 99 28.80 -9.40 0.43
C TYR F 99 29.81 -10.05 1.35
N LEU F 100 29.93 -9.50 2.56
CA LEU F 100 30.83 -10.06 3.58
C LEU F 100 30.06 -10.06 4.89
N ILE F 101 30.17 -11.18 5.61
CA ILE F 101 29.52 -11.35 6.89
C ILE F 101 30.70 -11.57 7.82
N ILE F 102 31.02 -10.52 8.58
CA ILE F 102 32.18 -10.52 9.47
C ILE F 102 31.92 -10.65 10.97
N LYS F 103 32.62 -11.59 11.59
CA LYS F 103 32.56 -11.79 13.03
C LYS F 103 33.53 -10.82 13.70
N MET F 104 32.98 -9.78 14.33
CA MET F 104 33.78 -8.72 14.89
C MET F 104 34.43 -9.01 16.26
N PRO F 105 35.59 -8.39 16.52
CA PRO F 105 36.34 -8.54 17.79
C PRO F 105 35.78 -7.47 18.73
N ASN F 106 36.30 -7.36 19.96
CA ASN F 106 35.77 -6.33 20.84
C ASN F 106 36.16 -4.94 20.35
N VAL F 107 35.40 -3.93 20.78
CA VAL F 107 35.61 -2.55 20.34
C VAL F 107 36.99 -2.01 20.61
N LYS F 108 37.67 -2.63 21.57
CA LYS F 108 39.01 -2.19 21.89
C LYS F 108 39.92 -2.75 20.79
N THR F 109 39.97 -4.07 20.69
CA THR F 109 40.81 -4.73 19.69
C THR F 109 40.69 -4.03 18.35
N PHE F 110 39.46 -3.78 17.93
CA PHE F 110 39.23 -3.13 16.65
C PHE F 110 37.88 -2.42 16.66
N ASP F 111 37.91 -1.13 16.97
CA ASP F 111 36.68 -0.33 16.99
C ASP F 111 36.06 -0.43 15.59
N PHE F 112 34.85 -0.96 15.48
CA PHE F 112 34.20 -1.13 14.18
C PHE F 112 34.19 0.11 13.32
N ARG F 113 34.39 1.28 13.92
CA ARG F 113 34.39 2.52 13.15
C ARG F 113 35.55 2.53 12.17
N LYS F 114 36.54 1.68 12.45
CA LYS F 114 37.73 1.57 11.62
C LYS F 114 37.48 0.97 10.23
N ILE F 115 36.38 0.25 10.07
CA ILE F 115 36.08 -0.35 8.78
C ILE F 115 35.82 0.70 7.71
N PHE F 116 35.58 1.94 8.11
CA PHE F 116 35.26 3.00 7.16
C PHE F 116 36.43 3.71 6.48
N ASP F 117 36.17 4.19 5.26
CA ASP F 117 37.17 4.92 4.49
C ASP F 117 37.50 6.20 5.23
N ASN F 118 38.52 6.92 4.76
CA ASN F 118 38.93 8.15 5.41
C ASN F 118 37.87 9.24 5.49
N GLU F 119 37.09 9.42 4.43
CA GLU F 119 36.07 10.46 4.43
C GLU F 119 34.98 10.19 5.48
N THR F 120 34.52 8.95 5.54
CA THR F 120 33.47 8.58 6.49
C THR F 120 33.95 8.67 7.92
N ARG F 121 35.08 8.03 8.22
CA ARG F 121 35.60 8.07 9.58
C ARG F 121 35.71 9.53 10.06
N GLU F 122 35.96 10.43 9.12
CA GLU F 122 36.10 11.84 9.44
C GLU F 122 34.80 12.41 9.93
N LYS F 123 33.75 12.28 9.12
CA LYS F 123 32.43 12.76 9.51
C LYS F 123 32.15 12.31 10.94
N LEU F 124 32.48 11.07 11.24
CA LEU F 124 32.27 10.54 12.58
C LEU F 124 33.09 11.30 13.60
N HIS F 125 34.30 11.69 13.21
CA HIS F 125 35.15 12.43 14.12
C HIS F 125 34.45 13.78 14.37
N GLN F 126 33.97 14.41 13.30
CA GLN F 126 33.26 15.70 13.39
C GLN F 126 32.24 15.63 14.51
N LEU F 127 31.40 14.61 14.41
CA LEU F 127 30.34 14.40 15.36
C LEU F 127 30.76 14.08 16.79
N GLU F 128 31.50 13.00 16.96
CA GLU F 128 31.89 12.59 18.28
C GLU F 128 32.80 13.58 18.96
N LYS F 129 33.44 14.45 18.18
CA LYS F 129 34.28 15.50 18.73
C LYS F 129 33.39 16.64 19.18
N SER F 130 32.39 16.93 18.38
CA SER F 130 31.38 17.95 18.68
C SER F 130 30.66 17.61 19.99
N LEU F 131 30.24 16.37 20.12
CA LEU F 131 29.54 15.92 21.31
C LEU F 131 30.35 16.09 22.58
N LEU F 132 31.69 16.04 22.48
CA LEU F 132 32.56 16.20 23.64
C LEU F 132 32.80 17.67 23.97
N THR F 133 32.48 18.53 23.00
CA THR F 133 32.64 19.97 23.15
C THR F 133 31.42 20.60 23.82
N HIS F 134 31.10 20.14 25.03
CA HIS F 134 29.97 20.68 25.79
C HIS F 134 30.27 20.60 27.26
N LYS F 135 29.58 21.42 28.05
CA LYS F 135 29.78 21.41 29.49
C LYS F 135 29.49 19.99 29.98
N GLN F 136 28.46 19.38 29.40
CA GLN F 136 28.11 18.01 29.75
C GLN F 136 28.60 17.19 28.57
N GLN F 137 29.79 16.59 28.72
CA GLN F 137 30.34 15.80 27.62
C GLN F 137 29.50 14.59 27.32
N VAL F 138 29.28 14.40 26.03
CA VAL F 138 28.48 13.29 25.54
C VAL F 138 29.25 12.43 24.53
N ARG F 139 28.95 11.13 24.54
CA ARG F 139 29.58 10.17 23.65
C ARG F 139 28.54 9.26 23.01
N LEU F 140 28.97 8.42 22.09
CA LEU F 140 28.11 7.45 21.43
C LEU F 140 28.83 6.11 21.49
N ILE F 141 28.77 5.47 22.65
CA ILE F 141 29.45 4.20 22.86
C ILE F 141 28.58 2.96 22.91
N THR F 142 29.05 1.92 22.25
CA THR F 142 28.38 0.63 22.19
C THR F 142 29.44 -0.40 21.81
N SER F 143 29.27 -1.60 22.33
CA SER F 143 30.20 -2.67 22.03
C SER F 143 30.07 -2.97 20.53
N ASN F 144 31.15 -3.45 19.91
CA ASN F 144 31.10 -3.81 18.48
C ASN F 144 29.96 -4.78 18.25
N PRO F 145 29.24 -4.66 17.12
CA PRO F 145 28.16 -5.62 16.91
C PRO F 145 28.84 -6.98 16.68
N ASP F 146 28.23 -8.07 17.15
CA ASP F 146 28.83 -9.39 16.98
C ASP F 146 29.13 -9.71 15.52
N LEU F 147 28.16 -9.40 14.66
CA LEU F 147 28.30 -9.67 13.25
C LEU F 147 28.02 -8.43 12.40
N LEU F 148 28.87 -8.21 11.40
CA LEU F 148 28.66 -7.08 10.48
C LEU F 148 28.48 -7.61 9.07
N ILE F 149 27.51 -7.06 8.36
CA ILE F 149 27.25 -7.47 7.00
C ILE F 149 27.53 -6.29 6.08
N ILE F 150 28.58 -6.43 5.28
CA ILE F 150 28.99 -5.38 4.36
C ILE F 150 28.67 -5.74 2.94
N ARG F 151 28.35 -4.75 2.12
CA ARG F 151 28.04 -4.95 0.72
C ARG F 151 28.85 -4.01 -0.17
N GLN F 152 30.06 -4.45 -0.54
CA GLN F 152 30.96 -3.66 -1.36
C GLN F 152 31.83 -4.62 -2.17
N LYS F 153 31.52 -4.73 -3.46
CA LYS F 153 32.22 -5.62 -4.37
C LYS F 153 33.75 -5.65 -4.28
N ASP F 154 34.36 -4.48 -4.35
CA ASP F 154 35.82 -4.42 -4.32
C ASP F 154 36.51 -4.89 -3.04
N LEU F 155 35.77 -5.46 -2.11
CA LEU F 155 36.37 -5.93 -0.86
C LEU F 155 36.51 -7.45 -0.82
N ILE F 156 35.82 -8.11 -1.74
CA ILE F 156 35.86 -9.57 -1.81
C ILE F 156 37.13 -10.08 -2.49
N LYS F 157 37.87 -10.91 -1.76
CA LYS F 157 39.10 -11.49 -2.26
C LYS F 157 38.75 -12.93 -2.57
N SER F 158 39.29 -13.46 -3.68
CA SER F 158 38.99 -14.83 -4.10
C SER F 158 39.14 -15.89 -2.99
N GLU F 159 40.01 -15.64 -2.01
CA GLU F 159 40.23 -16.59 -0.92
C GLU F 159 38.98 -16.78 -0.05
N TYR F 160 38.13 -15.76 -0.02
CA TYR F 160 36.90 -15.81 0.78
C TYR F 160 35.93 -16.82 0.21
N ASN F 161 36.16 -17.23 -1.04
CA ASN F 161 35.27 -18.17 -1.69
C ASN F 161 35.58 -19.63 -1.41
N LEU F 162 36.63 -19.86 -0.63
CA LEU F 162 37.02 -21.21 -0.26
C LEU F 162 36.29 -21.59 1.03
N PRO F 163 35.21 -22.39 0.92
CA PRO F 163 34.44 -22.80 2.09
C PRO F 163 35.27 -23.48 3.18
N ILE F 164 34.84 -23.31 4.42
CA ILE F 164 35.51 -23.93 5.57
C ILE F 164 34.69 -25.17 5.93
N ASN F 165 35.23 -26.37 5.68
CA ASN F 165 34.47 -27.58 6.00
C ASN F 165 35.01 -28.41 7.17
N LYS F 166 35.90 -27.78 7.94
CA LYS F 166 36.46 -28.41 9.11
C LYS F 166 37.02 -27.29 9.96
N LEU F 167 36.92 -27.43 11.28
CA LEU F 167 37.42 -26.40 12.17
C LEU F 167 38.88 -26.65 12.54
N THR F 168 39.73 -25.74 12.09
CA THR F 168 41.16 -25.84 12.36
C THR F 168 41.68 -24.48 12.79
N HIS F 169 42.78 -24.49 13.52
CA HIS F 169 43.38 -23.25 13.98
C HIS F 169 43.33 -22.17 12.87
N GLU F 170 43.61 -22.53 11.62
CA GLU F 170 43.58 -21.51 10.57
C GLU F 170 42.17 -21.12 10.11
N ASN F 171 41.28 -22.10 9.97
CA ASN F 171 39.90 -21.83 9.55
C ASN F 171 39.30 -20.85 10.53
N ILE F 172 39.65 -21.02 11.79
CA ILE F 172 39.19 -20.14 12.85
C ILE F 172 39.88 -18.80 12.67
N ASP F 173 41.21 -18.84 12.69
CA ASP F 173 42.04 -17.65 12.56
C ASP F 173 41.80 -16.80 11.32
N VAL F 174 41.37 -17.42 10.22
CA VAL F 174 41.12 -16.66 8.99
C VAL F 174 39.76 -15.99 9.06
N ALA F 175 38.84 -16.62 9.77
CA ALA F 175 37.49 -16.10 9.96
C ALA F 175 37.52 -14.98 11.01
N LEU F 176 38.11 -15.27 12.16
CA LEU F 176 38.23 -14.32 13.27
C LEU F 176 39.17 -13.18 12.95
N THR F 177 39.51 -13.04 11.68
CA THR F 177 40.42 -11.98 11.27
C THR F 177 39.94 -11.37 9.97
N LEU F 178 38.82 -11.86 9.47
CA LEU F 178 38.29 -11.35 8.21
C LEU F 178 38.19 -9.82 8.26
N PHE F 179 37.79 -9.30 9.42
CA PHE F 179 37.64 -7.86 9.60
C PHE F 179 38.88 -7.05 9.23
N LYS F 180 40.05 -7.65 9.40
CA LYS F 180 41.29 -6.97 9.10
C LYS F 180 41.41 -6.55 7.64
N ASP F 181 41.06 -7.46 6.73
CA ASP F 181 41.16 -7.18 5.31
C ASP F 181 40.35 -5.96 4.85
N ILE F 182 39.22 -5.72 5.50
CA ILE F 182 38.33 -4.62 5.14
C ILE F 182 38.61 -3.28 5.80
N GLU F 183 39.40 -3.28 6.86
CA GLU F 183 39.70 -2.06 7.58
C GLU F 183 39.99 -0.84 6.71
N GLY F 184 39.40 0.29 7.09
CA GLY F 184 39.59 1.54 6.37
C GLY F 184 39.20 1.48 4.91
N LYS F 185 38.54 0.39 4.50
CA LYS F 185 38.13 0.18 3.11
C LYS F 185 36.63 0.18 2.79
N CYS F 186 35.78 0.40 3.80
CA CYS F 186 34.33 0.41 3.60
C CYS F 186 33.69 1.78 3.39
N LYS F 187 32.99 1.93 2.27
CA LYS F 187 32.29 3.18 2.02
C LYS F 187 31.23 3.18 3.10
N TRP F 188 30.83 4.35 3.56
CA TRP F 188 29.82 4.43 4.61
C TRP F 188 28.52 3.67 4.31
N ASP F 189 27.98 3.80 3.10
CA ASP F 189 26.73 3.13 2.81
C ASP F 189 26.88 1.69 2.40
N SER F 190 28.08 1.15 2.55
CA SER F 190 28.32 -0.25 2.20
C SER F 190 27.95 -1.15 3.37
N LEU F 191 27.72 -0.55 4.53
CA LEU F 191 27.33 -1.29 5.72
C LEU F 191 25.81 -1.45 5.61
N VAL F 192 25.35 -2.69 5.56
CA VAL F 192 23.93 -2.94 5.42
C VAL F 192 23.24 -3.47 6.67
N ALA F 193 23.98 -4.18 7.53
CA ALA F 193 23.37 -4.71 8.74
C ALA F 193 24.34 -5.18 9.79
N GLY F 194 23.84 -5.26 11.01
CA GLY F 194 24.64 -5.74 12.13
C GLY F 194 23.75 -6.73 12.84
N VAL F 195 24.36 -7.69 13.52
CA VAL F 195 23.57 -8.69 14.22
C VAL F 195 24.12 -8.96 15.62
N GLY F 196 23.20 -9.09 16.57
CA GLY F 196 23.57 -9.36 17.94
C GLY F 196 23.36 -10.83 18.17
N LEU F 197 24.37 -11.50 18.70
CA LEU F 197 24.29 -12.92 18.97
C LEU F 197 24.30 -13.19 20.47
N LYS F 198 23.40 -14.05 20.90
CA LYS F 198 23.29 -14.43 22.31
C LYS F 198 22.68 -15.84 22.37
N THR F 199 23.28 -16.72 23.16
CA THR F 199 22.76 -18.08 23.27
C THR F 199 21.39 -18.01 23.93
N SER F 200 21.24 -17.14 24.92
CA SER F 200 19.96 -16.98 25.61
C SER F 200 19.64 -15.51 25.85
N LEU F 201 18.43 -15.25 26.34
CA LEU F 201 18.00 -13.89 26.64
C LEU F 201 17.39 -13.76 28.01
N ARG F 202 17.69 -12.65 28.67
CA ARG F 202 17.14 -12.36 29.98
C ARG F 202 16.48 -11.00 29.82
N PRO F 203 15.47 -10.69 30.66
CA PRO F 203 14.76 -9.41 30.60
C PRO F 203 15.68 -8.18 30.69
N ASP F 204 16.81 -8.34 31.34
CA ASP F 204 17.73 -7.21 31.45
C ASP F 204 18.70 -7.24 30.27
N ARG F 205 19.38 -8.37 30.08
CA ARG F 205 20.36 -8.48 29.01
C ARG F 205 19.85 -8.20 27.61
N ARG F 206 18.56 -8.43 27.37
CA ARG F 206 18.01 -8.22 26.04
C ARG F 206 17.99 -6.74 25.67
N LEU F 207 17.87 -5.88 26.67
CA LEU F 207 17.84 -4.45 26.43
C LEU F 207 19.18 -3.97 25.88
N GLN F 208 20.17 -4.85 25.84
CA GLN F 208 21.48 -4.50 25.31
C GLN F 208 21.47 -4.49 23.79
N LEU F 209 20.51 -5.20 23.21
CA LEU F 209 20.38 -5.28 21.76
C LEU F 209 19.70 -4.02 21.26
N VAL F 210 18.75 -3.51 22.06
CA VAL F 210 18.03 -2.29 21.70
C VAL F 210 19.01 -1.15 21.74
N HIS F 211 19.93 -1.22 22.69
CA HIS F 211 20.95 -0.19 22.83
C HIS F 211 21.93 -0.28 21.69
N GLU F 212 22.49 -1.46 21.49
CA GLU F 212 23.43 -1.74 20.42
C GLU F 212 22.87 -1.16 19.14
N GLY F 213 21.66 -1.58 18.80
CA GLY F 213 21.04 -1.09 17.58
C GLY F 213 20.79 0.40 17.60
N ASN F 214 20.41 0.94 18.75
CA ASN F 214 20.13 2.35 18.84
C ASN F 214 21.40 3.18 18.61
N ILE F 215 22.48 2.83 19.28
CA ILE F 215 23.68 3.60 19.07
C ILE F 215 24.18 3.43 17.64
N LEU F 216 24.06 2.22 17.10
CA LEU F 216 24.51 1.98 15.72
C LEU F 216 23.66 2.78 14.73
N LYS F 217 22.35 2.70 14.87
CA LYS F 217 21.47 3.42 13.97
C LYS F 217 21.66 4.93 14.10
N SER F 218 21.74 5.40 15.34
CA SER F 218 21.95 6.81 15.58
C SER F 218 23.17 7.27 14.78
N LEU F 219 24.27 6.54 14.91
CA LEU F 219 25.49 6.86 14.18
C LEU F 219 25.20 6.90 12.69
N PHE F 220 24.74 5.77 12.15
CA PHE F 220 24.44 5.68 10.72
C PHE F 220 23.54 6.82 10.27
N ALA F 221 22.59 7.18 11.13
CA ALA F 221 21.65 8.26 10.82
C ALA F 221 22.40 9.53 10.50
N HIS F 222 23.48 9.78 11.23
CA HIS F 222 24.26 10.97 11.00
C HIS F 222 25.08 10.84 9.73
N LEU F 223 25.34 9.61 9.32
CA LEU F 223 26.08 9.41 8.07
C LEU F 223 25.12 9.76 6.95
N LYS F 224 23.86 9.35 7.10
CA LYS F 224 22.86 9.66 6.09
C LYS F 224 22.70 11.18 5.91
N MET F 225 22.72 11.94 7.01
CA MET F 225 22.57 13.38 6.92
C MET F 225 23.81 14.10 6.39
N ALA F 226 24.99 13.61 6.72
CA ALA F 226 26.22 14.23 6.23
C ALA F 226 26.28 14.11 4.71
N TYR F 227 25.77 13.00 4.19
CA TYR F 227 25.77 12.73 2.74
C TYR F 227 24.39 12.99 2.14
N TRP F 228 23.51 13.57 2.95
CA TRP F 228 22.16 13.87 2.53
C TRP F 228 21.62 12.81 1.57
N ASN F 229 21.70 11.57 1.99
CA ASN F 229 21.20 10.47 1.18
C ASN F 229 20.11 9.73 1.96
N PRO F 230 18.84 10.08 1.70
CA PRO F 230 17.68 9.47 2.35
C PRO F 230 17.54 7.97 2.12
N LYS F 231 18.03 7.52 0.97
CA LYS F 231 17.96 6.12 0.57
C LYS F 231 18.67 5.10 1.47
N ALA F 232 19.97 5.26 1.66
CA ALA F 232 20.73 4.34 2.49
C ALA F 232 20.02 4.00 3.79
N GLU F 233 20.26 2.78 4.27
CA GLU F 233 19.64 2.35 5.51
C GLU F 233 20.46 1.22 6.11
N PHE F 234 20.45 1.17 7.43
CA PHE F 234 21.16 0.16 8.16
C PHE F 234 20.15 -0.55 9.02
N LYS F 235 20.36 -1.84 9.24
CA LYS F 235 19.45 -2.59 10.06
C LYS F 235 20.22 -3.40 11.08
N TYR F 236 19.60 -3.60 12.24
CA TYR F 236 20.24 -4.37 13.28
C TYR F 236 19.28 -5.51 13.63
N TYR F 237 19.83 -6.68 13.91
CA TYR F 237 19.02 -7.83 14.23
C TYR F 237 19.56 -8.54 15.44
N GLY F 238 18.72 -9.37 16.04
CA GLY F 238 19.12 -10.14 17.19
C GLY F 238 18.99 -11.63 16.91
N ALA F 239 19.80 -12.43 17.59
CA ALA F 239 19.77 -13.88 17.43
C ALA F 239 20.01 -14.64 18.74
N SER F 240 19.02 -15.42 19.15
CA SER F 240 19.12 -16.24 20.37
C SER F 240 19.10 -17.71 19.96
N SER F 241 19.95 -18.53 20.58
CA SER F 241 19.96 -19.94 20.28
C SER F 241 18.84 -20.60 21.09
N GLU F 242 17.86 -19.80 21.49
CA GLU F 242 16.72 -20.28 22.27
C GLU F 242 15.41 -19.64 21.83
N PRO F 243 14.29 -20.08 22.41
CA PRO F 243 13.02 -19.48 22.03
C PRO F 243 12.98 -18.04 22.45
N VAL F 244 12.05 -17.32 21.89
CA VAL F 244 11.89 -15.92 22.20
C VAL F 244 10.45 -15.71 22.63
N SER F 245 10.29 -15.33 23.90
CA SER F 245 8.97 -15.09 24.50
C SER F 245 8.38 -13.79 23.96
N LYS F 246 7.08 -13.58 24.14
CA LYS F 246 6.49 -12.35 23.65
C LYS F 246 7.15 -11.15 24.33
N ALA F 247 7.62 -11.36 25.56
CA ALA F 247 8.26 -10.27 26.29
C ALA F 247 9.60 -9.90 25.67
N ASP F 248 10.29 -10.88 25.08
CA ASP F 248 11.55 -10.59 24.42
C ASP F 248 11.20 -9.84 23.13
N ASP F 249 10.11 -10.25 22.47
CA ASP F 249 9.67 -9.61 21.23
C ASP F 249 9.23 -8.19 21.44
N ASP F 250 8.44 -7.98 22.49
CA ASP F 250 7.95 -6.65 22.82
C ASP F 250 9.12 -5.75 23.17
N ALA F 251 9.96 -6.21 24.09
CA ALA F 251 11.13 -5.46 24.51
C ALA F 251 11.97 -5.10 23.27
N LEU F 252 12.13 -6.07 22.36
CA LEU F 252 12.92 -5.85 21.16
C LEU F 252 12.22 -5.08 20.04
N GLN F 253 11.08 -4.48 20.38
CA GLN F 253 10.33 -3.67 19.43
C GLN F 253 10.56 -2.20 19.75
N THR F 254 11.27 -1.93 20.84
CA THR F 254 11.56 -0.57 21.26
C THR F 254 12.20 0.23 20.13
N ALA F 255 11.44 1.14 19.54
CA ALA F 255 11.93 1.97 18.44
C ALA F 255 13.04 2.89 18.91
N ALA F 256 13.66 3.59 17.97
CA ALA F 256 14.75 4.51 18.28
C ALA F 256 14.22 5.85 18.76
N THR F 257 14.51 6.19 20.02
CA THR F 257 14.06 7.45 20.61
C THR F 257 14.35 8.62 19.68
N HIS F 258 15.31 8.44 18.78
CA HIS F 258 15.69 9.48 17.84
C HIS F 258 14.90 9.37 16.53
N THR F 259 14.11 8.30 16.42
CA THR F 259 13.30 8.08 15.23
C THR F 259 11.82 8.28 15.53
N ILE F 260 11.53 8.90 16.66
CA ILE F 260 10.15 9.15 17.06
C ILE F 260 10.01 10.51 17.74
N VAL F 261 10.93 11.43 17.44
CA VAL F 261 10.91 12.77 18.03
C VAL F 261 9.73 13.57 17.52
N ASN F 262 9.48 13.50 16.22
CA ASN F 262 8.36 14.21 15.63
C ASN F 262 7.20 13.25 15.39
N VAL F 263 5.98 13.77 15.49
CA VAL F 263 4.79 12.96 15.27
C VAL F 263 4.62 12.74 13.77
N ASN F 264 5.62 13.14 13.00
CA ASN F 264 5.57 12.96 11.57
C ASN F 264 6.65 11.97 11.15
N SER F 265 7.82 12.09 11.79
CA SER F 265 8.93 11.19 11.51
C SER F 265 8.37 9.78 11.68
N THR F 266 8.66 8.91 10.72
CA THR F 266 8.18 7.54 10.83
C THR F 266 9.13 6.74 11.73
N PRO F 267 8.57 6.09 12.77
CA PRO F 267 9.33 5.29 13.72
C PRO F 267 10.15 4.16 13.15
N GLU F 268 11.13 3.74 13.93
CA GLU F 268 11.98 2.66 13.55
C GLU F 268 12.33 1.93 14.81
N ARG F 269 12.70 0.67 14.67
CA ARG F 269 13.09 -0.13 15.81
C ARG F 269 14.60 -0.16 15.92
N ALA F 270 15.11 -0.20 17.15
CA ALA F 270 16.54 -0.26 17.37
C ALA F 270 16.99 -1.59 16.78
N VAL F 271 16.24 -2.64 17.14
CA VAL F 271 16.50 -3.99 16.64
C VAL F 271 15.35 -4.31 15.71
N ASP F 272 15.65 -4.37 14.41
CA ASP F 272 14.64 -4.64 13.41
C ASP F 272 13.91 -5.97 13.58
N ASP F 273 14.65 -7.00 14.00
CA ASP F 273 14.07 -8.32 14.18
C ASP F 273 14.94 -9.21 15.07
N ILE F 274 14.29 -10.12 15.77
CA ILE F 274 14.99 -11.05 16.65
C ILE F 274 14.79 -12.48 16.11
N PHE F 275 15.88 -13.22 16.00
CA PHE F 275 15.79 -14.56 15.48
C PHE F 275 16.10 -15.62 16.53
N SER F 276 15.34 -16.70 16.51
CA SER F 276 15.53 -17.83 17.41
C SER F 276 16.14 -18.90 16.51
N LEU F 277 17.43 -19.13 16.69
CA LEU F 277 18.16 -20.11 15.89
C LEU F 277 18.28 -21.45 16.62
N THR F 278 17.45 -22.41 16.24
CA THR F 278 17.50 -23.74 16.86
C THR F 278 18.52 -24.66 16.19
N SER F 279 18.62 -24.55 14.87
CA SER F 279 19.53 -25.38 14.08
C SER F 279 20.43 -24.53 13.19
N PHE F 280 21.45 -25.13 12.60
CA PHE F 280 22.34 -24.40 11.70
C PHE F 280 21.60 -24.04 10.43
N GLU F 281 20.52 -24.77 10.20
CA GLU F 281 19.67 -24.56 9.05
C GLU F 281 19.02 -23.17 9.19
N ASP F 282 18.75 -22.77 10.42
CA ASP F 282 18.11 -21.47 10.74
C ASP F 282 19.03 -20.28 10.55
N ILE F 283 20.34 -20.51 10.73
CA ILE F 283 21.31 -19.45 10.54
C ILE F 283 21.22 -19.02 9.10
N ASP F 284 21.07 -19.99 8.20
CA ASP F 284 20.97 -19.69 6.77
C ASP F 284 19.68 -18.94 6.49
N LYS F 285 18.59 -19.37 7.10
CA LYS F 285 17.29 -18.72 6.91
C LYS F 285 17.32 -17.28 7.40
N MET F 286 17.95 -17.08 8.55
CA MET F 286 18.05 -15.74 9.12
C MET F 286 18.80 -14.87 8.11
N LEU F 287 19.98 -15.31 7.71
CA LEU F 287 20.81 -14.58 6.76
C LEU F 287 20.06 -14.29 5.48
N ASP F 288 19.18 -15.22 5.08
CA ASP F 288 18.41 -15.02 3.87
C ASP F 288 17.50 -13.82 4.04
N GLN F 289 16.84 -13.75 5.18
CA GLN F 289 15.93 -12.64 5.44
C GLN F 289 16.67 -11.31 5.62
N ILE F 290 17.82 -11.37 6.28
CA ILE F 290 18.64 -10.18 6.52
C ILE F 290 19.17 -9.61 5.23
N ILE F 291 19.86 -10.44 4.46
CA ILE F 291 20.45 -10.02 3.19
C ILE F 291 19.42 -9.64 2.13
N LYS F 292 18.18 -10.01 2.36
CA LYS F 292 17.09 -9.67 1.43
C LYS F 292 17.13 -10.58 0.22
N ASN G 4 6.63 -78.76 -1.30
CA ASN G 4 6.28 -78.01 -2.54
C ASN G 4 6.28 -76.48 -2.36
N LEU G 5 5.70 -75.99 -1.26
CA LEU G 5 5.62 -74.56 -0.95
C LEU G 5 6.98 -73.99 -0.58
N THR G 6 7.84 -74.80 0.02
CA THR G 6 9.16 -74.34 0.42
C THR G 6 9.97 -73.96 -0.82
N ASN G 7 9.39 -74.16 -1.99
CA ASN G 7 10.05 -73.82 -3.25
C ASN G 7 9.50 -72.55 -3.90
N SER G 8 8.44 -72.00 -3.31
CA SER G 8 7.83 -70.81 -3.84
C SER G 8 8.78 -69.63 -3.82
N ASN G 9 8.43 -68.60 -4.59
CA ASN G 9 9.25 -67.41 -4.66
C ASN G 9 8.41 -66.20 -4.32
N CYS G 10 7.17 -66.43 -3.89
CA CYS G 10 6.35 -65.30 -3.56
C CYS G 10 6.96 -64.51 -2.41
N VAL G 11 7.90 -65.13 -1.70
CA VAL G 11 8.61 -64.46 -0.60
C VAL G 11 10.10 -64.62 -0.84
N GLU G 12 10.84 -63.55 -0.58
CA GLU G 12 12.28 -63.52 -0.77
C GLU G 12 12.97 -63.00 0.49
N GLU G 13 14.03 -63.68 0.91
CA GLU G 13 14.77 -63.27 2.10
C GLU G 13 15.99 -62.43 1.70
N TYR G 14 16.38 -61.52 2.57
CA TYR G 14 17.53 -60.68 2.28
C TYR G 14 17.99 -60.00 3.57
N LYS G 15 19.26 -59.59 3.60
CA LYS G 15 19.82 -58.90 4.77
C LYS G 15 19.93 -57.41 4.44
N GLU G 16 19.74 -56.59 5.46
CA GLU G 16 19.80 -55.15 5.31
C GLU G 16 20.37 -54.51 6.57
N ASN G 17 21.67 -54.25 6.55
CA ASN G 17 22.37 -53.66 7.69
C ASN G 17 22.61 -54.78 8.69
N GLY G 18 22.93 -55.96 8.18
CA GLY G 18 23.16 -57.11 9.05
C GLY G 18 21.88 -57.73 9.57
N LYS G 19 20.75 -57.12 9.23
CA LYS G 19 19.44 -57.59 9.66
C LYS G 19 18.76 -58.42 8.56
N THR G 20 18.26 -59.59 8.92
CA THR G 20 17.60 -60.44 7.95
C THR G 20 16.13 -60.05 7.85
N LYS G 21 15.65 -59.88 6.63
CA LYS G 21 14.27 -59.51 6.39
C LYS G 21 13.68 -60.33 5.26
N ILE G 22 12.37 -60.53 5.34
CA ILE G 22 11.68 -61.28 4.30
C ILE G 22 10.86 -60.28 3.49
N ARG G 23 10.88 -60.44 2.18
CA ARG G 23 10.17 -59.55 1.28
C ARG G 23 9.18 -60.32 0.42
N ILE G 24 7.96 -59.82 0.32
CA ILE G 24 6.98 -60.48 -0.52
C ILE G 24 7.25 -60.04 -1.94
N LYS G 25 7.09 -60.96 -2.89
CA LYS G 25 7.28 -60.67 -4.30
C LYS G 25 5.88 -60.92 -4.87
N PRO G 26 5.02 -59.89 -4.83
CA PRO G 26 3.65 -60.00 -5.33
C PRO G 26 3.47 -60.63 -6.70
N PHE G 27 4.41 -60.38 -7.62
CA PHE G 27 4.29 -60.93 -8.96
C PHE G 27 4.47 -62.44 -9.03
N ASN G 28 5.43 -62.94 -8.25
CA ASN G 28 5.69 -64.37 -8.19
C ASN G 28 4.48 -65.11 -7.64
N ALA G 29 3.80 -64.53 -6.65
CA ALA G 29 2.60 -65.16 -6.12
C ALA G 29 1.56 -65.22 -7.23
N LEU G 30 1.50 -64.17 -8.05
CA LEU G 30 0.55 -64.10 -9.16
C LEU G 30 0.89 -65.19 -10.16
N ILE G 31 2.09 -65.12 -10.70
CA ILE G 31 2.55 -66.09 -11.68
C ILE G 31 2.37 -67.51 -11.16
N GLU G 32 2.80 -67.75 -9.93
CA GLU G 32 2.70 -69.07 -9.32
C GLU G 32 1.30 -69.60 -9.10
N LEU G 33 0.32 -68.71 -9.05
CA LEU G 33 -1.05 -69.12 -8.80
C LEU G 33 -1.98 -69.08 -10.02
N TYR G 34 -1.57 -68.40 -11.08
CA TYR G 34 -2.40 -68.27 -12.27
C TYR G 34 -1.61 -68.50 -13.55
N HIS G 35 -0.63 -69.39 -13.48
CA HIS G 35 0.20 -69.74 -14.63
C HIS G 35 -0.55 -70.72 -15.50
N HIS G 36 -1.70 -71.15 -15.02
CA HIS G 36 -2.56 -72.07 -15.75
C HIS G 36 -3.76 -71.33 -16.30
N GLN G 37 -4.27 -70.38 -15.53
CA GLN G 37 -5.41 -69.58 -15.99
C GLN G 37 -5.56 -68.27 -15.23
N THR G 38 -5.78 -67.19 -15.97
CA THR G 38 -5.97 -65.90 -15.35
C THR G 38 -7.20 -66.00 -14.45
N PRO G 39 -7.18 -65.30 -13.32
CA PRO G 39 -8.29 -65.30 -12.36
C PRO G 39 -9.63 -64.86 -12.90
N THR G 40 -10.68 -65.38 -12.26
CA THR G 40 -12.07 -65.08 -12.60
C THR G 40 -12.82 -65.32 -11.29
N GLY G 41 -14.07 -64.83 -11.20
CA GLY G 41 -14.85 -65.02 -9.99
C GLY G 41 -14.81 -63.85 -9.03
N SER G 42 -14.87 -64.13 -7.73
CA SER G 42 -14.84 -63.06 -6.74
C SER G 42 -13.43 -62.54 -6.60
N ILE G 43 -13.26 -61.24 -6.78
CA ILE G 43 -11.95 -60.63 -6.67
C ILE G 43 -11.45 -60.77 -5.24
N LYS G 44 -12.36 -60.55 -4.28
CA LYS G 44 -12.02 -60.64 -2.86
C LYS G 44 -11.55 -62.01 -2.43
N GLU G 45 -11.97 -63.02 -3.15
CA GLU G 45 -11.57 -64.37 -2.85
C GLU G 45 -10.18 -64.61 -3.41
N ASN G 46 -9.91 -64.02 -4.57
CA ASN G 46 -8.61 -64.17 -5.20
C ASN G 46 -7.53 -63.47 -4.41
N LEU G 47 -7.91 -62.38 -3.73
CA LEU G 47 -6.98 -61.60 -2.95
C LEU G 47 -6.62 -62.33 -1.64
N ASP G 48 -7.60 -63.01 -1.06
CA ASP G 48 -7.36 -63.75 0.17
C ASP G 48 -6.62 -65.02 -0.20
N LYS G 49 -7.02 -65.60 -1.33
CA LYS G 49 -6.38 -66.81 -1.84
C LYS G 49 -4.89 -66.56 -2.06
N LEU G 50 -4.58 -65.41 -2.64
CA LEU G 50 -3.18 -65.02 -2.84
C LEU G 50 -2.48 -64.72 -1.52
N GLU G 51 -3.22 -64.16 -0.58
CA GLU G 51 -2.64 -63.80 0.71
C GLU G 51 -2.38 -65.02 1.57
N ASN G 52 -3.36 -65.91 1.63
CA ASN G 52 -3.19 -67.13 2.41
C ASN G 52 -2.08 -67.96 1.78
N TYR G 53 -1.98 -67.90 0.47
CA TYR G 53 -0.93 -68.63 -0.24
C TYR G 53 0.42 -68.15 0.25
N VAL G 54 0.61 -66.84 0.28
CA VAL G 54 1.87 -66.27 0.74
C VAL G 54 2.13 -66.67 2.21
N LYS G 55 1.07 -66.72 3.00
CA LYS G 55 1.17 -67.08 4.42
C LYS G 55 1.52 -68.55 4.62
N ASP G 56 1.00 -69.42 3.75
CA ASP G 56 1.29 -70.84 3.83
C ASP G 56 2.71 -71.08 3.33
N VAL G 57 3.08 -70.42 2.25
CA VAL G 57 4.43 -70.56 1.72
C VAL G 57 5.45 -70.14 2.77
N VAL G 58 5.21 -69.01 3.41
CA VAL G 58 6.12 -68.51 4.42
C VAL G 58 6.10 -69.40 5.65
N LYS G 59 4.93 -69.93 5.97
CA LYS G 59 4.76 -70.81 7.13
C LYS G 59 5.60 -72.04 6.86
N ALA G 60 5.52 -72.53 5.63
CA ALA G 60 6.26 -73.71 5.22
C ALA G 60 7.75 -73.47 5.14
N LYS G 61 8.15 -72.25 4.75
CA LYS G 61 9.57 -71.94 4.66
C LYS G 61 10.14 -71.67 6.05
N GLY G 62 9.28 -71.69 7.06
CA GLY G 62 9.72 -71.44 8.42
C GLY G 62 10.06 -69.99 8.68
N LEU G 63 9.55 -69.11 7.81
CA LEU G 63 9.80 -67.69 7.93
C LEU G 63 8.71 -66.94 8.69
N ALA G 64 9.05 -65.70 9.04
CA ALA G 64 8.19 -64.79 9.78
C ALA G 64 7.10 -64.22 8.88
N ILE G 65 5.86 -64.32 9.36
CA ILE G 65 4.72 -63.79 8.60
C ILE G 65 4.95 -62.32 8.23
N PRO G 66 4.48 -61.92 7.03
CA PRO G 66 4.68 -60.53 6.64
C PRO G 66 3.75 -59.59 7.41
N THR G 67 4.22 -58.38 7.67
CA THR G 67 3.44 -57.38 8.39
C THR G 67 2.29 -56.95 7.53
N SER G 68 1.29 -56.31 8.14
CA SER G 68 0.15 -55.81 7.37
C SER G 68 0.65 -54.87 6.28
N GLY G 69 1.66 -54.06 6.63
CA GLY G 69 2.24 -53.13 5.69
C GLY G 69 2.61 -53.82 4.40
N ALA G 70 3.20 -55.01 4.52
CA ALA G 70 3.59 -55.77 3.34
C ALA G 70 2.35 -56.22 2.57
N PHE G 71 1.37 -56.77 3.29
CA PHE G 71 0.15 -57.24 2.67
C PHE G 71 -0.71 -56.15 2.09
N SER G 72 -0.70 -54.97 2.70
CA SER G 72 -1.46 -53.84 2.17
C SER G 72 -0.84 -53.45 0.84
N ASN G 73 0.48 -53.37 0.82
CA ASN G 73 1.21 -53.03 -0.41
C ASN G 73 0.90 -54.11 -1.44
N THR G 74 1.28 -55.34 -1.13
CA THR G 74 1.06 -56.46 -2.04
C THR G 74 -0.37 -56.54 -2.59
N ARG G 75 -1.37 -56.54 -1.70
CA ARG G 75 -2.76 -56.62 -2.14
C ARG G 75 -3.05 -55.51 -3.13
N GLY G 76 -2.37 -54.39 -2.94
CA GLY G 76 -2.57 -53.27 -3.82
C GLY G 76 -2.12 -53.65 -5.22
N THR G 77 -0.95 -54.25 -5.31
CA THR G 77 -0.40 -54.67 -6.59
C THR G 77 -1.26 -55.74 -7.24
N TRP G 78 -1.59 -56.76 -6.46
CA TRP G 78 -2.40 -57.83 -7.00
C TRP G 78 -3.65 -57.26 -7.65
N PHE G 79 -4.38 -56.43 -6.91
CA PHE G 79 -5.62 -55.85 -7.43
C PHE G 79 -5.39 -55.13 -8.74
N GLU G 80 -4.31 -54.38 -8.80
CA GLU G 80 -3.97 -53.63 -10.01
C GLU G 80 -3.70 -54.51 -11.21
N VAL G 81 -2.86 -55.52 -11.02
CA VAL G 81 -2.52 -56.43 -12.11
C VAL G 81 -3.75 -57.18 -12.62
N MET G 82 -4.55 -57.73 -11.70
CA MET G 82 -5.74 -58.47 -12.08
C MET G 82 -6.62 -57.59 -12.94
N ILE G 83 -6.74 -56.33 -12.55
CA ILE G 83 -7.55 -55.40 -13.31
C ILE G 83 -6.88 -55.03 -14.63
N ALA G 84 -5.55 -54.93 -14.62
CA ALA G 84 -4.80 -54.59 -15.83
C ALA G 84 -4.95 -55.68 -16.87
N ILE G 85 -4.81 -56.94 -16.45
CA ILE G 85 -4.95 -58.08 -17.35
C ILE G 85 -6.39 -58.15 -17.84
N GLN G 86 -7.33 -58.13 -16.90
CA GLN G 86 -8.75 -58.21 -17.21
C GLN G 86 -9.16 -57.11 -18.17
N SER G 87 -8.45 -56.00 -18.15
CA SER G 87 -8.73 -54.89 -19.05
C SER G 87 -8.10 -55.20 -20.40
N TRP G 88 -6.92 -55.80 -20.36
CA TRP G 88 -6.24 -56.15 -21.59
C TRP G 88 -7.17 -57.02 -22.43
N ASN G 89 -7.69 -58.07 -21.80
CA ASN G 89 -8.59 -58.98 -22.48
C ASN G 89 -9.93 -58.35 -22.82
N TYR G 90 -10.40 -57.48 -21.94
CA TYR G 90 -11.68 -56.80 -22.17
C TYR G 90 -11.79 -56.18 -23.55
N ARG G 91 -10.79 -55.39 -23.93
CA ARG G 91 -10.82 -54.73 -25.21
C ARG G 91 -10.68 -55.73 -26.35
N VAL G 92 -10.09 -56.88 -26.06
CA VAL G 92 -9.92 -57.92 -27.07
C VAL G 92 -11.26 -58.55 -27.43
N LYS G 93 -11.98 -59.06 -26.42
CA LYS G 93 -13.27 -59.68 -26.64
C LYS G 93 -14.37 -58.70 -26.97
N ARG G 94 -14.13 -57.42 -26.68
CA ARG G 94 -15.11 -56.39 -26.96
C ARG G 94 -14.76 -55.84 -28.32
N GLU G 95 -13.59 -56.25 -28.81
CA GLU G 95 -13.09 -55.84 -30.11
C GLU G 95 -13.10 -54.34 -30.32
N LEU G 96 -12.29 -53.64 -29.52
CA LEU G 96 -12.18 -52.17 -29.58
C LEU G 96 -10.80 -51.82 -30.17
N ASN G 97 -10.71 -51.88 -31.50
CA ASN G 97 -9.46 -51.62 -32.18
C ASN G 97 -8.85 -50.23 -31.96
N ASP G 98 -9.54 -49.37 -31.24
CA ASP G 98 -9.03 -48.01 -31.08
C ASP G 98 -8.94 -47.53 -29.62
N TYR G 99 -8.98 -48.48 -28.69
CA TYR G 99 -8.91 -48.19 -27.26
C TYR G 99 -7.81 -48.94 -26.57
N LEU G 100 -7.20 -48.30 -25.58
CA LEU G 100 -6.17 -48.91 -24.77
C LEU G 100 -6.47 -48.58 -23.33
N ILE G 101 -6.35 -49.58 -22.48
CA ILE G 101 -6.58 -49.42 -21.06
C ILE G 101 -5.23 -49.79 -20.47
N ILE G 102 -4.50 -48.77 -20.04
CA ILE G 102 -3.14 -48.95 -19.53
C ILE G 102 -2.93 -48.83 -18.03
N LYS G 103 -2.22 -49.80 -17.46
CA LYS G 103 -1.89 -49.79 -16.03
C LYS G 103 -0.62 -48.97 -15.96
N MET G 104 -0.72 -47.81 -15.31
CA MET G 104 0.41 -46.89 -15.21
C MET G 104 1.37 -47.14 -14.06
N PRO G 105 2.64 -46.77 -14.24
CA PRO G 105 3.71 -46.92 -13.25
C PRO G 105 3.68 -45.63 -12.38
N ASN G 106 4.55 -45.50 -11.39
CA ASN G 106 4.52 -44.29 -10.59
C ASN G 106 4.98 -43.11 -11.42
N VAL G 107 4.62 -41.91 -10.97
CA VAL G 107 4.93 -40.67 -11.68
C VAL G 107 6.42 -40.42 -11.93
N LYS G 108 7.28 -41.04 -11.14
CA LYS G 108 8.73 -40.88 -11.31
C LYS G 108 9.24 -41.80 -12.41
N THR G 109 8.80 -43.05 -12.38
CA THR G 109 9.16 -44.02 -13.39
C THR G 109 8.75 -43.48 -14.75
N PHE G 110 7.51 -43.02 -14.85
CA PHE G 110 7.00 -42.49 -16.11
C PHE G 110 5.87 -41.49 -15.83
N ASP G 111 6.21 -40.21 -15.75
CA ASP G 111 5.22 -39.18 -15.54
C ASP G 111 4.20 -39.32 -16.68
N PHE G 112 2.94 -39.53 -16.34
CA PHE G 112 1.90 -39.71 -17.36
C PHE G 112 1.80 -38.60 -18.41
N ARG G 113 2.37 -37.44 -18.13
CA ARG G 113 2.34 -36.34 -19.10
C ARG G 113 3.13 -36.75 -20.33
N LYS G 114 3.99 -37.74 -20.18
CA LYS G 114 4.85 -38.21 -21.26
C LYS G 114 4.09 -38.91 -22.39
N ILE G 115 2.87 -39.34 -22.11
CA ILE G 115 2.10 -40.02 -23.13
C ILE G 115 1.71 -39.09 -24.26
N PHE G 116 1.81 -37.78 -24.04
CA PHE G 116 1.40 -36.81 -25.04
C PHE G 116 2.40 -36.46 -26.13
N ASP G 117 1.86 -36.09 -27.29
CA ASP G 117 2.68 -35.70 -28.44
C ASP G 117 3.44 -34.44 -28.05
N ASN G 118 4.39 -34.01 -28.87
CA ASN G 118 5.16 -32.82 -28.55
C ASN G 118 4.34 -31.55 -28.42
N GLU G 119 3.39 -31.32 -29.33
CA GLU G 119 2.61 -30.10 -29.22
C GLU G 119 1.87 -29.98 -27.90
N THR G 120 1.26 -31.07 -27.45
CA THR G 120 0.52 -31.07 -26.19
C THR G 120 1.44 -30.89 -25.00
N ARG G 121 2.56 -31.61 -25.00
CA ARG G 121 3.50 -31.51 -23.88
C ARG G 121 4.05 -30.10 -23.71
N GLU G 122 4.08 -29.33 -24.79
CA GLU G 122 4.56 -27.96 -24.73
C GLU G 122 3.49 -27.12 -24.04
N LYS G 123 2.25 -27.22 -24.49
CA LYS G 123 1.20 -26.45 -23.85
C LYS G 123 1.33 -26.64 -22.33
N LEU G 124 1.52 -27.89 -21.91
CA LEU G 124 1.65 -28.20 -20.49
C LEU G 124 2.87 -27.52 -19.88
N HIS G 125 3.94 -27.45 -20.66
CA HIS G 125 5.16 -26.80 -20.18
C HIS G 125 4.84 -25.33 -19.97
N GLN G 126 4.18 -24.73 -20.97
CA GLN G 126 3.81 -23.30 -20.90
C GLN G 126 3.18 -23.04 -19.56
N LEU G 127 2.14 -23.82 -19.26
CA LEU G 127 1.41 -23.69 -18.00
C LEU G 127 2.26 -23.95 -16.77
N GLU G 128 2.98 -25.08 -16.75
CA GLU G 128 3.81 -25.40 -15.60
C GLU G 128 4.81 -24.29 -15.28
N LYS G 129 5.59 -23.90 -16.30
CA LYS G 129 6.60 -22.85 -16.13
C LYS G 129 5.97 -21.52 -15.72
N SER G 130 4.75 -21.28 -16.19
CA SER G 130 4.06 -20.06 -15.84
C SER G 130 3.75 -20.07 -14.35
N LEU G 131 3.18 -21.17 -13.87
CA LEU G 131 2.81 -21.32 -12.47
C LEU G 131 3.99 -21.20 -11.52
N LEU G 132 5.19 -21.54 -12.00
CA LEU G 132 6.39 -21.43 -11.17
C LEU G 132 6.96 -20.01 -11.21
N THR G 133 6.51 -19.23 -12.19
CA THR G 133 6.96 -17.87 -12.36
C THR G 133 6.16 -16.90 -11.49
N HIS G 134 6.17 -17.13 -10.20
CA HIS G 134 5.46 -16.26 -9.27
C HIS G 134 6.21 -16.22 -7.95
N LYS G 135 5.92 -15.20 -7.15
CA LYS G 135 6.56 -15.07 -5.84
C LYS G 135 6.41 -16.43 -5.17
N GLN G 136 5.15 -16.77 -4.88
CA GLN G 136 4.80 -18.04 -4.28
C GLN G 136 4.60 -18.99 -5.46
N GLN G 137 5.53 -19.91 -5.62
CA GLN G 137 5.50 -20.87 -6.71
C GLN G 137 4.41 -21.89 -6.58
N VAL G 138 3.77 -22.19 -7.69
CA VAL G 138 2.67 -23.14 -7.71
C VAL G 138 2.92 -24.26 -8.71
N ARG G 139 2.40 -25.45 -8.40
CA ARG G 139 2.54 -26.62 -9.25
C ARG G 139 1.19 -27.32 -9.39
N LEU G 140 1.15 -28.37 -10.19
CA LEU G 140 -0.05 -29.18 -10.40
C LEU G 140 0.38 -30.63 -10.30
N ILE G 141 0.64 -31.08 -9.08
CA ILE G 141 1.10 -32.44 -8.85
C ILE G 141 0.08 -33.44 -8.33
N THR G 142 0.12 -34.63 -8.92
CA THR G 142 -0.75 -35.74 -8.53
C THR G 142 -0.06 -37.01 -8.98
N SER G 143 -0.28 -38.09 -8.23
CA SER G 143 0.31 -39.38 -8.58
C SER G 143 -0.32 -39.82 -9.88
N ASN G 144 0.41 -40.60 -10.68
CA ASN G 144 -0.13 -41.10 -11.95
C ASN G 144 -1.43 -41.84 -11.68
N PRO G 145 -2.45 -41.67 -12.56
CA PRO G 145 -3.68 -42.39 -12.30
C PRO G 145 -3.36 -43.88 -12.45
N ASP G 146 -3.98 -44.72 -11.64
CA ASP G 146 -3.71 -46.14 -11.71
C ASP G 146 -3.93 -46.70 -13.12
N LEU G 147 -5.04 -46.30 -13.72
CA LEU G 147 -5.40 -46.78 -15.05
C LEU G 147 -5.70 -45.64 -16.00
N LEU G 148 -5.20 -45.73 -17.22
CA LEU G 148 -5.48 -44.71 -18.21
C LEU G 148 -6.20 -45.36 -19.39
N ILE G 149 -7.21 -44.68 -19.90
CA ILE G 149 -7.95 -45.20 -21.04
C ILE G 149 -7.77 -44.21 -22.18
N ILE G 150 -7.07 -44.67 -23.20
CA ILE G 150 -6.79 -43.84 -24.38
C ILE G 150 -7.62 -44.32 -25.58
N ARG G 151 -8.00 -43.39 -26.43
CA ARG G 151 -8.74 -43.75 -27.63
C ARG G 151 -8.07 -43.08 -28.83
N GLN G 152 -7.18 -43.82 -29.46
CA GLN G 152 -6.44 -43.35 -30.63
C GLN G 152 -6.06 -44.56 -31.45
N LYS G 153 -6.76 -44.76 -32.56
CA LYS G 153 -6.55 -45.89 -33.45
C LYS G 153 -5.11 -46.25 -33.81
N ASP G 154 -4.35 -45.27 -34.27
CA ASP G 154 -2.97 -45.52 -34.68
C ASP G 154 -2.01 -45.99 -33.59
N LEU G 155 -2.51 -46.24 -32.38
CA LEU G 155 -1.64 -46.69 -31.29
C LEU G 155 -1.76 -48.17 -31.02
N ILE G 156 -2.82 -48.76 -31.57
CA ILE G 156 -3.07 -50.19 -31.38
C ILE G 156 -2.20 -51.05 -32.29
N LYS G 157 -1.42 -51.92 -31.66
CA LYS G 157 -0.53 -52.86 -32.34
C LYS G 157 -1.22 -54.22 -32.28
N SER G 158 -1.16 -54.98 -33.37
CA SER G 158 -1.81 -56.28 -33.43
C SER G 158 -1.50 -57.20 -32.23
N GLU G 159 -0.36 -56.97 -31.60
CA GLU G 159 0.04 -57.78 -30.45
C GLU G 159 -0.88 -57.60 -29.25
N TYR G 160 -1.50 -56.44 -29.17
CA TYR G 160 -2.39 -56.14 -28.07
C TYR G 160 -3.66 -56.98 -28.16
N ASN G 161 -3.88 -57.58 -29.33
CA ASN G 161 -5.08 -58.38 -29.52
C ASN G 161 -4.94 -59.83 -29.09
N LEU G 162 -3.77 -60.20 -28.56
CA LEU G 162 -3.56 -61.56 -28.09
C LEU G 162 -3.89 -61.59 -26.62
N PRO G 163 -5.06 -62.15 -26.26
CA PRO G 163 -5.50 -62.22 -24.87
C PRO G 163 -4.50 -62.92 -23.95
N ILE G 164 -4.47 -62.51 -22.69
CA ILE G 164 -3.58 -63.09 -21.69
C ILE G 164 -4.42 -64.08 -20.92
N ASN G 165 -4.15 -65.37 -21.11
CA ASN G 165 -4.96 -66.37 -20.43
C ASN G 165 -4.28 -67.13 -19.31
N LYS G 166 -3.12 -66.64 -18.91
CA LYS G 166 -2.39 -67.23 -17.80
C LYS G 166 -1.40 -66.18 -17.36
N LEU G 167 -1.13 -66.13 -16.06
CA LEU G 167 -0.19 -65.15 -15.55
C LEU G 167 1.24 -65.65 -15.58
N THR G 168 2.04 -65.00 -16.39
CA THR G 168 3.43 -65.39 -16.51
C THR G 168 4.28 -64.13 -16.50
N HIS G 169 5.56 -64.28 -16.15
CA HIS G 169 6.49 -63.16 -16.13
C HIS G 169 6.35 -62.28 -17.37
N GLU G 170 6.35 -62.87 -18.57
CA GLU G 170 6.23 -62.12 -19.83
C GLU G 170 4.88 -61.44 -19.96
N ASN G 171 3.84 -62.22 -19.68
CA ASN G 171 2.45 -61.78 -19.72
C ASN G 171 2.28 -60.52 -18.90
N ILE G 172 2.66 -60.62 -17.64
CA ILE G 172 2.56 -59.51 -16.73
C ILE G 172 3.43 -58.35 -17.25
N ASP G 173 4.67 -58.65 -17.62
CA ASP G 173 5.58 -57.64 -18.14
C ASP G 173 5.00 -56.87 -19.32
N VAL G 174 4.39 -57.56 -20.28
CA VAL G 174 3.83 -56.87 -21.44
C VAL G 174 2.68 -55.96 -21.04
N ALA G 175 1.89 -56.41 -20.07
CA ALA G 175 0.78 -55.60 -19.62
C ALA G 175 1.28 -54.34 -18.91
N LEU G 176 2.26 -54.54 -18.04
CA LEU G 176 2.84 -53.44 -17.26
C LEU G 176 3.83 -52.52 -17.96
N THR G 177 4.16 -52.83 -19.21
CA THR G 177 5.09 -51.98 -19.95
C THR G 177 4.40 -51.42 -21.18
N LEU G 178 3.12 -51.74 -21.33
CA LEU G 178 2.30 -51.28 -22.43
C LEU G 178 2.42 -49.75 -22.55
N PHE G 179 2.55 -49.09 -21.40
CA PHE G 179 2.66 -47.64 -21.32
C PHE G 179 3.86 -47.10 -22.12
N LYS G 180 4.94 -47.85 -22.17
CA LYS G 180 6.12 -47.41 -22.91
C LYS G 180 5.83 -47.19 -24.39
N ASP G 181 5.04 -48.08 -24.99
CA ASP G 181 4.71 -47.99 -26.41
C ASP G 181 4.08 -46.67 -26.83
N ILE G 182 3.21 -46.12 -26.00
CA ILE G 182 2.54 -44.88 -26.38
C ILE G 182 3.24 -43.58 -26.02
N GLU G 183 4.40 -43.66 -25.36
CA GLU G 183 5.12 -42.45 -24.97
C GLU G 183 5.29 -41.43 -26.08
N GLY G 184 4.84 -40.20 -25.82
CA GLY G 184 4.96 -39.11 -26.77
C GLY G 184 4.15 -39.23 -28.05
N LYS G 185 3.17 -40.11 -28.07
CA LYS G 185 2.35 -40.30 -29.27
C LYS G 185 0.87 -39.94 -29.18
N CYS G 186 0.36 -39.70 -27.97
CA CYS G 186 -1.04 -39.37 -27.79
C CYS G 186 -1.40 -37.93 -28.03
N LYS G 187 -2.51 -37.71 -28.74
CA LYS G 187 -3.00 -36.36 -28.99
C LYS G 187 -3.74 -36.07 -27.69
N TRP G 188 -3.67 -34.83 -27.22
CA TRP G 188 -4.32 -34.48 -25.96
C TRP G 188 -5.74 -35.02 -25.77
N ASP G 189 -6.59 -34.94 -26.79
CA ASP G 189 -7.96 -35.41 -26.61
C ASP G 189 -8.13 -36.89 -26.85
N SER G 190 -7.03 -37.61 -26.95
CA SER G 190 -7.10 -39.07 -27.16
C SER G 190 -7.28 -39.69 -25.80
N LEU G 191 -6.93 -38.91 -24.78
CA LEU G 191 -7.07 -39.34 -23.40
C LEU G 191 -8.53 -39.12 -23.06
N VAL G 192 -9.23 -40.18 -22.71
CA VAL G 192 -10.65 -40.06 -22.41
C VAL G 192 -11.05 -40.30 -20.96
N ALA G 193 -10.26 -41.07 -20.22
CA ALA G 193 -10.60 -41.33 -18.85
C ALA G 193 -9.46 -41.94 -18.04
N GLY G 194 -9.54 -41.77 -16.72
CA GLY G 194 -8.54 -42.32 -15.82
C GLY G 194 -9.31 -43.07 -14.76
N VAL G 195 -8.67 -44.03 -14.11
CA VAL G 195 -9.34 -44.79 -13.07
C VAL G 195 -8.41 -45.05 -11.89
N GLY G 196 -8.89 -44.70 -10.71
CA GLY G 196 -8.11 -44.92 -9.51
C GLY G 196 -8.60 -46.23 -8.95
N LEU G 197 -7.68 -47.13 -8.64
CA LEU G 197 -8.03 -48.44 -8.10
C LEU G 197 -7.63 -48.53 -6.65
N LYS G 198 -8.54 -49.05 -5.83
CA LYS G 198 -8.30 -49.22 -4.40
C LYS G 198 -9.03 -50.46 -3.90
N THR G 199 -8.31 -51.38 -3.26
CA THR G 199 -8.92 -52.58 -2.75
C THR G 199 -9.99 -52.20 -1.71
N SER G 200 -9.76 -51.10 -1.00
CA SER G 200 -10.70 -50.62 0.01
C SER G 200 -10.61 -49.11 0.13
N LEU G 201 -11.65 -48.52 0.70
CA LEU G 201 -11.66 -47.08 0.88
C LEU G 201 -11.62 -46.75 2.36
N ARG G 202 -11.33 -45.48 2.65
CA ARG G 202 -11.31 -44.96 4.01
C ARG G 202 -11.73 -43.52 3.87
N PRO G 203 -12.35 -42.95 4.90
CA PRO G 203 -12.80 -41.55 4.82
C PRO G 203 -11.70 -40.59 4.36
N ASP G 204 -10.45 -40.93 4.67
CA ASP G 204 -9.34 -40.06 4.28
C ASP G 204 -8.77 -40.45 2.92
N ARG G 205 -8.49 -41.74 2.72
CA ARG G 205 -7.92 -42.18 1.44
C ARG G 205 -8.82 -41.95 0.22
N ARG G 206 -10.13 -42.06 0.38
CA ARG G 206 -11.03 -41.86 -0.74
C ARG G 206 -10.92 -40.45 -1.30
N LEU G 207 -10.47 -39.51 -0.48
CA LEU G 207 -10.33 -38.11 -0.90
C LEU G 207 -9.14 -37.93 -1.83
N GLN G 208 -8.28 -38.95 -1.89
CA GLN G 208 -7.12 -38.93 -2.77
C GLN G 208 -7.62 -39.09 -4.20
N LEU G 209 -8.75 -39.76 -4.35
CA LEU G 209 -9.37 -39.95 -5.65
C LEU G 209 -9.88 -38.60 -6.14
N VAL G 210 -10.54 -37.85 -5.26
CA VAL G 210 -11.08 -36.53 -5.59
C VAL G 210 -9.96 -35.60 -6.01
N HIS G 211 -8.84 -35.66 -5.29
CA HIS G 211 -7.69 -34.84 -5.63
C HIS G 211 -7.18 -35.24 -7.01
N GLU G 212 -7.01 -36.55 -7.22
CA GLU G 212 -6.51 -37.05 -8.50
C GLU G 212 -7.40 -36.59 -9.65
N GLY G 213 -8.71 -36.78 -9.51
CA GLY G 213 -9.60 -36.37 -10.58
C GLY G 213 -9.54 -34.87 -10.78
N ASN G 214 -9.47 -34.13 -9.68
CA ASN G 214 -9.44 -32.69 -9.74
C ASN G 214 -8.23 -32.16 -10.49
N ILE G 215 -7.03 -32.59 -10.10
CA ILE G 215 -5.82 -32.11 -10.78
C ILE G 215 -5.77 -32.59 -12.23
N LEU G 216 -6.19 -33.82 -12.49
CA LEU G 216 -6.18 -34.32 -13.87
C LEU G 216 -7.15 -33.48 -14.70
N LYS G 217 -8.37 -33.29 -14.21
CA LYS G 217 -9.34 -32.50 -14.95
C LYS G 217 -8.93 -31.04 -15.08
N SER G 218 -8.14 -30.56 -14.15
CA SER G 218 -7.68 -29.18 -14.21
C SER G 218 -6.68 -29.06 -15.36
N LEU G 219 -5.81 -30.05 -15.50
CA LEU G 219 -4.84 -30.06 -16.59
C LEU G 219 -5.57 -30.14 -17.90
N PHE G 220 -6.49 -31.10 -18.00
CA PHE G 220 -7.27 -31.30 -19.23
C PHE G 220 -8.05 -30.04 -19.59
N ALA G 221 -8.58 -29.37 -18.58
CA ALA G 221 -9.32 -28.15 -18.78
C ALA G 221 -8.43 -27.14 -19.47
N HIS G 222 -7.16 -27.10 -19.11
CA HIS G 222 -6.26 -26.15 -19.72
C HIS G 222 -5.91 -26.49 -21.15
N LEU G 223 -5.93 -27.78 -21.48
CA LEU G 223 -5.64 -28.20 -22.84
C LEU G 223 -6.83 -27.83 -23.70
N LYS G 224 -8.04 -27.99 -23.15
CA LYS G 224 -9.24 -27.61 -23.88
C LYS G 224 -9.21 -26.12 -24.18
N MET G 225 -8.75 -25.32 -23.23
CA MET G 225 -8.64 -23.88 -23.47
C MET G 225 -7.61 -23.69 -24.58
N ALA G 226 -6.41 -24.24 -24.36
CA ALA G 226 -5.29 -24.14 -25.30
C ALA G 226 -5.71 -24.39 -26.73
N TYR G 227 -6.44 -25.47 -26.95
CA TYR G 227 -6.91 -25.82 -28.28
C TYR G 227 -8.34 -25.35 -28.47
N TRP G 228 -8.77 -24.45 -27.59
CA TRP G 228 -10.13 -23.91 -27.61
C TRP G 228 -11.15 -24.90 -28.20
N ASN G 229 -11.24 -26.06 -27.55
CA ASN G 229 -12.14 -27.13 -27.96
C ASN G 229 -13.06 -27.52 -26.81
N PRO G 230 -14.27 -26.95 -26.75
CA PRO G 230 -15.23 -27.26 -25.68
C PRO G 230 -15.85 -28.67 -25.75
N LYS G 231 -15.62 -29.36 -26.87
CA LYS G 231 -16.15 -30.71 -27.10
C LYS G 231 -15.37 -31.85 -26.44
N ALA G 232 -14.07 -31.69 -26.27
CA ALA G 232 -13.25 -32.73 -25.65
C ALA G 232 -13.65 -32.93 -24.18
N GLU G 233 -13.60 -34.17 -23.73
CA GLU G 233 -13.95 -34.48 -22.36
C GLU G 233 -13.06 -35.55 -21.73
N PHE G 234 -12.77 -35.38 -20.45
CA PHE G 234 -11.97 -36.34 -19.71
C PHE G 234 -12.76 -36.68 -18.46
N LYS G 235 -12.89 -37.97 -18.18
CA LYS G 235 -13.64 -38.40 -17.01
C LYS G 235 -12.73 -39.22 -16.14
N TYR G 236 -12.93 -39.11 -14.83
CA TYR G 236 -12.13 -39.86 -13.90
C TYR G 236 -13.07 -40.72 -13.09
N TYR G 237 -12.66 -41.96 -12.83
CA TYR G 237 -13.48 -42.87 -12.09
C TYR G 237 -12.70 -43.57 -10.99
N GLY G 238 -13.43 -44.08 -10.01
CA GLY G 238 -12.81 -44.80 -8.92
C GLY G 238 -13.38 -46.19 -8.88
N ALA G 239 -12.57 -47.16 -8.48
CA ALA G 239 -13.01 -48.55 -8.39
C ALA G 239 -12.51 -49.20 -7.11
N SER G 240 -13.44 -49.78 -6.35
CA SER G 240 -13.12 -50.45 -5.09
C SER G 240 -13.50 -51.94 -5.19
N SER G 241 -12.76 -52.80 -4.50
CA SER G 241 -13.03 -54.22 -4.52
C SER G 241 -14.07 -54.55 -3.44
N GLU G 242 -14.44 -53.53 -2.66
CA GLU G 242 -15.41 -53.71 -1.58
C GLU G 242 -16.62 -52.81 -1.75
N PRO G 243 -17.65 -53.03 -0.92
CA PRO G 243 -18.88 -52.22 -0.99
C PRO G 243 -18.56 -50.75 -0.74
N VAL G 244 -19.26 -49.88 -1.47
CA VAL G 244 -19.09 -48.45 -1.36
C VAL G 244 -20.28 -47.88 -0.57
N SER G 245 -20.02 -47.35 0.61
CA SER G 245 -21.06 -46.78 1.47
C SER G 245 -21.61 -45.49 0.88
N LYS G 246 -22.72 -45.00 1.42
CA LYS G 246 -23.25 -43.73 0.94
C LYS G 246 -22.21 -42.66 1.26
N ALA G 247 -21.59 -42.76 2.44
CA ALA G 247 -20.58 -41.81 2.85
C ALA G 247 -19.50 -41.74 1.80
N ASP G 248 -19.05 -42.90 1.34
CA ASP G 248 -18.03 -42.95 0.30
C ASP G 248 -18.58 -42.27 -0.94
N ASP G 249 -19.81 -42.60 -1.28
CA ASP G 249 -20.51 -42.03 -2.42
C ASP G 249 -20.58 -40.51 -2.42
N ASP G 250 -21.10 -39.95 -1.34
CA ASP G 250 -21.23 -38.51 -1.23
C ASP G 250 -19.87 -37.85 -1.35
N ALA G 251 -18.89 -38.36 -0.63
CA ALA G 251 -17.55 -37.81 -0.68
C ALA G 251 -17.03 -37.77 -2.11
N LEU G 252 -17.27 -38.84 -2.86
CA LEU G 252 -16.81 -38.91 -4.24
C LEU G 252 -17.66 -38.12 -5.24
N GLN G 253 -18.62 -37.36 -4.71
CA GLN G 253 -19.48 -36.50 -5.54
C GLN G 253 -18.93 -35.10 -5.47
N THR G 254 -17.84 -34.94 -4.72
CA THR G 254 -17.14 -33.68 -4.55
C THR G 254 -16.77 -33.15 -5.91
N ALA G 255 -16.76 -31.85 -6.05
CA ALA G 255 -16.51 -31.23 -7.32
C ALA G 255 -15.07 -30.85 -7.59
N ALA G 256 -14.85 -30.48 -8.85
CA ALA G 256 -13.56 -30.13 -9.36
C ALA G 256 -13.61 -28.65 -9.21
N THR G 257 -13.01 -28.18 -8.14
CA THR G 257 -13.27 -26.86 -7.70
C THR G 257 -13.27 -25.82 -8.80
N HIS G 258 -12.60 -26.10 -9.90
CA HIS G 258 -12.51 -25.09 -10.94
C HIS G 258 -13.79 -25.04 -11.75
N THR G 259 -14.71 -25.93 -11.46
CA THR G 259 -15.93 -25.96 -12.28
C THR G 259 -17.13 -25.35 -11.57
N ILE G 260 -16.94 -24.84 -10.35
CA ILE G 260 -18.05 -24.24 -9.63
C ILE G 260 -17.77 -22.80 -9.20
N VAL G 261 -16.78 -22.18 -9.84
CA VAL G 261 -16.41 -20.81 -9.52
C VAL G 261 -17.56 -19.86 -9.84
N ASN G 262 -18.18 -20.06 -10.99
CA ASN G 262 -19.28 -19.21 -11.45
C ASN G 262 -20.67 -19.77 -11.26
N VAL G 263 -21.63 -18.88 -10.98
CA VAL G 263 -23.01 -19.28 -10.74
C VAL G 263 -23.62 -19.86 -12.00
N ASN G 264 -23.12 -19.42 -13.14
CA ASN G 264 -23.62 -19.87 -14.43
C ASN G 264 -22.55 -20.75 -15.08
N SER G 265 -22.19 -21.81 -14.36
CA SER G 265 -21.17 -22.79 -14.79
C SER G 265 -21.55 -24.14 -14.20
N THR G 266 -22.03 -25.05 -15.05
CA THR G 266 -22.42 -26.37 -14.58
C THR G 266 -21.26 -27.04 -13.85
N PRO G 267 -21.49 -27.46 -12.60
CA PRO G 267 -20.46 -28.10 -11.80
C PRO G 267 -20.15 -29.48 -12.36
N GLU G 268 -18.95 -29.94 -12.09
CA GLU G 268 -18.50 -31.23 -12.55
C GLU G 268 -17.84 -31.92 -11.37
N ARG G 269 -18.03 -33.23 -11.25
CA ARG G 269 -17.44 -34.00 -10.17
C ARG G 269 -15.99 -34.34 -10.48
N ALA G 270 -15.14 -34.34 -9.45
CA ALA G 270 -13.74 -34.69 -9.62
C ALA G 270 -13.74 -36.15 -10.08
N VAL G 271 -14.52 -36.97 -9.38
CA VAL G 271 -14.65 -38.38 -9.69
C VAL G 271 -16.06 -38.55 -10.22
N ASP G 272 -16.18 -38.84 -11.52
CA ASP G 272 -17.48 -39.01 -12.16
C ASP G 272 -18.35 -40.13 -11.60
N ASP G 273 -17.71 -41.24 -11.22
CA ASP G 273 -18.46 -42.36 -10.67
C ASP G 273 -17.52 -43.30 -9.91
N ILE G 274 -18.07 -43.99 -8.91
CA ILE G 274 -17.31 -44.93 -8.09
C ILE G 274 -17.91 -46.32 -8.31
N PHE G 275 -17.06 -47.29 -8.60
CA PHE G 275 -17.51 -48.65 -8.85
C PHE G 275 -17.09 -49.62 -7.77
N SER G 276 -18.01 -50.51 -7.39
CA SER G 276 -17.72 -51.56 -6.41
C SER G 276 -17.60 -52.84 -7.26
N LEU G 277 -16.38 -53.34 -7.38
CA LEU G 277 -16.13 -54.53 -8.17
C LEU G 277 -16.02 -55.77 -7.30
N THR G 278 -17.08 -56.57 -7.29
CA THR G 278 -17.07 -57.78 -6.48
C THR G 278 -16.50 -58.95 -7.25
N SER G 279 -16.76 -59.00 -8.54
CA SER G 279 -16.28 -60.08 -9.39
C SER G 279 -15.57 -59.53 -10.62
N PHE G 280 -14.87 -60.40 -11.35
CA PHE G 280 -14.18 -59.99 -12.54
C PHE G 280 -15.18 -59.63 -13.62
N GLU G 281 -16.39 -60.13 -13.49
CA GLU G 281 -17.40 -59.77 -14.47
C GLU G 281 -17.67 -58.27 -14.33
N ASP G 282 -17.70 -57.78 -13.10
CA ASP G 282 -17.94 -56.36 -12.82
C ASP G 282 -16.92 -55.42 -13.46
N ILE G 283 -15.69 -55.89 -13.58
CA ILE G 283 -14.65 -55.10 -14.21
C ILE G 283 -15.10 -54.82 -15.64
N ASP G 284 -15.66 -55.84 -16.28
CA ASP G 284 -16.12 -55.69 -17.64
C ASP G 284 -17.27 -54.71 -17.68
N LYS G 285 -18.18 -54.84 -16.73
CA LYS G 285 -19.33 -53.95 -16.66
C LYS G 285 -18.91 -52.51 -16.44
N MET G 286 -17.93 -52.32 -15.58
CA MET G 286 -17.44 -50.99 -15.31
C MET G 286 -16.90 -50.40 -16.59
N LEU G 287 -16.00 -51.13 -17.23
CA LEU G 287 -15.38 -50.70 -18.48
C LEU G 287 -16.42 -50.39 -19.55
N ASP G 288 -17.51 -51.14 -19.53
CA ASP G 288 -18.59 -50.92 -20.49
C ASP G 288 -19.19 -49.53 -20.26
N GLN G 289 -19.43 -49.20 -18.99
CA GLN G 289 -20.02 -47.91 -18.62
C GLN G 289 -19.06 -46.77 -18.90
N ILE G 290 -17.77 -47.00 -18.62
CA ILE G 290 -16.74 -45.99 -18.84
C ILE G 290 -16.53 -45.71 -20.31
N ILE G 291 -16.28 -46.77 -21.08
CA ILE G 291 -16.02 -46.64 -22.52
C ILE G 291 -17.21 -46.29 -23.41
N LYS G 292 -18.34 -46.95 -23.22
CA LYS G 292 -19.50 -46.63 -24.05
C LYS G 292 -20.42 -45.72 -23.24
N THR H 3 6.32 -48.15 39.46
CA THR H 3 6.70 -49.58 39.34
C THR H 3 5.56 -50.41 38.72
N ASN H 4 4.33 -50.12 39.14
CA ASN H 4 3.18 -50.88 38.66
C ASN H 4 2.60 -50.59 37.29
N LEU H 5 3.37 -50.87 36.25
CA LEU H 5 2.88 -50.71 34.88
C LEU H 5 1.61 -51.56 34.72
N THR H 6 1.55 -52.67 35.47
CA THR H 6 0.39 -53.55 35.39
C THR H 6 -0.85 -52.82 35.87
N ASN H 7 -0.66 -51.59 36.34
CA ASN H 7 -1.79 -50.80 36.82
C ASN H 7 -2.20 -49.71 35.84
N SER H 8 -1.44 -49.56 34.77
CA SER H 8 -1.74 -48.54 33.78
C SER H 8 -3.08 -48.75 33.12
N ASN H 9 -3.59 -47.70 32.49
CA ASN H 9 -4.85 -47.78 31.80
C ASN H 9 -4.69 -47.39 30.35
N CYS H 10 -3.46 -47.17 29.92
CA CYS H 10 -3.24 -46.79 28.53
C CYS H 10 -3.73 -47.90 27.61
N VAL H 11 -3.93 -49.09 28.17
CA VAL H 11 -4.46 -50.23 27.40
C VAL H 11 -5.67 -50.79 28.16
N GLU H 12 -6.71 -51.15 27.42
CA GLU H 12 -7.93 -51.67 27.99
C GLU H 12 -8.32 -52.94 27.26
N GLU H 13 -8.68 -53.98 28.02
CA GLU H 13 -9.09 -55.26 27.44
C GLU H 13 -10.60 -55.35 27.34
N TYR H 14 -11.09 -56.06 26.34
CA TYR H 14 -12.53 -56.21 26.15
C TYR H 14 -12.83 -57.37 25.22
N LYS H 15 -14.05 -57.90 25.29
CA LYS H 15 -14.44 -59.00 24.43
C LYS H 15 -15.40 -58.46 23.37
N GLU H 16 -15.31 -59.04 22.17
CA GLU H 16 -16.13 -58.64 21.05
C GLU H 16 -16.51 -59.83 20.19
N ASN H 17 -17.69 -60.40 20.45
CA ASN H 17 -18.17 -61.56 19.72
C ASN H 17 -17.47 -62.78 20.32
N GLY H 18 -17.28 -62.75 21.64
CA GLY H 18 -16.61 -63.84 22.32
C GLY H 18 -15.09 -63.78 22.18
N LYS H 19 -14.61 -62.82 21.39
CA LYS H 19 -13.19 -62.64 21.15
C LYS H 19 -12.59 -61.58 22.06
N THR H 20 -11.48 -61.91 22.71
CA THR H 20 -10.84 -60.96 23.59
C THR H 20 -9.88 -60.09 22.79
N LYS H 21 -10.02 -58.78 22.98
CA LYS H 21 -9.19 -57.81 22.29
C LYS H 21 -8.66 -56.76 23.25
N ILE H 22 -7.49 -56.22 22.93
CA ILE H 22 -6.90 -55.17 23.73
C ILE H 22 -7.01 -53.86 22.94
N ARG H 23 -7.40 -52.81 23.65
CA ARG H 23 -7.57 -51.49 23.05
C ARG H 23 -6.67 -50.47 23.71
N ILE H 24 -5.98 -49.67 22.92
CA ILE H 24 -5.15 -48.61 23.48
C ILE H 24 -6.05 -47.43 23.80
N LYS H 25 -5.77 -46.77 24.92
CA LYS H 25 -6.54 -45.61 25.34
C LYS H 25 -5.49 -44.51 25.28
N PRO H 26 -5.33 -43.88 24.11
CA PRO H 26 -4.33 -42.81 23.94
C PRO H 26 -4.30 -41.69 24.99
N PHE H 27 -5.46 -41.29 25.49
CA PHE H 27 -5.53 -40.23 26.48
C PHE H 27 -4.94 -40.63 27.82
N ASN H 28 -5.20 -41.84 28.25
CA ASN H 28 -4.67 -42.34 29.50
C ASN H 28 -3.15 -42.38 29.44
N ALA H 29 -2.61 -42.76 28.29
CA ALA H 29 -1.17 -42.79 28.15
C ALA H 29 -0.64 -41.38 28.31
N LEU H 30 -1.38 -40.41 27.76
CA LEU H 30 -1.00 -39.01 27.85
C LEU H 30 -1.06 -38.58 29.32
N ILE H 31 -2.26 -38.66 29.90
CA ILE H 31 -2.46 -38.27 31.28
C ILE H 31 -1.42 -38.93 32.19
N GLU H 32 -1.23 -40.23 31.99
CA GLU H 32 -0.30 -41.00 32.81
C GLU H 32 1.19 -40.70 32.68
N LEU H 33 1.65 -40.35 31.48
CA LEU H 33 3.07 -40.09 31.29
C LEU H 33 3.40 -38.63 31.59
N TYR H 34 2.35 -37.80 31.59
CA TYR H 34 2.46 -36.37 31.83
C TYR H 34 1.35 -35.85 32.78
N HIS H 35 1.16 -36.53 33.91
CA HIS H 35 0.11 -36.11 34.85
C HIS H 35 0.59 -34.92 35.70
N HIS H 36 1.92 -34.78 35.78
CA HIS H 36 2.56 -33.71 36.54
C HIS H 36 2.93 -32.53 35.62
N GLN H 37 4.03 -32.71 34.88
CA GLN H 37 4.56 -31.71 33.95
C GLN H 37 4.33 -32.07 32.48
N THR H 38 3.82 -31.10 31.72
CA THR H 38 3.55 -31.26 30.28
C THR H 38 4.78 -31.67 29.44
N PRO H 39 4.55 -32.41 28.34
CA PRO H 39 5.62 -32.88 27.46
C PRO H 39 6.41 -31.72 26.94
N THR H 40 7.61 -32.00 26.46
CA THR H 40 8.45 -30.95 25.93
C THR H 40 9.60 -31.47 25.10
N GLY H 41 10.25 -30.55 24.38
CA GLY H 41 11.40 -30.97 23.60
C GLY H 41 11.07 -31.55 22.25
N SER H 42 11.68 -32.70 21.94
CA SER H 42 11.44 -33.34 20.65
C SER H 42 10.10 -34.05 20.64
N ILE H 43 9.27 -33.69 19.68
CA ILE H 43 7.94 -34.26 19.56
C ILE H 43 8.00 -35.73 19.20
N LYS H 44 8.63 -36.02 18.07
CA LYS H 44 8.71 -37.37 17.53
C LYS H 44 9.08 -38.38 18.61
N GLU H 45 9.89 -37.95 19.56
CA GLU H 45 10.29 -38.82 20.63
C GLU H 45 9.24 -38.92 21.73
N ASN H 46 8.60 -37.82 22.10
CA ASN H 46 7.53 -37.89 23.08
C ASN H 46 6.54 -38.93 22.56
N LEU H 47 6.52 -39.11 21.23
CA LEU H 47 5.64 -40.08 20.58
C LEU H 47 6.15 -41.50 20.78
N ASP H 48 7.46 -41.68 20.74
CA ASP H 48 8.06 -42.99 20.95
C ASP H 48 7.97 -43.30 22.43
N LYS H 49 8.21 -42.28 23.26
CA LYS H 49 8.12 -42.44 24.70
C LYS H 49 6.73 -42.91 25.09
N LEU H 50 5.72 -42.32 24.46
CA LEU H 50 4.35 -42.72 24.70
C LEU H 50 4.09 -44.12 24.16
N GLU H 51 4.69 -44.43 23.01
CA GLU H 51 4.49 -45.73 22.40
C GLU H 51 5.17 -46.85 23.16
N ASN H 52 6.41 -46.64 23.55
CA ASN H 52 7.12 -47.66 24.31
C ASN H 52 6.43 -47.83 25.65
N TYR H 53 5.90 -46.75 26.21
CA TYR H 53 5.22 -46.82 27.48
C TYR H 53 4.03 -47.77 27.32
N VAL H 54 3.26 -47.59 26.25
CA VAL H 54 2.12 -48.46 26.02
C VAL H 54 2.60 -49.90 25.84
N LYS H 55 3.74 -50.07 25.20
CA LYS H 55 4.29 -51.40 24.95
C LYS H 55 4.80 -52.06 26.22
N ASP H 56 5.36 -51.27 27.13
CA ASP H 56 5.87 -51.81 28.39
C ASP H 56 4.67 -52.13 29.27
N VAL H 57 3.67 -51.26 29.27
CA VAL H 57 2.49 -51.50 30.08
C VAL H 57 1.82 -52.79 29.65
N VAL H 58 1.68 -52.96 28.35
CA VAL H 58 1.03 -54.16 27.83
C VAL H 58 1.90 -55.39 28.07
N LYS H 59 3.21 -55.21 27.98
CA LYS H 59 4.16 -56.29 28.20
C LYS H 59 4.01 -56.75 29.64
N ALA H 60 3.90 -55.78 30.54
CA ALA H 60 3.76 -56.04 31.96
C ALA H 60 2.41 -56.64 32.31
N LYS H 61 1.36 -56.23 31.59
CA LYS H 61 0.03 -56.76 31.85
C LYS H 61 -0.11 -58.16 31.27
N GLY H 62 0.91 -58.58 30.53
CA GLY H 62 0.91 -59.90 29.92
C GLY H 62 0.01 -59.96 28.71
N LEU H 63 -0.30 -58.80 28.14
CA LEU H 63 -1.16 -58.72 26.98
C LEU H 63 -0.36 -58.62 25.69
N ALA H 64 -1.07 -58.78 24.57
CA ALA H 64 -0.47 -58.74 23.24
C ALA H 64 -0.20 -57.33 22.76
N ILE H 65 1.03 -57.12 22.28
CA ILE H 65 1.43 -55.83 21.73
C ILE H 65 0.42 -55.39 20.67
N PRO H 66 0.01 -54.13 20.70
CA PRO H 66 -0.97 -53.62 19.73
C PRO H 66 -0.42 -53.60 18.32
N THR H 67 -1.32 -53.77 17.36
CA THR H 67 -0.97 -53.76 15.93
C THR H 67 -0.54 -52.36 15.50
N SER H 68 0.14 -52.27 14.36
CA SER H 68 0.56 -50.98 13.86
C SER H 68 -0.67 -50.12 13.70
N GLY H 69 -1.74 -50.72 13.22
CA GLY H 69 -2.99 -50.00 13.03
C GLY H 69 -3.39 -49.25 14.27
N ALA H 70 -3.21 -49.88 15.43
CA ALA H 70 -3.55 -49.26 16.70
C ALA H 70 -2.59 -48.11 16.97
N PHE H 71 -1.29 -48.37 16.79
CA PHE H 71 -0.29 -47.34 17.03
C PHE H 71 -0.35 -46.17 16.06
N SER H 72 -0.73 -46.44 14.82
CA SER H 72 -0.85 -45.39 13.82
C SER H 72 -1.97 -44.47 14.27
N ASN H 73 -3.09 -45.06 14.66
CA ASN H 73 -4.24 -44.30 15.10
C ASN H 73 -3.86 -43.51 16.35
N THR H 74 -3.37 -44.21 17.36
CA THR H 74 -3.00 -43.59 18.62
C THR H 74 -2.00 -42.45 18.44
N ARG H 75 -0.89 -42.71 17.74
CA ARG H 75 0.12 -41.69 17.51
C ARG H 75 -0.52 -40.46 16.89
N GLY H 76 -1.53 -40.70 16.06
CA GLY H 76 -2.23 -39.62 15.43
C GLY H 76 -2.85 -38.74 16.51
N THR H 77 -3.59 -39.35 17.43
CA THR H 77 -4.23 -38.63 18.52
C THR H 77 -3.20 -37.91 19.38
N TRP H 78 -2.19 -38.63 19.83
CA TRP H 78 -1.18 -38.01 20.68
C TRP H 78 -0.67 -36.74 20.04
N PHE H 79 -0.23 -36.82 18.80
CA PHE H 79 0.30 -35.67 18.08
C PHE H 79 -0.69 -34.51 18.11
N GLU H 80 -1.95 -34.79 17.82
CA GLU H 80 -3.00 -33.78 17.78
C GLU H 80 -3.20 -33.09 19.12
N VAL H 81 -3.31 -33.88 20.19
CA VAL H 81 -3.53 -33.33 21.51
C VAL H 81 -2.34 -32.48 21.95
N MET H 82 -1.11 -32.99 21.77
CA MET H 82 0.07 -32.23 22.15
C MET H 82 0.06 -30.88 21.45
N ILE H 83 -0.31 -30.87 20.18
CA ILE H 83 -0.36 -29.63 19.45
C ILE H 83 -1.54 -28.79 19.91
N ALA H 84 -2.66 -29.42 20.24
CA ALA H 84 -3.83 -28.71 20.72
C ALA H 84 -3.52 -27.98 22.04
N ILE H 85 -2.89 -28.68 22.98
CA ILE H 85 -2.54 -28.07 24.27
C ILE H 85 -1.50 -26.97 24.04
N GLN H 86 -0.44 -27.30 23.32
CA GLN H 86 0.62 -26.35 23.01
C GLN H 86 0.01 -25.05 22.41
N SER H 87 -1.00 -25.21 21.57
CA SER H 87 -1.65 -24.07 20.95
C SER H 87 -2.47 -23.31 21.99
N TRP H 88 -3.10 -24.04 22.89
CA TRP H 88 -3.90 -23.42 23.93
C TRP H 88 -3.00 -22.44 24.69
N ASN H 89 -1.85 -22.96 25.14
CA ASN H 89 -0.89 -22.16 25.88
C ASN H 89 -0.24 -21.09 25.02
N TYR H 90 0.00 -21.41 23.75
CA TYR H 90 0.64 -20.46 22.85
C TYR H 90 -0.06 -19.09 22.85
N ARG H 91 -1.37 -19.08 22.70
CA ARG H 91 -2.12 -17.82 22.66
C ARG H 91 -2.16 -17.14 24.01
N VAL H 92 -1.92 -17.91 25.07
CA VAL H 92 -1.91 -17.34 26.42
C VAL H 92 -0.62 -16.51 26.62
N LYS H 93 0.54 -17.15 26.44
CA LYS H 93 1.83 -16.49 26.59
C LYS H 93 2.13 -15.46 25.50
N ARG H 94 1.39 -15.53 24.39
CA ARG H 94 1.57 -14.59 23.30
C ARG H 94 0.52 -13.50 23.46
N GLU H 95 -0.37 -13.73 24.41
CA GLU H 95 -1.46 -12.83 24.75
C GLU H 95 -2.37 -12.43 23.60
N LEU H 96 -2.66 -13.36 22.70
CA LEU H 96 -3.55 -13.09 21.56
C LEU H 96 -4.96 -13.31 22.06
N ASN H 97 -5.61 -12.24 22.51
CA ASN H 97 -6.95 -12.35 23.06
C ASN H 97 -8.12 -12.13 22.08
N ASP H 98 -7.82 -12.16 20.79
CA ASP H 98 -8.86 -12.06 19.78
C ASP H 98 -8.67 -13.23 18.81
N TYR H 99 -7.86 -14.19 19.24
CA TYR H 99 -7.54 -15.37 18.45
C TYR H 99 -7.86 -16.68 19.17
N LEU H 100 -8.30 -17.66 18.41
CA LEU H 100 -8.58 -18.98 18.96
C LEU H 100 -7.98 -20.00 18.02
N ILE H 101 -7.31 -20.98 18.59
CA ILE H 101 -6.70 -22.05 17.83
C ILE H 101 -7.42 -23.29 18.34
N ILE H 102 -8.34 -23.81 17.54
CA ILE H 102 -9.19 -24.93 17.92
C ILE H 102 -8.89 -26.28 17.29
N LYS H 103 -8.81 -27.31 18.13
CA LYS H 103 -8.60 -28.68 17.65
C LYS H 103 -10.01 -29.18 17.34
N MET H 104 -10.26 -29.44 16.05
CA MET H 104 -11.56 -29.88 15.58
C MET H 104 -11.82 -31.37 15.65
N PRO H 105 -13.11 -31.75 15.84
CA PRO H 105 -13.54 -33.14 15.92
C PRO H 105 -13.84 -33.57 14.47
N ASN H 106 -14.28 -34.81 14.25
CA ASN H 106 -14.54 -35.22 12.88
C ASN H 106 -15.76 -34.48 12.35
N VAL H 107 -15.87 -34.42 11.02
CA VAL H 107 -16.94 -33.70 10.35
C VAL H 107 -18.32 -34.17 10.73
N LYS H 108 -18.40 -35.40 11.22
CA LYS H 108 -19.68 -35.95 11.61
C LYS H 108 -20.05 -35.41 12.98
N THR H 109 -19.15 -35.56 13.95
CA THR H 109 -19.37 -35.05 15.30
C THR H 109 -19.78 -33.59 15.26
N PHE H 110 -19.02 -32.79 14.51
CA PHE H 110 -19.28 -31.37 14.37
C PHE H 110 -18.77 -30.83 13.03
N ASP H 111 -19.64 -30.76 12.05
CA ASP H 111 -19.25 -30.26 10.74
C ASP H 111 -18.73 -28.83 10.97
N PHE H 112 -17.48 -28.58 10.61
CA PHE H 112 -16.90 -27.26 10.83
C PHE H 112 -17.72 -26.09 10.27
N ARG H 113 -18.64 -26.37 9.35
CA ARG H 113 -19.47 -25.32 8.79
C ARG H 113 -20.36 -24.74 9.87
N LYS H 114 -20.51 -25.47 10.97
CA LYS H 114 -21.37 -25.08 12.07
C LYS H 114 -20.81 -23.91 12.88
N ILE H 115 -19.53 -23.62 12.70
CA ILE H 115 -18.90 -22.51 13.43
C ILE H 115 -19.43 -21.15 12.96
N PHE H 116 -20.06 -21.13 11.79
CA PHE H 116 -20.54 -19.88 11.22
C PHE H 116 -21.87 -19.37 11.71
N ASP H 117 -22.02 -18.06 11.64
CA ASP H 117 -23.25 -17.39 12.06
C ASP H 117 -24.35 -17.79 11.08
N ASN H 118 -25.58 -17.35 11.37
CA ASN H 118 -26.72 -17.69 10.55
C ASN H 118 -26.58 -17.24 9.12
N GLU H 119 -26.20 -16.00 8.92
CA GLU H 119 -26.07 -15.49 7.58
C GLU H 119 -25.09 -16.24 6.69
N THR H 120 -23.92 -16.55 7.23
CA THR H 120 -22.89 -17.26 6.48
C THR H 120 -23.33 -18.69 6.15
N ARG H 121 -23.90 -19.38 7.13
CA ARG H 121 -24.38 -20.74 6.89
C ARG H 121 -25.43 -20.67 5.78
N GLU H 122 -26.17 -19.57 5.72
CA GLU H 122 -27.22 -19.38 4.72
C GLU H 122 -26.69 -19.29 3.29
N LYS H 123 -25.50 -18.74 3.13
CA LYS H 123 -24.86 -18.62 1.83
C LYS H 123 -24.34 -19.99 1.43
N LEU H 124 -23.74 -20.69 2.38
CA LEU H 124 -23.22 -22.04 2.14
C LEU H 124 -24.32 -22.99 1.71
N HIS H 125 -25.50 -22.86 2.32
CA HIS H 125 -26.64 -23.70 1.97
C HIS H 125 -27.02 -23.41 0.52
N GLN H 126 -27.10 -22.12 0.18
CA GLN H 126 -27.43 -21.70 -1.17
C GLN H 126 -26.55 -22.40 -2.18
N LEU H 127 -25.25 -22.41 -1.91
CA LEU H 127 -24.29 -23.04 -2.81
C LEU H 127 -24.45 -24.54 -2.86
N GLU H 128 -24.44 -25.20 -1.71
CA GLU H 128 -24.59 -26.63 -1.72
C GLU H 128 -25.91 -27.03 -2.39
N LYS H 129 -27.03 -26.47 -1.94
CA LYS H 129 -28.33 -26.81 -2.52
C LYS H 129 -28.27 -26.69 -4.03
N SER H 130 -27.57 -25.67 -4.49
CA SER H 130 -27.42 -25.44 -5.90
C SER H 130 -26.65 -26.57 -6.59
N LEU H 131 -25.50 -26.93 -6.02
CA LEU H 131 -24.66 -27.98 -6.56
C LEU H 131 -25.36 -29.33 -6.65
N LEU H 132 -26.36 -29.55 -5.80
CA LEU H 132 -27.10 -30.81 -5.80
C LEU H 132 -28.24 -30.76 -6.80
N THR H 133 -28.55 -29.56 -7.26
CA THR H 133 -29.61 -29.35 -8.22
C THR H 133 -29.12 -29.48 -9.66
N HIS H 134 -28.58 -30.65 -9.99
CA HIS H 134 -28.07 -30.96 -11.34
C HIS H 134 -28.24 -32.47 -11.55
N LYS H 135 -28.25 -32.95 -12.79
CA LYS H 135 -28.38 -34.40 -13.04
C LYS H 135 -27.25 -35.08 -12.29
N GLN H 136 -26.03 -34.75 -12.66
CA GLN H 136 -24.86 -35.27 -11.99
C GLN H 136 -24.70 -34.38 -10.76
N GLN H 137 -25.19 -34.85 -9.62
CA GLN H 137 -25.10 -34.11 -8.38
C GLN H 137 -23.66 -33.91 -7.92
N VAL H 138 -23.39 -32.71 -7.44
CA VAL H 138 -22.07 -32.35 -6.97
C VAL H 138 -22.09 -31.86 -5.53
N ARG H 139 -21.01 -32.11 -4.82
CA ARG H 139 -20.87 -31.70 -3.43
C ARG H 139 -19.49 -31.09 -3.20
N LEU H 140 -19.26 -30.61 -1.99
CA LEU H 140 -17.97 -30.02 -1.60
C LEU H 140 -17.60 -30.63 -0.24
N ILE H 141 -17.11 -31.86 -0.27
CA ILE H 141 -16.78 -32.55 0.94
C ILE H 141 -15.30 -32.71 1.24
N THR H 142 -14.97 -32.53 2.52
CA THR H 142 -13.62 -32.68 3.03
C THR H 142 -13.74 -32.90 4.52
N SER H 143 -12.79 -33.65 5.07
CA SER H 143 -12.78 -33.88 6.50
C SER H 143 -12.51 -32.54 7.21
N ASN H 144 -13.00 -32.40 8.43
CA ASN H 144 -12.78 -31.17 9.17
C ASN H 144 -11.28 -30.96 9.24
N PRO H 145 -10.83 -29.68 9.16
CA PRO H 145 -9.38 -29.46 9.25
C PRO H 145 -8.98 -29.79 10.70
N ASP H 146 -7.80 -30.37 10.89
CA ASP H 146 -7.38 -30.72 12.24
C ASP H 146 -7.40 -29.53 13.20
N LEU H 147 -6.90 -28.39 12.73
CA LEU H 147 -6.84 -27.17 13.53
C LEU H 147 -7.46 -26.00 12.81
N LEU H 148 -8.25 -25.21 13.54
CA LEU H 148 -8.85 -24.02 12.96
C LEU H 148 -8.37 -22.82 13.74
N ILE H 149 -8.04 -21.75 13.04
CA ILE H 149 -7.59 -20.53 13.68
C ILE H 149 -8.61 -19.44 13.35
N ILE H 150 -9.31 -18.99 14.38
CA ILE H 150 -10.32 -17.96 14.25
C ILE H 150 -9.85 -16.65 14.89
N ARG H 151 -10.26 -15.53 14.30
CA ARG H 151 -9.92 -14.22 14.85
C ARG H 151 -11.19 -13.41 14.99
N GLN H 152 -11.79 -13.46 16.17
CA GLN H 152 -13.01 -12.72 16.46
C GLN H 152 -13.03 -12.47 17.96
N LYS H 153 -12.74 -11.23 18.34
CA LYS H 153 -12.67 -10.82 19.73
C LYS H 153 -13.80 -11.28 20.65
N ASP H 154 -15.04 -11.06 20.22
CA ASP H 154 -16.18 -11.43 21.05
C ASP H 154 -16.39 -12.93 21.33
N LEU H 155 -15.44 -13.77 20.92
CA LEU H 155 -15.55 -15.20 21.15
C LEU H 155 -14.64 -15.66 22.27
N ILE H 156 -13.70 -14.80 22.67
CA ILE H 156 -12.77 -15.15 23.73
C ILE H 156 -13.39 -15.00 25.11
N LYS H 157 -13.37 -16.09 25.88
CA LYS H 157 -13.89 -16.12 27.23
C LYS H 157 -12.68 -16.13 28.15
N SER H 158 -12.75 -15.39 29.26
CA SER H 158 -11.64 -15.30 30.19
C SER H 158 -11.02 -16.64 30.60
N GLU H 159 -11.82 -17.70 30.57
CA GLU H 159 -11.29 -19.00 30.96
C GLU H 159 -10.23 -19.51 29.99
N TYR H 160 -10.35 -19.11 28.73
CA TYR H 160 -9.37 -19.53 27.73
C TYR H 160 -7.99 -19.02 28.08
N ASN H 161 -7.91 -18.06 28.98
CA ASN H 161 -6.61 -17.50 29.34
C ASN H 161 -5.88 -18.24 30.45
N LEU H 162 -6.49 -19.29 30.95
CA LEU H 162 -5.87 -20.10 32.00
C LEU H 162 -5.06 -21.19 31.31
N PRO H 163 -3.74 -21.06 31.28
CA PRO H 163 -2.87 -22.05 30.63
C PRO H 163 -3.04 -23.45 31.20
N ILE H 164 -2.82 -24.45 30.35
CA ILE H 164 -2.92 -25.84 30.75
C ILE H 164 -1.49 -26.29 31.05
N ASN H 165 -1.18 -26.50 32.33
CA ASN H 165 0.16 -26.87 32.75
C ASN H 165 0.39 -28.35 33.02
N LYS H 166 -0.66 -29.16 32.86
CA LYS H 166 -0.57 -30.59 33.10
C LYS H 166 -1.71 -31.24 32.33
N LEU H 167 -1.51 -32.47 31.88
CA LEU H 167 -2.55 -33.14 31.14
C LEU H 167 -3.48 -33.92 32.06
N THR H 168 -4.74 -33.50 32.10
CA THR H 168 -5.71 -34.15 32.95
C THR H 168 -6.98 -34.33 32.16
N HIS H 169 -7.80 -35.31 32.55
CA HIS H 169 -9.06 -35.58 31.88
C HIS H 169 -9.71 -34.24 31.66
N GLU H 170 -9.72 -33.48 32.74
CA GLU H 170 -10.31 -32.17 32.75
C GLU H 170 -9.69 -31.28 31.67
N ASN H 171 -8.38 -31.06 31.75
CA ASN H 171 -7.73 -30.18 30.77
C ASN H 171 -7.85 -30.61 29.29
N ILE H 172 -7.67 -31.89 29.03
CA ILE H 172 -7.80 -32.35 27.66
C ILE H 172 -9.19 -32.04 27.12
N ASP H 173 -10.23 -32.33 27.90
CA ASP H 173 -11.59 -32.09 27.42
C ASP H 173 -11.93 -30.64 27.17
N VAL H 174 -11.38 -29.74 27.97
CA VAL H 174 -11.69 -28.34 27.73
C VAL H 174 -11.05 -27.96 26.41
N ALA H 175 -9.87 -28.50 26.14
CA ALA H 175 -9.16 -28.22 24.91
C ALA H 175 -9.90 -28.82 23.73
N LEU H 176 -10.34 -30.07 23.86
CA LEU H 176 -11.09 -30.77 22.80
C LEU H 176 -12.58 -30.44 22.65
N THR H 177 -13.12 -29.58 23.51
CA THR H 177 -14.52 -29.20 23.38
C THR H 177 -14.65 -27.71 23.16
N LEU H 178 -13.50 -27.06 23.08
CA LEU H 178 -13.44 -25.63 22.86
C LEU H 178 -14.27 -25.27 21.64
N PHE H 179 -14.29 -26.18 20.67
CA PHE H 179 -15.04 -25.97 19.44
C PHE H 179 -16.53 -25.72 19.67
N LYS H 180 -17.08 -26.34 20.71
CA LYS H 180 -18.49 -26.18 21.00
C LYS H 180 -18.88 -24.73 21.31
N ASP H 181 -18.03 -24.04 22.05
CA ASP H 181 -18.27 -22.67 22.44
C ASP H 181 -18.52 -21.70 21.27
N ILE H 182 -17.81 -21.88 20.17
CA ILE H 182 -17.97 -20.97 19.03
C ILE H 182 -19.03 -21.34 17.99
N GLU H 183 -19.73 -22.46 18.19
CA GLU H 183 -20.74 -22.87 17.23
C GLU H 183 -21.77 -21.81 16.87
N GLY H 184 -21.89 -21.54 15.57
CA GLY H 184 -22.83 -20.56 15.06
C GLY H 184 -22.54 -19.10 15.37
N LYS H 185 -21.32 -18.80 15.82
CA LYS H 185 -20.95 -17.43 16.21
C LYS H 185 -19.91 -16.71 15.36
N CYS H 186 -19.19 -17.47 14.54
CA CYS H 186 -18.14 -16.90 13.72
C CYS H 186 -18.60 -16.20 12.45
N LYS H 187 -18.05 -15.01 12.21
CA LYS H 187 -18.31 -14.29 10.98
C LYS H 187 -17.40 -14.91 9.94
N TRP H 188 -17.93 -15.15 8.74
CA TRP H 188 -17.15 -15.82 7.74
C TRP H 188 -15.67 -15.42 7.65
N ASP H 189 -15.36 -14.13 7.68
CA ASP H 189 -13.97 -13.73 7.57
C ASP H 189 -13.21 -13.76 8.88
N SER H 190 -13.80 -14.37 9.91
CA SER H 190 -13.13 -14.48 11.21
C SER H 190 -12.22 -15.68 11.13
N LEU H 191 -12.53 -16.54 10.17
CA LEU H 191 -11.76 -17.74 9.94
C LEU H 191 -10.54 -17.28 9.15
N VAL H 192 -9.35 -17.48 9.70
CA VAL H 192 -8.17 -17.02 9.00
C VAL H 192 -7.24 -18.09 8.47
N ALA H 193 -7.26 -19.27 9.10
CA ALA H 193 -6.39 -20.36 8.65
C ALA H 193 -6.75 -21.72 9.22
N GLY H 194 -6.34 -22.76 8.50
CA GLY H 194 -6.56 -24.12 8.95
C GLY H 194 -5.22 -24.82 8.93
N VAL H 195 -5.10 -25.89 9.69
CA VAL H 195 -3.84 -26.62 9.72
C VAL H 195 -4.10 -28.13 9.76
N GLY H 196 -3.45 -28.84 8.83
CA GLY H 196 -3.58 -30.28 8.78
C GLY H 196 -2.38 -30.83 9.51
N LEU H 197 -2.62 -31.69 10.50
CA LEU H 197 -1.53 -32.27 11.27
C LEU H 197 -1.33 -33.73 10.90
N LYS H 198 -0.07 -34.12 10.73
CA LYS H 198 0.31 -35.48 10.36
C LYS H 198 1.66 -35.82 10.97
N THR H 199 1.71 -36.91 11.72
CA THR H 199 2.96 -37.30 12.33
C THR H 199 3.97 -37.61 11.25
N SER H 200 3.49 -38.08 10.09
CA SER H 200 4.37 -38.41 8.97
C SER H 200 3.65 -38.25 7.65
N LEU H 201 4.42 -38.10 6.58
CA LEU H 201 3.82 -37.93 5.27
C LEU H 201 4.13 -39.13 4.39
N ARG H 202 3.38 -39.23 3.30
CA ARG H 202 3.57 -40.30 2.32
C ARG H 202 3.18 -39.68 1.00
N PRO H 203 3.79 -40.13 -0.10
CA PRO H 203 3.45 -39.57 -1.40
C PRO H 203 1.95 -39.52 -1.65
N ASP H 204 1.19 -40.41 -1.03
CA ASP H 204 -0.25 -40.38 -1.28
C ASP H 204 -1.00 -39.57 -0.25
N ARG H 205 -0.70 -39.81 1.03
CA ARG H 205 -1.39 -39.10 2.10
C ARG H 205 -1.18 -37.59 2.09
N ARG H 206 0.01 -37.15 1.68
CA ARG H 206 0.28 -35.71 1.66
C ARG H 206 -0.66 -35.00 0.72
N LEU H 207 -1.19 -35.71 -0.27
CA LEU H 207 -2.11 -35.09 -1.21
C LEU H 207 -3.46 -34.82 -0.57
N GLN H 208 -3.70 -35.42 0.58
CA GLN H 208 -4.96 -35.22 1.29
C GLN H 208 -4.95 -33.78 1.82
N LEU H 209 -3.77 -33.27 2.12
CA LEU H 209 -3.63 -31.89 2.58
C LEU H 209 -4.02 -30.96 1.44
N VAL H 210 -3.53 -31.26 0.23
CA VAL H 210 -3.84 -30.42 -0.93
C VAL H 210 -5.35 -30.40 -1.17
N HIS H 211 -5.97 -31.55 -1.03
CA HIS H 211 -7.41 -31.62 -1.24
C HIS H 211 -8.08 -30.76 -0.18
N GLU H 212 -7.69 -30.96 1.07
CA GLU H 212 -8.21 -30.20 2.20
C GLU H 212 -8.18 -28.70 1.92
N GLY H 213 -6.98 -28.19 1.69
CA GLY H 213 -6.82 -26.78 1.43
C GLY H 213 -7.61 -26.33 0.22
N ASN H 214 -7.64 -27.17 -0.80
CA ASN H 214 -8.36 -26.83 -2.01
C ASN H 214 -9.84 -26.68 -1.76
N ILE H 215 -10.48 -27.67 -1.13
CA ILE H 215 -11.92 -27.55 -0.89
C ILE H 215 -12.25 -26.44 0.13
N LEU H 216 -11.39 -26.27 1.12
CA LEU H 216 -11.61 -25.23 2.10
C LEU H 216 -11.51 -23.87 1.39
N LYS H 217 -10.45 -23.66 0.63
CA LYS H 217 -10.25 -22.39 -0.06
C LYS H 217 -11.31 -22.15 -1.13
N SER H 218 -11.93 -23.21 -1.63
CA SER H 218 -12.96 -23.07 -2.65
C SER H 218 -14.21 -22.54 -1.97
N LEU H 219 -14.50 -23.05 -0.77
CA LEU H 219 -15.65 -22.60 -0.02
C LEU H 219 -15.45 -21.13 0.32
N PHE H 220 -14.30 -20.82 0.90
CA PHE H 220 -13.98 -19.45 1.30
C PHE H 220 -14.05 -18.51 0.11
N ALA H 221 -13.62 -18.99 -1.04
CA ALA H 221 -13.64 -18.17 -2.23
C ALA H 221 -15.07 -17.80 -2.55
N HIS H 222 -16.00 -18.70 -2.28
CA HIS H 222 -17.39 -18.39 -2.56
C HIS H 222 -17.98 -17.42 -1.57
N LEU H 223 -17.47 -17.42 -0.34
CA LEU H 223 -17.97 -16.48 0.66
C LEU H 223 -17.47 -15.09 0.29
N LYS H 224 -16.24 -15.01 -0.17
CA LYS H 224 -15.66 -13.76 -0.61
C LYS H 224 -16.49 -13.14 -1.73
N MET H 225 -16.92 -13.93 -2.70
CA MET H 225 -17.73 -13.35 -3.76
C MET H 225 -19.10 -13.01 -3.14
N ALA H 226 -19.67 -13.93 -2.36
CA ALA H 226 -20.97 -13.69 -1.73
C ALA H 226 -21.02 -12.31 -1.07
N TYR H 227 -19.99 -12.01 -0.29
CA TYR H 227 -19.88 -10.75 0.40
C TYR H 227 -19.01 -9.80 -0.40
N TRP H 228 -18.79 -10.13 -1.66
CA TRP H 228 -17.95 -9.34 -2.56
C TRP H 228 -16.86 -8.59 -1.80
N ASN H 229 -16.01 -9.35 -1.12
CA ASN H 229 -14.90 -8.80 -0.33
C ASN H 229 -13.57 -9.44 -0.75
N PRO H 230 -12.83 -8.79 -1.65
CA PRO H 230 -11.54 -9.31 -2.13
C PRO H 230 -10.40 -9.27 -1.11
N LYS H 231 -10.63 -8.57 -0.01
CA LYS H 231 -9.63 -8.43 1.07
C LYS H 231 -9.50 -9.66 1.97
N ALA H 232 -10.62 -10.31 2.27
CA ALA H 232 -10.62 -11.48 3.15
C ALA H 232 -9.73 -12.56 2.59
N GLU H 233 -9.09 -13.30 3.48
CA GLU H 233 -8.22 -14.37 3.06
C GLU H 233 -8.12 -15.51 4.04
N PHE H 234 -8.03 -16.71 3.48
CA PHE H 234 -7.93 -17.92 4.28
C PHE H 234 -6.71 -18.69 3.82
N LYS H 235 -5.88 -19.11 4.75
CA LYS H 235 -4.69 -19.85 4.39
C LYS H 235 -4.74 -21.20 5.03
N TYR H 236 -4.18 -22.19 4.35
CA TYR H 236 -4.17 -23.54 4.88
C TYR H 236 -2.74 -24.00 4.99
N TYR H 237 -2.40 -24.66 6.08
CA TYR H 237 -1.03 -25.11 6.29
C TYR H 237 -0.96 -26.57 6.69
N GLY H 238 0.21 -27.16 6.48
CA GLY H 238 0.40 -28.53 6.86
C GLY H 238 1.53 -28.61 7.86
N ALA H 239 1.45 -29.53 8.81
CA ALA H 239 2.51 -29.69 9.80
C ALA H 239 2.84 -31.16 10.01
N SER H 240 4.12 -31.49 9.90
CA SER H 240 4.60 -32.86 10.08
C SER H 240 5.57 -32.92 11.24
N SER H 241 5.59 -34.04 11.95
CA SER H 241 6.50 -34.20 13.08
C SER H 241 7.86 -34.70 12.60
N GLU H 242 7.95 -34.97 11.29
CA GLU H 242 9.18 -35.46 10.70
C GLU H 242 9.66 -34.55 9.60
N PRO H 243 10.89 -34.80 9.10
CA PRO H 243 11.49 -34.02 8.03
C PRO H 243 10.65 -34.04 6.77
N VAL H 244 10.55 -32.90 6.12
CA VAL H 244 9.78 -32.77 4.90
C VAL H 244 10.73 -32.76 3.71
N SER H 245 10.65 -33.80 2.88
CA SER H 245 11.52 -33.91 1.73
C SER H 245 11.16 -32.90 0.66
N LYS H 246 12.03 -32.74 -0.33
CA LYS H 246 11.79 -31.83 -1.43
C LYS H 246 10.56 -32.29 -2.21
N ALA H 247 10.40 -33.61 -2.29
CA ALA H 247 9.24 -34.18 -2.97
C ALA H 247 8.00 -33.74 -2.25
N ASP H 248 8.03 -33.84 -0.92
CA ASP H 248 6.88 -33.46 -0.11
C ASP H 248 6.59 -32.01 -0.40
N ASP H 249 7.65 -31.20 -0.37
CA ASP H 249 7.53 -29.78 -0.63
C ASP H 249 6.85 -29.44 -1.96
N ASP H 250 7.39 -29.99 -3.04
CA ASP H 250 6.85 -29.72 -4.36
C ASP H 250 5.39 -30.12 -4.44
N ALA H 251 5.08 -31.30 -3.92
CA ALA H 251 3.71 -31.79 -3.93
C ALA H 251 2.78 -30.82 -3.24
N LEU H 252 3.23 -30.28 -2.11
CA LEU H 252 2.44 -29.34 -1.34
C LEU H 252 2.42 -27.92 -1.89
N GLN H 253 2.98 -27.73 -3.09
CA GLN H 253 2.99 -26.43 -3.76
C GLN H 253 1.89 -26.44 -4.81
N THR H 254 1.17 -27.55 -4.88
CA THR H 254 0.07 -27.70 -5.84
C THR H 254 -0.93 -26.57 -5.68
N ALA H 255 -1.13 -25.81 -6.76
CA ALA H 255 -2.02 -24.66 -6.74
C ALA H 255 -3.47 -25.05 -6.52
N ALA H 256 -4.33 -24.06 -6.37
CA ALA H 256 -5.76 -24.28 -6.21
C ALA H 256 -6.45 -24.26 -7.57
N THR H 257 -6.66 -25.43 -8.13
CA THR H 257 -7.25 -25.56 -9.46
C THR H 257 -8.20 -24.42 -9.80
N HIS H 258 -8.85 -23.85 -8.78
CA HIS H 258 -9.80 -22.78 -9.00
C HIS H 258 -9.15 -21.41 -9.07
N THR H 259 -7.84 -21.37 -8.81
CA THR H 259 -7.08 -20.11 -8.87
C THR H 259 -6.17 -20.00 -10.07
N ILE H 260 -6.14 -21.02 -10.93
CA ILE H 260 -5.30 -20.97 -12.11
C ILE H 260 -6.09 -21.15 -13.41
N VAL H 261 -7.39 -20.95 -13.34
CA VAL H 261 -8.22 -21.10 -14.51
C VAL H 261 -7.84 -20.08 -15.59
N ASN H 262 -7.64 -18.83 -15.18
CA ASN H 262 -7.30 -17.75 -16.11
C ASN H 262 -5.82 -17.39 -16.16
N VAL H 263 -5.39 -16.95 -17.33
CA VAL H 263 -4.00 -16.58 -17.53
C VAL H 263 -3.60 -15.37 -16.70
N ASN H 264 -4.57 -14.51 -16.40
CA ASN H 264 -4.29 -13.33 -15.59
C ASN H 264 -4.44 -13.68 -14.13
N SER H 265 -5.43 -14.53 -13.83
CA SER H 265 -5.71 -15.02 -12.47
C SER H 265 -4.42 -15.49 -11.79
N THR H 266 -4.15 -14.92 -10.63
CA THR H 266 -2.94 -15.22 -9.91
C THR H 266 -3.03 -16.52 -9.08
N PRO H 267 -2.15 -17.49 -9.40
CA PRO H 267 -2.06 -18.80 -8.75
C PRO H 267 -2.00 -18.79 -7.22
N GLU H 268 -2.68 -19.74 -6.61
CA GLU H 268 -2.69 -19.84 -5.16
C GLU H 268 -2.52 -21.32 -4.77
N ARG H 269 -1.70 -21.58 -3.76
CA ARG H 269 -1.46 -22.96 -3.33
C ARG H 269 -2.58 -23.48 -2.44
N ALA H 270 -2.88 -24.77 -2.57
CA ALA H 270 -3.91 -25.39 -1.76
C ALA H 270 -3.37 -25.32 -0.33
N VAL H 271 -2.11 -25.72 -0.18
CA VAL H 271 -1.44 -25.69 1.11
C VAL H 271 -0.39 -24.59 0.99
N ASP H 272 -0.61 -23.49 1.70
CA ASP H 272 0.30 -22.35 1.67
C ASP H 272 1.72 -22.65 2.13
N ASP H 273 1.85 -23.52 3.13
CA ASP H 273 3.18 -23.87 3.62
C ASP H 273 3.15 -25.16 4.42
N ILE H 274 4.28 -25.86 4.44
CA ILE H 274 4.39 -27.12 5.16
C ILE H 274 5.47 -26.93 6.22
N PHE H 275 5.17 -27.33 7.45
CA PHE H 275 6.10 -27.20 8.55
C PHE H 275 6.60 -28.53 9.08
N SER H 276 7.88 -28.58 9.39
CA SER H 276 8.48 -29.78 9.95
C SER H 276 8.69 -29.41 11.43
N LEU H 277 7.91 -30.01 12.30
CA LEU H 277 8.01 -29.68 13.72
C LEU H 277 8.84 -30.73 14.45
N THR H 278 10.08 -30.38 14.76
CA THR H 278 10.93 -31.32 15.47
C THR H 278 10.77 -31.23 16.99
N SER H 279 10.55 -30.01 17.49
CA SER H 279 10.38 -29.78 18.91
C SER H 279 9.12 -28.99 19.18
N PHE H 280 8.75 -28.89 20.45
CA PHE H 280 7.56 -28.13 20.80
C PHE H 280 7.75 -26.65 20.57
N GLU H 281 9.00 -26.20 20.52
CA GLU H 281 9.21 -24.79 20.30
C GLU H 281 8.91 -24.49 18.84
N ASP H 282 9.04 -25.50 17.99
CA ASP H 282 8.72 -25.31 16.57
C ASP H 282 7.23 -25.08 16.36
N ILE H 283 6.43 -25.65 17.25
CA ILE H 283 4.98 -25.47 17.18
C ILE H 283 4.70 -23.99 17.35
N ASP H 284 5.40 -23.36 18.31
CA ASP H 284 5.24 -21.94 18.59
C ASP H 284 5.68 -21.11 17.38
N LYS H 285 6.83 -21.48 16.80
CA LYS H 285 7.36 -20.77 15.65
C LYS H 285 6.41 -20.86 14.48
N MET H 286 5.85 -22.06 14.27
CA MET H 286 4.91 -22.25 13.19
C MET H 286 3.73 -21.30 13.40
N LEU H 287 3.14 -21.37 14.58
CA LEU H 287 2.00 -20.54 14.92
C LEU H 287 2.36 -19.07 14.75
N ASP H 288 3.60 -18.73 15.04
CA ASP H 288 4.01 -17.35 14.88
C ASP H 288 3.87 -16.93 13.42
N GLN H 289 4.37 -17.76 12.50
CA GLN H 289 4.30 -17.45 11.08
C GLN H 289 2.87 -17.47 10.55
N ILE H 290 2.07 -18.41 11.03
CA ILE H 290 0.70 -18.56 10.58
C ILE H 290 -0.13 -17.34 11.01
N ILE H 291 -0.11 -17.04 12.30
CA ILE H 291 -0.89 -15.94 12.87
C ILE H 291 -0.38 -14.55 12.66
N LYS H 292 0.86 -14.36 13.08
CA LYS H 292 1.51 -13.07 12.99
C LYS H 292 2.13 -12.90 11.61
#